data_4E4F
#
_entry.id   4E4F
#
_cell.length_a   204.278
_cell.length_b   86.338
_cell.length_c   114.463
_cell.angle_alpha   90.00
_cell.angle_beta   123.07
_cell.angle_gamma   90.00
#
_symmetry.space_group_name_H-M   'C 1 2 1'
#
loop_
_entity.id
_entity.type
_entity.pdbx_description
1 polymer 'MANNONATE DEHYDRATASE'
2 non-polymer GLYCEROL
3 non-polymer 'CHLORIDE ION'
4 non-polymer 'MAGNESIUM ION'
5 non-polymer 'FORMIC ACID'
6 water water
#
_entity_poly.entity_id   1
_entity_poly.type   'polypeptide(L)'
_entity_poly.pdbx_seq_one_letter_code
;MHHHHHHSSGVDLGTENLYFQSMKIVSAEVFVTCPGRNFVTLKITTDSGLTGLGDATLNGRELPVASYLNDHVCPQLIGR
DAHQIEDIWQYFYKGAYWRRGPVTMSAISAVDMALWDIKAKAANMPLYQLLGGASRTGVMVYCHTTGHSIDEVLDDYAKH
RDQGFKAIRVQCGVPGMETTYGMAKGKGLAYEPATKGSLPEEQLWSTEKYLDFTPKLFEAVRDKFGFNEHLLHDMHHRLT
PIEAARFGKSVEDYRLFWMEDPTPAENQACFRLIRQHTVTPIAVGEVFNSIWDCKQLIEEQLIDYIRTTITHAGGITGMR
RIADFASLYQVRTGSHGPSDLSPICMAAALHFDLWVPNFGVQEYMGYSEQMLEVFPHSWTFDNGYMHPGEKPGLGIEFDE
KLAAKYPYDPAYLPVARLEDGTLWNW
;
_entity_poly.pdbx_strand_id   A,B,C,D
#
# COMPACT_ATOMS: atom_id res chain seq x y z
N SER A 22 28.42 -5.68 44.68
CA SER A 22 27.65 -6.53 43.73
C SER A 22 26.54 -7.31 44.43
N MET A 23 25.34 -6.71 44.44
CA MET A 23 24.19 -7.25 45.15
C MET A 23 23.28 -8.07 44.23
N LYS A 24 23.40 -9.38 44.27
CA LYS A 24 22.64 -10.24 43.39
C LYS A 24 21.15 -10.30 43.74
N ILE A 25 20.36 -10.57 42.72
CA ILE A 25 18.91 -10.66 42.84
C ILE A 25 18.53 -12.04 43.36
N VAL A 26 17.74 -12.08 44.44
CA VAL A 26 17.33 -13.37 45.02
C VAL A 26 15.90 -13.70 44.64
N SER A 27 15.07 -12.67 44.47
CA SER A 27 13.69 -12.89 44.07
C SER A 27 13.21 -11.76 43.17
N ALA A 28 12.28 -12.09 42.28
CA ALA A 28 11.67 -11.13 41.41
C ALA A 28 10.20 -11.51 41.32
N GLU A 29 9.36 -10.86 42.13
CA GLU A 29 7.99 -11.29 42.30
C GLU A 29 7.00 -10.36 41.64
N VAL A 30 5.93 -10.94 41.15
CA VAL A 30 4.86 -10.21 40.47
C VAL A 30 3.59 -10.27 41.30
N PHE A 31 2.95 -9.12 41.53
CA PHE A 31 1.68 -9.04 42.24
C PHE A 31 0.60 -8.39 41.36
N VAL A 32 -0.62 -8.92 41.40
CA VAL A 32 -1.74 -8.34 40.69
C VAL A 32 -2.83 -7.94 41.69
N THR A 33 -3.01 -6.63 41.94
CA THR A 33 -4.04 -6.15 42.89
C THR A 33 -5.04 -5.16 42.25
N CYS A 34 -6.25 -5.05 42.81
CA CYS A 34 -7.28 -4.18 42.22
C CYS A 34 -7.99 -3.30 43.24
N PRO A 35 -7.23 -2.41 43.90
CA PRO A 35 -7.76 -1.46 44.88
C PRO A 35 -8.51 -0.31 44.23
N GLY A 36 -9.58 -0.61 43.52
CA GLY A 36 -10.32 0.40 42.77
C GLY A 36 -10.16 0.13 41.29
N ARG A 37 -8.95 -0.27 40.91
CA ARG A 37 -8.67 -0.67 39.54
C ARG A 37 -7.45 -1.58 39.57
N ASN A 38 -7.19 -2.25 38.47
CA ASN A 38 -6.10 -3.21 38.38
C ASN A 38 -4.72 -2.57 38.27
N PHE A 39 -3.78 -3.05 39.09
CA PHE A 39 -2.36 -2.72 38.97
C PHE A 39 -1.54 -4.00 38.94
N VAL A 40 -0.41 -3.96 38.23
CA VAL A 40 0.56 -5.06 38.28
C VAL A 40 1.87 -4.50 38.78
N THR A 41 2.43 -5.16 39.80
CA THR A 41 3.62 -4.66 40.48
C THR A 41 4.74 -5.69 40.48
N LEU A 42 5.96 -5.24 40.23
CA LEU A 42 7.13 -6.10 40.30
C LEU A 42 7.94 -5.75 41.54
N LYS A 43 8.36 -6.76 42.28
CA LYS A 43 9.22 -6.56 43.45
C LYS A 43 10.49 -7.36 43.30
N ILE A 44 11.61 -6.65 43.31
CA ILE A 44 12.90 -7.29 43.22
C ILE A 44 13.54 -7.18 44.59
N THR A 45 14.20 -8.26 45.01
CA THR A 45 14.89 -8.28 46.30
C THR A 45 16.31 -8.76 46.08
N THR A 46 17.27 -8.02 46.63
CA THR A 46 18.66 -8.43 46.51
C THR A 46 19.03 -9.31 47.71
N ASP A 47 20.20 -9.95 47.62
CA ASP A 47 20.68 -10.80 48.70
C ASP A 47 21.00 -9.98 49.95
N SER A 48 21.22 -8.68 49.76
CA SER A 48 21.48 -7.79 50.88
C SER A 48 20.17 -7.27 51.45
N GLY A 49 19.06 -7.75 50.90
CA GLY A 49 17.76 -7.36 51.42
C GLY A 49 17.18 -6.09 50.82
N LEU A 50 17.95 -5.38 50.01
CA LEU A 50 17.40 -4.24 49.29
C LEU A 50 16.27 -4.70 48.38
N THR A 51 15.18 -3.93 48.37
CA THR A 51 14.06 -4.21 47.50
C THR A 51 13.82 -3.07 46.52
N GLY A 52 13.31 -3.42 45.34
CA GLY A 52 12.93 -2.42 44.34
C GLY A 52 11.53 -2.70 43.81
N LEU A 53 10.75 -1.64 43.65
CA LEU A 53 9.40 -1.75 43.12
C LEU A 53 9.31 -1.20 41.70
N GLY A 54 8.47 -1.83 40.88
CA GLY A 54 8.27 -1.40 39.52
C GLY A 54 6.84 -1.60 39.08
N ASP A 55 6.31 -0.61 38.36
CA ASP A 55 4.96 -0.69 37.81
C ASP A 55 4.99 -1.39 36.45
N ALA A 56 3.95 -2.16 36.18
CA ALA A 56 3.88 -2.93 34.94
C ALA A 56 2.46 -2.92 34.40
N THR A 57 1.65 -2.00 34.90
CA THR A 57 0.26 -1.93 34.51
C THR A 57 0.10 -1.51 33.06
N LEU A 58 -0.59 -2.34 32.31
CA LEU A 58 -1.00 -2.07 30.95
C LEU A 58 -2.52 -2.18 30.90
N ASN A 59 -3.19 -1.02 30.97
CA ASN A 59 -4.63 -0.97 31.19
C ASN A 59 -5.41 -1.79 30.17
N GLY A 60 -6.21 -2.73 30.67
CA GLY A 60 -7.07 -3.53 29.82
C GLY A 60 -6.36 -4.73 29.23
N ARG A 61 -5.07 -4.82 29.50
CA ARG A 61 -4.29 -5.96 29.05
C ARG A 61 -3.22 -6.31 30.08
N GLU A 62 -3.60 -6.26 31.35
CA GLU A 62 -2.66 -6.44 32.44
C GLU A 62 -1.97 -7.79 32.49
N LEU A 63 -2.69 -8.86 32.18
CA LEU A 63 -2.21 -10.20 32.55
C LEU A 63 -1.12 -10.73 31.62
N PRO A 64 -1.15 -10.32 30.35
CA PRO A 64 0.00 -10.72 29.56
C PRO A 64 1.32 -10.17 30.09
N VAL A 65 1.29 -9.02 30.76
CA VAL A 65 2.52 -8.46 31.31
C VAL A 65 2.91 -9.20 32.60
N ALA A 66 1.92 -9.60 33.38
CA ALA A 66 2.20 -10.41 34.57
C ALA A 66 2.92 -11.67 34.13
N SER A 67 2.38 -12.32 33.10
CA SER A 67 2.96 -13.52 32.53
C SER A 67 4.33 -13.30 31.90
N TYR A 68 4.53 -12.19 31.20
CA TYR A 68 5.81 -11.93 30.56
C TYR A 68 6.91 -11.89 31.65
N LEU A 69 6.59 -11.23 32.76
CA LEU A 69 7.46 -11.21 33.94
C LEU A 69 7.54 -12.59 34.62
N ASN A 70 6.44 -12.99 35.25
CA ASN A 70 6.39 -14.25 36.01
C ASN A 70 6.99 -15.41 35.28
N ASP A 71 6.57 -15.59 34.02
CA ASP A 71 6.88 -16.80 33.27
C ASP A 71 8.21 -16.75 32.56
N HIS A 72 8.68 -15.55 32.24
CA HIS A 72 9.82 -15.46 31.35
C HIS A 72 10.97 -14.61 31.86
N VAL A 73 10.66 -13.38 32.25
CA VAL A 73 11.71 -12.43 32.61
C VAL A 73 12.24 -12.68 34.03
N CYS A 74 11.34 -12.82 34.99
CA CYS A 74 11.72 -12.90 36.41
C CYS A 74 12.68 -14.07 36.68
N PRO A 75 12.36 -15.25 36.13
CA PRO A 75 13.28 -16.36 36.42
C PRO A 75 14.68 -16.08 35.84
N GLN A 76 14.77 -15.24 34.82
CA GLN A 76 16.08 -14.97 34.20
C GLN A 76 16.85 -13.86 34.91
N LEU A 77 16.16 -13.16 35.82
CA LEU A 77 16.78 -12.13 36.68
C LEU A 77 17.52 -12.75 37.88
N ILE A 78 17.14 -13.96 38.26
CA ILE A 78 17.61 -14.53 39.51
C ILE A 78 19.09 -14.85 39.43
N GLY A 79 19.86 -14.29 40.36
CA GLY A 79 21.30 -14.54 40.41
C GLY A 79 22.13 -13.47 39.73
N ARG A 80 21.48 -12.62 38.93
CA ARG A 80 22.19 -11.53 38.28
C ARG A 80 22.52 -10.39 39.26
N ASP A 81 23.52 -9.60 38.90
CA ASP A 81 23.92 -8.45 39.70
C ASP A 81 22.94 -7.30 39.43
N ALA A 82 22.21 -6.87 40.45
CA ALA A 82 21.21 -5.82 40.30
C ALA A 82 21.82 -4.49 39.89
N HIS A 83 23.16 -4.40 39.93
CA HIS A 83 23.87 -3.15 39.58
C HIS A 83 23.90 -2.88 38.08
N GLN A 84 23.79 -3.95 37.33
CA GLN A 84 23.90 -3.93 35.88
CA GLN A 84 23.92 -3.91 35.88
C GLN A 84 22.56 -3.60 35.24
N ILE A 85 22.06 -2.41 35.55
CA ILE A 85 20.78 -1.95 35.02
C ILE A 85 20.79 -2.00 33.49
N GLU A 86 21.88 -1.52 32.91
CA GLU A 86 21.97 -1.37 31.45
C GLU A 86 22.10 -2.72 30.75
N ASP A 87 22.94 -3.61 31.29
CA ASP A 87 23.08 -4.92 30.65
C ASP A 87 21.76 -5.64 30.72
N ILE A 88 21.07 -5.49 31.85
CA ILE A 88 19.78 -6.12 32.02
C ILE A 88 18.76 -5.54 31.03
N TRP A 89 18.74 -4.22 30.89
CA TRP A 89 17.83 -3.58 29.94
C TRP A 89 18.09 -4.14 28.55
N GLN A 90 19.35 -4.08 28.13
CA GLN A 90 19.73 -4.60 26.84
C GLN A 90 19.43 -6.09 26.70
N TYR A 91 19.73 -6.86 27.74
CA TYR A 91 19.55 -8.31 27.72
C TYR A 91 18.12 -8.69 27.41
N PHE A 92 17.16 -8.02 28.02
CA PHE A 92 15.76 -8.34 27.74
C PHE A 92 15.21 -7.63 26.49
N TYR A 93 15.70 -6.43 26.19
CA TYR A 93 15.21 -5.70 25.01
C TYR A 93 15.57 -6.46 23.76
N LYS A 94 16.85 -6.73 23.60
CA LYS A 94 17.36 -7.41 22.43
C LYS A 94 17.17 -8.91 22.55
N GLY A 95 17.30 -9.42 23.77
CA GLY A 95 17.30 -10.87 23.98
C GLY A 95 15.97 -11.48 23.59
N ALA A 96 14.89 -10.72 23.78
CA ALA A 96 13.52 -11.12 23.41
C ALA A 96 13.43 -11.58 21.96
N TYR A 97 14.32 -11.06 21.13
CA TYR A 97 14.32 -11.29 19.69
C TYR A 97 13.19 -10.54 19.01
N TRP A 98 11.99 -10.69 19.56
CA TRP A 98 10.83 -9.91 19.13
C TRP A 98 10.79 -8.61 19.93
N ARG A 99 11.19 -7.50 19.30
CA ARG A 99 11.48 -6.27 20.02
C ARG A 99 10.28 -5.36 20.27
N ARG A 100 10.36 -4.68 21.40
CA ARG A 100 9.35 -3.73 21.89
C ARG A 100 7.88 -4.13 21.76
N GLY A 101 7.00 -3.13 21.77
CA GLY A 101 5.58 -3.36 21.87
C GLY A 101 5.12 -3.15 23.28
N PRO A 102 3.79 -3.08 23.46
CA PRO A 102 3.24 -2.66 24.74
C PRO A 102 3.50 -3.65 25.89
N VAL A 103 3.37 -4.94 25.62
CA VAL A 103 3.49 -5.93 26.68
C VAL A 103 4.95 -6.01 27.04
N THR A 104 5.77 -6.24 26.02
CA THR A 104 7.22 -6.33 26.18
C THR A 104 7.81 -5.15 26.96
N MET A 105 7.48 -3.92 26.58
CA MET A 105 8.11 -2.75 27.16
C MET A 105 7.58 -2.49 28.55
N SER A 106 6.32 -2.83 28.79
CA SER A 106 5.78 -2.71 30.13
C SER A 106 6.56 -3.61 31.11
N ALA A 107 6.91 -4.80 30.66
CA ALA A 107 7.67 -5.74 31.48
C ALA A 107 9.09 -5.23 31.69
N ILE A 108 9.75 -4.84 30.60
CA ILE A 108 11.10 -4.31 30.68
C ILE A 108 11.18 -3.08 31.56
N SER A 109 10.15 -2.24 31.48
CA SER A 109 10.12 -0.99 32.24
C SER A 109 9.95 -1.26 33.73
N ALA A 110 9.12 -2.24 34.05
CA ALA A 110 8.91 -2.58 35.44
C ALA A 110 10.27 -2.89 36.03
N VAL A 111 11.02 -3.78 35.39
CA VAL A 111 12.29 -4.17 35.95
C VAL A 111 13.27 -3.01 36.03
N ASP A 112 13.30 -2.16 35.00
CA ASP A 112 14.21 -1.02 35.01
C ASP A 112 13.98 -0.08 36.19
N MET A 113 12.75 0.39 36.40
CA MET A 113 12.52 1.37 37.45
C MET A 113 12.74 0.71 38.80
N ALA A 114 12.61 -0.61 38.85
CA ALA A 114 12.84 -1.35 40.08
C ALA A 114 14.32 -1.43 40.37
N LEU A 115 15.14 -1.57 39.32
CA LEU A 115 16.58 -1.62 39.50
C LEU A 115 17.12 -0.25 39.89
N TRP A 116 16.47 0.81 39.42
CA TRP A 116 16.89 2.18 39.75
C TRP A 116 16.52 2.52 41.19
N ASP A 117 15.35 2.03 41.61
CA ASP A 117 14.91 2.09 42.99
C ASP A 117 16.04 1.57 43.87
N ILE A 118 16.44 0.33 43.60
CA ILE A 118 17.51 -0.34 44.30
C ILE A 118 18.81 0.44 44.28
N LYS A 119 19.22 0.92 43.11
CA LYS A 119 20.48 1.65 42.97
C LYS A 119 20.50 2.93 43.80
N ALA A 120 19.41 3.68 43.79
CA ALA A 120 19.35 4.92 44.55
C ALA A 120 19.39 4.59 46.06
N LYS A 121 18.68 3.54 46.46
CA LYS A 121 18.76 3.06 47.85
C LYS A 121 20.21 2.72 48.21
N ALA A 122 20.85 1.87 47.42
CA ALA A 122 22.28 1.60 47.59
C ALA A 122 23.07 2.91 47.74
N ALA A 123 22.77 3.90 46.91
CA ALA A 123 23.48 5.17 46.97
C ALA A 123 23.05 5.94 48.21
N ASN A 124 21.99 5.48 48.83
CA ASN A 124 21.36 6.20 49.90
C ASN A 124 21.00 7.61 49.46
N MET A 125 20.28 7.70 48.34
CA MET A 125 19.85 8.98 47.77
C MET A 125 18.46 8.84 47.16
N PRO A 126 17.70 9.94 47.13
CA PRO A 126 16.51 9.93 46.30
C PRO A 126 16.93 9.85 44.84
N LEU A 127 16.16 9.12 44.03
CA LEU A 127 16.57 8.81 42.65
C LEU A 127 16.92 10.05 41.82
N TYR A 128 16.24 11.18 42.03
CA TYR A 128 16.52 12.32 41.16
C TYR A 128 18.00 12.69 41.23
N GLN A 129 18.62 12.45 42.38
CA GLN A 129 20.01 12.82 42.55
C GLN A 129 20.88 11.99 41.63
N LEU A 130 20.52 10.72 41.46
CA LEU A 130 21.30 9.85 40.59
C LEU A 130 21.20 10.25 39.13
N LEU A 131 20.11 10.93 38.76
CA LEU A 131 19.86 11.30 37.36
C LEU A 131 20.60 12.57 36.99
N GLY A 132 21.12 13.28 37.98
CA GLY A 132 21.84 14.53 37.73
C GLY A 132 21.42 15.67 38.65
N GLY A 133 20.53 15.38 39.60
CA GLY A 133 20.10 16.38 40.55
C GLY A 133 18.88 17.12 40.08
N ALA A 134 18.37 18.00 40.95
CA ALA A 134 17.16 18.77 40.69
C ALA A 134 17.40 19.91 39.71
N SER A 135 16.47 20.06 38.77
CA SER A 135 16.54 21.13 37.78
C SER A 135 15.50 22.17 38.11
N ARG A 136 14.54 21.81 38.96
CA ARG A 136 13.49 22.72 39.37
C ARG A 136 13.20 22.52 40.87
N THR A 137 12.33 23.37 41.42
CA THR A 137 11.98 23.28 42.83
C THR A 137 10.72 22.43 43.05
N GLY A 138 9.98 22.21 41.95
CA GLY A 138 8.74 21.45 41.99
C GLY A 138 8.34 21.05 40.58
N VAL A 139 7.33 20.21 40.48
CA VAL A 139 6.91 19.65 39.20
C VAL A 139 5.49 20.07 38.88
N MET A 140 5.31 20.97 37.91
CA MET A 140 3.98 21.44 37.57
C MET A 140 3.14 20.28 37.04
N VAL A 141 1.96 20.09 37.63
CA VAL A 141 1.03 19.05 37.17
C VAL A 141 -0.30 19.64 36.67
N TYR A 142 -1.02 18.86 35.88
CA TYR A 142 -2.35 19.27 35.47
C TYR A 142 -3.39 18.25 35.87
N CYS A 143 -4.60 18.74 36.13
CA CYS A 143 -5.71 17.90 36.54
C CYS A 143 -6.75 17.87 35.43
N HIS A 144 -7.74 17.00 35.59
CA HIS A 144 -8.81 16.84 34.63
C HIS A 144 -10.02 17.62 35.09
N THR A 145 -10.73 18.21 34.13
CA THR A 145 -11.98 18.89 34.40
C THR A 145 -13.04 18.23 33.55
N THR A 146 -14.29 18.24 34.01
CA THR A 146 -15.32 17.56 33.26
C THR A 146 -16.74 18.06 33.54
N GLY A 147 -17.66 17.65 32.68
CA GLY A 147 -19.06 18.00 32.79
C GLY A 147 -19.75 17.66 31.48
N HIS A 148 -21.08 17.71 31.48
CA HIS A 148 -21.83 17.45 30.25
C HIS A 148 -22.49 18.71 29.74
N SER A 149 -22.05 19.85 30.28
CA SER A 149 -22.45 21.15 29.76
C SER A 149 -21.31 22.12 29.98
N ILE A 150 -21.18 23.09 29.08
CA ILE A 150 -20.23 24.16 29.27
C ILE A 150 -20.28 24.59 30.73
N ASP A 151 -21.47 25.03 31.16
CA ASP A 151 -21.65 25.53 32.52
C ASP A 151 -21.05 24.59 33.56
N GLU A 152 -21.18 23.29 33.35
CA GLU A 152 -20.67 22.34 34.34
C GLU A 152 -19.14 22.26 34.34
N VAL A 153 -18.54 22.27 33.15
CA VAL A 153 -17.09 22.24 33.05
C VAL A 153 -16.53 23.47 33.76
N LEU A 154 -17.12 24.63 33.44
CA LEU A 154 -16.73 25.89 34.07
C LEU A 154 -16.64 25.76 35.59
N ASP A 155 -17.58 25.01 36.15
CA ASP A 155 -17.65 24.81 37.59
C ASP A 155 -16.45 24.01 38.08
N ASP A 156 -16.16 22.93 37.37
CA ASP A 156 -15.08 22.03 37.79
C ASP A 156 -13.74 22.72 37.64
N TYR A 157 -13.62 23.52 36.58
CA TYR A 157 -12.45 24.36 36.37
C TYR A 157 -12.23 25.27 37.57
N ALA A 158 -13.29 25.97 37.97
CA ALA A 158 -13.24 26.87 39.12
C ALA A 158 -12.65 26.14 40.30
N LYS A 159 -13.17 24.96 40.57
CA LYS A 159 -12.71 24.17 41.70
C LYS A 159 -11.20 23.95 41.64
N HIS A 160 -10.71 23.52 40.49
CA HIS A 160 -9.32 23.10 40.40
C HIS A 160 -8.39 24.29 40.52
N ARG A 161 -8.81 25.46 40.05
CA ARG A 161 -7.98 26.63 40.25
C ARG A 161 -7.87 26.93 41.74
N ASP A 162 -8.99 26.77 42.44
CA ASP A 162 -9.03 26.99 43.88
C ASP A 162 -8.06 26.06 44.61
N GLN A 163 -7.98 24.82 44.17
CA GLN A 163 -7.04 23.86 44.75
C GLN A 163 -5.61 24.23 44.38
N GLY A 164 -5.45 25.17 43.45
CA GLY A 164 -4.12 25.67 43.11
C GLY A 164 -3.46 25.09 41.86
N PHE A 165 -4.22 24.35 41.05
CA PHE A 165 -3.69 23.85 39.78
C PHE A 165 -3.39 25.00 38.83
N LYS A 166 -2.21 24.99 38.23
CA LYS A 166 -1.80 26.07 37.32
C LYS A 166 -2.07 25.69 35.87
N ALA A 167 -2.53 24.47 35.68
CA ALA A 167 -2.75 23.92 34.36
C ALA A 167 -3.93 22.97 34.44
N ILE A 168 -4.85 23.12 33.50
CA ILE A 168 -6.11 22.40 33.59
C ILE A 168 -6.55 21.88 32.24
N ARG A 169 -6.91 20.61 32.22
CA ARG A 169 -7.37 19.97 31.00
C ARG A 169 -8.87 20.02 30.89
N VAL A 170 -9.36 20.64 29.83
CA VAL A 170 -10.78 20.83 29.65
C VAL A 170 -11.35 19.92 28.57
N GLN A 171 -12.39 19.17 28.93
CA GLN A 171 -13.19 18.39 27.98
C GLN A 171 -14.66 18.59 28.30
N CYS A 172 -15.55 18.08 27.47
CA CYS A 172 -16.98 18.12 27.78
C CYS A 172 -17.53 16.71 27.88
N GLU A 192 -12.82 7.09 35.37
CA GLU A 192 -12.20 5.79 35.22
C GLU A 192 -12.75 5.04 33.98
N PRO A 193 -12.23 5.37 32.79
CA PRO A 193 -12.61 4.86 31.47
C PRO A 193 -12.68 3.32 31.32
N ALA A 194 -11.70 2.58 31.83
CA ALA A 194 -11.76 1.10 31.79
C ALA A 194 -12.86 0.61 32.73
N THR A 195 -13.98 0.17 32.16
CA THR A 195 -15.16 -0.17 32.98
C THR A 195 -15.18 -1.66 33.36
N LYS A 196 -15.31 -1.92 34.66
CA LYS A 196 -15.40 -3.29 35.15
C LYS A 196 -16.49 -4.01 34.38
N GLY A 197 -16.20 -5.25 33.99
CA GLY A 197 -17.13 -6.01 33.19
C GLY A 197 -16.38 -6.93 32.26
N SER A 198 -17.11 -7.63 31.42
CA SER A 198 -16.49 -8.61 30.55
C SER A 198 -16.15 -7.98 29.19
N LEU A 199 -16.99 -7.06 28.74
CA LEU A 199 -16.88 -6.50 27.39
C LEU A 199 -16.67 -5.00 27.39
N PRO A 200 -15.85 -4.52 26.44
CA PRO A 200 -15.64 -3.10 26.29
C PRO A 200 -16.93 -2.37 25.94
N GLU A 201 -17.17 -1.28 26.65
CA GLU A 201 -18.20 -0.30 26.33
C GLU A 201 -17.95 0.27 24.94
N GLU A 202 -19.03 0.50 24.21
CA GLU A 202 -18.91 1.02 22.85
C GLU A 202 -19.49 2.43 22.80
N GLN A 203 -18.68 3.40 22.40
CA GLN A 203 -19.12 4.80 22.37
C GLN A 203 -19.30 5.34 20.94
N LEU A 204 -20.41 6.02 20.71
CA LEU A 204 -20.71 6.62 19.41
C LEU A 204 -19.83 7.85 19.23
N TRP A 205 -19.20 7.98 18.05
CA TRP A 205 -18.36 9.15 17.79
C TRP A 205 -18.80 9.89 16.53
N SER A 206 -18.83 11.22 16.64
CA SER A 206 -19.08 12.09 15.48
C SER A 206 -18.03 13.21 15.42
N THR A 207 -17.19 13.17 14.39
CA THR A 207 -16.14 14.17 14.25
C THR A 207 -16.71 15.55 13.94
N GLU A 208 -17.69 15.57 13.05
CA GLU A 208 -18.32 16.82 12.65
C GLU A 208 -18.90 17.60 13.83
N LYS A 209 -19.65 16.94 14.69
CA LYS A 209 -20.21 17.60 15.86
C LYS A 209 -19.11 18.16 16.74
N TYR A 210 -18.03 17.38 16.92
CA TYR A 210 -16.92 17.77 17.78
C TYR A 210 -16.25 19.02 17.26
N LEU A 211 -16.08 19.10 15.94
CA LEU A 211 -15.40 20.25 15.35
C LEU A 211 -16.22 21.53 15.57
N ASP A 212 -17.52 21.45 15.35
CA ASP A 212 -18.40 22.61 15.44
C ASP A 212 -18.62 23.13 16.87
N PHE A 213 -18.61 22.23 17.85
CA PHE A 213 -18.95 22.62 19.23
C PHE A 213 -17.76 22.99 20.10
N THR A 214 -16.66 22.25 19.96
CA THR A 214 -15.64 22.23 20.99
C THR A 214 -14.91 23.55 21.19
N PRO A 215 -14.74 24.34 20.14
CA PRO A 215 -14.10 25.65 20.34
C PRO A 215 -14.94 26.60 21.22
N LYS A 216 -16.25 26.56 21.07
CA LYS A 216 -17.14 27.36 21.93
C LYS A 216 -16.82 27.10 23.39
N LEU A 217 -16.41 25.89 23.68
CA LEU A 217 -16.10 25.53 25.04
C LEU A 217 -14.93 26.33 25.57
N PHE A 218 -13.87 26.44 24.77
CA PHE A 218 -12.66 27.10 25.23
C PHE A 218 -12.88 28.60 25.34
N GLU A 219 -13.70 29.12 24.44
CA GLU A 219 -14.07 30.53 24.45
C GLU A 219 -14.70 30.90 25.79
N ALA A 220 -15.63 30.06 26.21
CA ALA A 220 -16.35 30.27 27.46
C ALA A 220 -15.37 30.24 28.62
N VAL A 221 -14.48 29.26 28.60
CA VAL A 221 -13.48 29.13 29.64
C VAL A 221 -12.59 30.36 29.67
N ARG A 222 -12.14 30.83 28.51
CA ARG A 222 -11.32 32.03 28.46
C ARG A 222 -12.11 33.30 28.80
N ASP A 223 -13.32 33.41 28.24
CA ASP A 223 -14.22 34.52 28.59
C ASP A 223 -14.40 34.63 30.09
N LYS A 224 -14.64 33.51 30.76
CA LYS A 224 -14.90 33.57 32.19
C LYS A 224 -13.65 33.72 33.05
N PHE A 225 -12.60 32.95 32.76
CA PHE A 225 -11.48 32.85 33.70
C PHE A 225 -10.21 33.55 33.25
N GLY A 226 -10.25 34.10 32.06
CA GLY A 226 -9.08 34.76 31.50
C GLY A 226 -8.02 33.75 31.10
N PHE A 227 -6.81 34.25 30.93
CA PHE A 227 -5.71 33.47 30.36
C PHE A 227 -4.66 33.19 31.42
N ASN A 228 -5.09 33.00 32.66
CA ASN A 228 -4.14 32.87 33.76
C ASN A 228 -3.60 31.47 33.93
N GLU A 229 -4.39 30.48 33.55
CA GLU A 229 -3.92 29.12 33.64
C GLU A 229 -3.68 28.46 32.27
N HIS A 230 -2.77 27.50 32.26
CA HIS A 230 -2.52 26.72 31.06
C HIS A 230 -3.73 25.85 30.76
N LEU A 231 -4.25 25.97 29.55
CA LEU A 231 -5.44 25.25 29.13
C LEU A 231 -5.06 24.06 28.24
N LEU A 232 -5.29 22.84 28.71
CA LEU A 232 -4.98 21.64 27.93
C LEU A 232 -6.23 20.98 27.34
N HIS A 233 -6.05 20.13 26.34
CA HIS A 233 -7.18 19.41 25.74
C HIS A 233 -6.74 18.16 25.01
N ASP A 234 -7.45 17.07 25.25
CA ASP A 234 -7.12 15.79 24.66
C ASP A 234 -8.12 15.52 23.55
N MET A 235 -7.59 15.19 22.37
CA MET A 235 -8.41 14.94 21.19
C MET A 235 -8.70 13.45 20.98
N HIS A 236 -7.98 12.61 21.71
CA HIS A 236 -8.27 11.18 21.77
C HIS A 236 -8.21 10.45 20.42
N HIS A 237 -7.28 10.88 19.58
CA HIS A 237 -6.97 10.16 18.35
C HIS A 237 -8.13 10.19 17.36
N ARG A 238 -9.11 11.06 17.55
CA ARG A 238 -10.36 10.95 16.79
C ARG A 238 -10.33 11.52 15.36
N LEU A 239 -9.35 12.37 15.07
CA LEU A 239 -9.43 13.15 13.84
C LEU A 239 -8.46 12.63 12.78
N THR A 240 -8.79 12.89 11.51
CA THR A 240 -7.80 12.74 10.44
C THR A 240 -6.91 13.99 10.48
N PRO A 241 -5.76 13.94 9.80
CA PRO A 241 -4.83 15.07 9.91
C PRO A 241 -5.41 16.42 9.47
N ILE A 242 -6.15 16.47 8.35
CA ILE A 242 -6.62 17.75 7.85
C ILE A 242 -7.71 18.26 8.79
N GLU A 243 -8.45 17.32 9.37
CA GLU A 243 -9.45 17.65 10.39
C GLU A 243 -8.77 18.25 11.62
N ALA A 244 -7.65 17.65 12.02
CA ALA A 244 -6.91 18.15 13.17
C ALA A 244 -6.24 19.48 12.85
N ALA A 245 -5.91 19.68 11.58
CA ALA A 245 -5.35 20.95 11.14
C ALA A 245 -6.39 22.04 11.40
N ARG A 246 -7.61 21.78 10.96
CA ARG A 246 -8.73 22.72 11.08
C ARG A 246 -9.05 23.00 12.53
N PHE A 247 -9.16 21.93 13.32
CA PHE A 247 -9.44 22.08 14.74
C PHE A 247 -8.40 22.97 15.40
N GLY A 248 -7.13 22.71 15.13
CA GLY A 248 -6.03 23.50 15.71
C GLY A 248 -6.08 24.97 15.34
N LYS A 249 -6.34 25.25 14.07
CA LYS A 249 -6.58 26.62 13.64
C LYS A 249 -7.78 27.21 14.40
N SER A 250 -8.83 26.40 14.58
CA SER A 250 -10.08 26.89 15.16
C SER A 250 -9.96 27.28 16.64
N VAL A 251 -8.90 26.82 17.32
CA VAL A 251 -8.74 27.14 18.73
C VAL A 251 -7.51 28.01 19.02
N GLU A 252 -6.91 28.57 17.98
CA GLU A 252 -5.70 29.39 18.15
C GLU A 252 -5.93 30.60 19.06
N ASP A 253 -7.10 31.24 18.96
CA ASP A 253 -7.37 32.41 19.77
C ASP A 253 -7.31 32.10 21.28
N TYR A 254 -7.59 30.86 21.66
CA TYR A 254 -7.66 30.52 23.07
C TYR A 254 -6.32 30.05 23.61
N ARG A 255 -5.30 30.09 22.75
CA ARG A 255 -3.91 29.81 23.15
C ARG A 255 -3.77 28.63 24.11
N LEU A 256 -4.05 27.44 23.58
CA LEU A 256 -4.00 26.22 24.37
C LEU A 256 -2.56 25.86 24.67
N PHE A 257 -2.31 25.33 25.87
CA PHE A 257 -1.01 24.78 26.25
C PHE A 257 -0.68 23.65 25.29
N TRP A 258 -1.67 22.81 25.00
CA TRP A 258 -1.54 21.85 23.92
C TRP A 258 -2.86 21.25 23.52
N MET A 259 -2.87 20.75 22.29
CA MET A 259 -3.85 19.79 21.85
C MET A 259 -3.15 18.46 21.66
N GLU A 260 -3.69 17.45 22.32
CA GLU A 260 -3.07 16.14 22.48
C GLU A 260 -3.76 15.08 21.64
N ASP A 261 -2.94 14.20 21.09
CA ASP A 261 -3.38 12.98 20.41
C ASP A 261 -4.40 13.26 19.31
N PRO A 262 -4.03 14.15 18.40
CA PRO A 262 -4.94 14.63 17.36
C PRO A 262 -5.40 13.58 16.38
N THR A 263 -4.52 12.65 16.06
CA THR A 263 -4.79 11.68 15.01
C THR A 263 -3.86 10.52 15.34
N PRO A 264 -4.26 9.30 14.96
CA PRO A 264 -3.38 8.15 15.18
C PRO A 264 -2.00 8.35 14.58
N ALA A 265 -0.96 7.98 15.32
CA ALA A 265 0.41 8.32 14.96
C ALA A 265 1.31 7.14 14.53
N GLU A 266 0.71 6.02 14.14
CA GLU A 266 1.49 4.86 13.67
C GLU A 266 2.26 5.26 12.43
N ASN A 267 1.63 6.09 11.61
CA ASN A 267 2.28 6.77 10.50
C ASN A 267 2.59 8.17 11.00
N GLN A 268 3.82 8.37 11.48
CA GLN A 268 4.20 9.63 12.10
C GLN A 268 4.14 10.80 11.12
N ALA A 269 4.32 10.51 9.85
CA ALA A 269 4.21 11.57 8.83
C ALA A 269 2.81 12.17 8.85
N CYS A 270 1.85 11.51 9.50
CA CYS A 270 0.46 12.00 9.50
C CYS A 270 0.33 13.33 10.27
N PHE A 271 1.34 13.66 11.06
CA PHE A 271 1.34 14.91 11.79
C PHE A 271 1.87 16.10 10.97
N ARG A 272 2.44 15.86 9.79
CA ARG A 272 2.96 16.98 8.98
C ARG A 272 1.88 17.98 8.54
N LEU A 273 0.74 17.47 8.11
CA LEU A 273 -0.37 18.30 7.67
C LEU A 273 -0.88 19.19 8.80
N ILE A 274 -0.86 18.69 10.04
CA ILE A 274 -1.38 19.47 11.15
C ILE A 274 -0.45 20.62 11.42
N ARG A 275 0.83 20.28 11.46
CA ARG A 275 1.84 21.18 11.96
C ARG A 275 2.07 22.33 10.98
N GLN A 276 1.78 22.11 9.71
CA GLN A 276 1.95 23.15 8.72
C GLN A 276 0.74 24.07 8.64
N HIS A 277 -0.38 23.72 9.27
CA HIS A 277 -1.57 24.57 9.21
C HIS A 277 -1.94 25.28 10.52
N THR A 278 -1.33 24.90 11.65
CA THR A 278 -1.68 25.54 12.92
C THR A 278 -0.51 25.81 13.85
N VAL A 279 -0.63 26.85 14.66
CA VAL A 279 0.37 27.17 15.67
C VAL A 279 -0.07 26.71 17.07
N THR A 280 -1.20 26.03 17.16
CA THR A 280 -1.57 25.37 18.43
C THR A 280 -0.62 24.21 18.72
N PRO A 281 0.02 24.19 19.90
CA PRO A 281 1.02 23.18 20.18
C PRO A 281 0.43 21.79 20.26
N ILE A 282 1.27 20.79 20.04
CA ILE A 282 0.83 19.43 19.84
C ILE A 282 1.55 18.56 20.87
N ALA A 283 0.79 17.69 21.53
CA ALA A 283 1.33 16.70 22.44
C ALA A 283 0.86 15.34 21.99
N VAL A 284 1.66 14.33 22.24
CA VAL A 284 1.29 12.97 21.88
C VAL A 284 2.23 11.98 22.55
N GLY A 285 1.80 10.72 22.68
CA GLY A 285 2.72 9.64 22.98
C GLY A 285 2.37 8.75 24.15
N GLU A 286 1.20 8.96 24.74
CA GLU A 286 0.79 8.12 25.86
C GLU A 286 0.72 6.66 25.46
N VAL A 287 0.44 6.38 24.18
CA VAL A 287 0.32 5.00 23.68
C VAL A 287 1.62 4.43 23.11
N PHE A 288 2.70 5.20 23.16
CA PHE A 288 4.00 4.78 22.60
C PHE A 288 4.79 3.95 23.61
N ASN A 289 5.56 2.99 23.10
CA ASN A 289 6.40 2.19 23.98
C ASN A 289 7.87 2.35 23.67
N SER A 290 8.19 3.21 22.71
CA SER A 290 9.57 3.25 22.24
C SER A 290 9.92 4.54 21.53
N ILE A 291 11.21 4.85 21.54
CA ILE A 291 11.72 5.97 20.79
C ILE A 291 11.40 5.82 19.30
N TRP A 292 11.29 4.56 18.84
CA TRP A 292 11.02 4.34 17.43
C TRP A 292 9.59 4.76 17.08
N ASP A 293 8.74 4.89 18.09
CA ASP A 293 7.37 5.33 17.88
C ASP A 293 7.25 6.83 17.64
N CYS A 294 8.30 7.58 17.98
CA CYS A 294 8.18 9.04 17.96
C CYS A 294 9.38 9.80 17.35
N LYS A 295 10.38 9.07 16.89
CA LYS A 295 11.62 9.69 16.46
C LYS A 295 11.40 10.63 15.27
N GLN A 296 10.54 10.22 14.33
CA GLN A 296 10.21 11.06 13.19
C GLN A 296 9.38 12.29 13.64
N LEU A 297 8.39 12.09 14.51
CA LEU A 297 7.61 13.21 15.03
C LEU A 297 8.50 14.29 15.66
N ILE A 298 9.52 13.86 16.38
CA ILE A 298 10.42 14.79 17.08
C ILE A 298 11.41 15.46 16.13
N GLU A 299 12.01 14.68 15.24
CA GLU A 299 13.10 15.22 14.41
C GLU A 299 12.57 16.07 13.26
N GLU A 300 11.32 15.86 12.86
CA GLU A 300 10.68 16.77 11.92
C GLU A 300 9.97 17.89 12.67
N GLN A 301 10.12 17.94 13.99
CA GLN A 301 9.51 19.02 14.79
C GLN A 301 8.02 19.13 14.54
N LEU A 302 7.32 18.03 14.67
CA LEU A 302 5.88 17.98 14.45
C LEU A 302 5.11 18.05 15.78
N ILE A 303 5.85 17.97 16.89
CA ILE A 303 5.24 17.99 18.21
C ILE A 303 6.05 18.85 19.17
N ASP A 304 5.38 19.31 20.23
CA ASP A 304 5.97 20.21 21.22
C ASP A 304 6.15 19.48 22.55
N TYR A 305 5.35 18.44 22.75
CA TYR A 305 5.41 17.64 23.97
C TYR A 305 5.33 16.17 23.68
N ILE A 306 6.24 15.42 24.31
CA ILE A 306 6.26 13.98 24.19
C ILE A 306 5.69 13.42 25.49
N ARG A 307 4.71 12.53 25.39
CA ARG A 307 3.95 12.10 26.56
C ARG A 307 4.24 10.68 27.00
N THR A 308 5.37 10.15 26.54
CA THR A 308 5.79 8.81 26.94
C THR A 308 6.00 8.74 28.45
N THR A 309 5.90 7.53 28.99
CA THR A 309 5.90 7.32 30.44
C THR A 309 6.91 6.25 30.89
N ILE A 310 7.28 6.30 32.16
CA ILE A 310 8.26 5.36 32.70
C ILE A 310 7.79 3.91 32.56
N THR A 311 6.50 3.66 32.83
CA THR A 311 5.97 2.29 32.82
C THR A 311 5.87 1.71 31.41
N HIS A 312 5.49 2.54 30.45
CA HIS A 312 5.22 2.04 29.10
C HIS A 312 6.35 2.23 28.07
N ALA A 313 7.23 3.20 28.24
CA ALA A 313 8.23 3.51 27.22
C ALA A 313 9.67 3.16 27.60
N GLY A 314 9.86 2.20 28.48
CA GLY A 314 11.22 1.69 28.73
C GLY A 314 11.84 2.04 30.07
N GLY A 315 11.04 2.56 30.99
CA GLY A 315 11.52 2.88 32.32
C GLY A 315 12.35 4.15 32.35
N ILE A 316 13.13 4.29 33.41
CA ILE A 316 14.05 5.40 33.55
C ILE A 316 15.09 5.38 32.44
N THR A 317 15.62 4.20 32.14
CA THR A 317 16.64 4.09 31.13
C THR A 317 16.12 4.58 29.78
N GLY A 318 14.96 4.07 29.38
CA GLY A 318 14.35 4.43 28.11
C GLY A 318 13.91 5.88 28.08
N MET A 319 13.25 6.33 29.14
CA MET A 319 12.73 7.69 29.15
C MET A 319 13.85 8.74 29.11
N ARG A 320 14.99 8.48 29.74
CA ARG A 320 16.08 9.43 29.70
C ARG A 320 16.51 9.63 28.26
N ARG A 321 16.63 8.54 27.53
CA ARG A 321 17.08 8.62 26.15
C ARG A 321 16.06 9.34 25.29
N ILE A 322 14.78 9.06 25.54
CA ILE A 322 13.69 9.75 24.84
C ILE A 322 13.69 11.26 25.16
N ALA A 323 13.74 11.62 26.44
CA ALA A 323 13.74 13.04 26.82
C ALA A 323 14.94 13.80 26.24
N ASP A 324 16.12 13.22 26.35
CA ASP A 324 17.35 13.83 25.83
C ASP A 324 17.29 14.06 24.31
N PHE A 325 16.77 13.09 23.57
CA PHE A 325 16.60 13.23 22.13
C PHE A 325 15.65 14.38 21.81
N ALA A 326 14.49 14.38 22.46
CA ALA A 326 13.50 15.44 22.27
C ALA A 326 14.09 16.82 22.54
N SER A 327 14.99 16.93 23.52
CA SER A 327 15.52 18.25 23.87
C SER A 327 16.24 18.90 22.71
N LEU A 328 16.86 18.09 21.86
CA LEU A 328 17.59 18.60 20.71
C LEU A 328 16.70 19.42 19.79
N TYR A 329 15.41 19.14 19.84
CA TYR A 329 14.46 19.76 18.91
C TYR A 329 13.51 20.67 19.65
N GLN A 330 13.87 20.95 20.91
CA GLN A 330 13.08 21.82 21.76
C GLN A 330 11.71 21.23 22.08
N VAL A 331 11.62 19.89 22.05
CA VAL A 331 10.42 19.18 22.46
C VAL A 331 10.54 18.91 23.96
N ARG A 332 9.44 19.10 24.67
CA ARG A 332 9.42 18.98 26.13
C ARG A 332 8.62 17.78 26.58
N THR A 333 8.84 17.36 27.82
CA THR A 333 8.13 16.21 28.38
C THR A 333 6.73 16.60 28.89
N GLY A 334 5.76 15.71 28.66
CA GLY A 334 4.38 15.95 29.11
C GLY A 334 3.77 14.64 29.59
N SER A 335 4.51 13.95 30.46
CA SER A 335 4.20 12.57 30.82
C SER A 335 2.74 12.29 31.15
N HIS A 336 2.20 11.31 30.45
CA HIS A 336 0.91 10.72 30.72
C HIS A 336 0.89 10.24 32.18
N GLY A 337 -0.21 10.53 32.88
CA GLY A 337 -0.30 10.21 34.31
C GLY A 337 -1.73 9.92 34.76
N PRO A 338 -2.32 8.86 34.22
CA PRO A 338 -3.68 8.58 34.61
C PRO A 338 -3.67 7.75 35.89
N SER A 339 -4.83 7.27 36.29
CA SER A 339 -4.93 6.38 37.42
C SER A 339 -4.42 4.99 37.06
N ASP A 340 -4.36 4.67 35.76
CA ASP A 340 -4.01 3.31 35.33
C ASP A 340 -2.51 3.09 35.22
N LEU A 341 -1.73 4.07 35.69
CA LEU A 341 -0.33 3.86 36.01
C LEU A 341 -0.19 3.94 37.53
N SER A 342 0.48 2.96 38.13
CA SER A 342 0.51 2.82 39.59
C SER A 342 1.28 3.96 40.26
N PRO A 343 1.02 4.16 41.54
CA PRO A 343 1.77 5.17 42.29
C PRO A 343 3.26 4.91 42.28
N ILE A 344 3.68 3.71 41.86
CA ILE A 344 5.10 3.46 41.72
C ILE A 344 5.62 4.22 40.49
N CYS A 345 4.84 4.22 39.42
CA CYS A 345 5.20 4.97 38.22
C CYS A 345 5.19 6.46 38.51
N MET A 346 4.23 6.89 39.33
CA MET A 346 4.13 8.30 39.67
C MET A 346 5.35 8.74 40.47
N ALA A 347 5.83 7.89 41.36
CA ALA A 347 7.00 8.21 42.16
C ALA A 347 8.20 8.36 41.22
N ALA A 348 8.41 7.37 40.35
CA ALA A 348 9.51 7.42 39.37
C ALA A 348 9.40 8.64 38.45
N ALA A 349 8.19 8.98 38.03
CA ALA A 349 7.96 10.12 37.14
C ALA A 349 8.31 11.46 37.80
N LEU A 350 7.98 11.59 39.07
CA LEU A 350 8.25 12.82 39.80
C LEU A 350 9.75 12.97 39.99
N HIS A 351 10.44 11.86 40.19
CA HIS A 351 11.88 11.87 40.28
C HIS A 351 12.50 12.28 38.95
N PHE A 352 12.01 11.67 37.88
CA PHE A 352 12.44 12.00 36.53
C PHE A 352 12.13 13.47 36.22
N ASP A 353 10.90 13.89 36.51
CA ASP A 353 10.46 15.26 36.26
C ASP A 353 11.30 16.32 36.97
N LEU A 354 11.78 16.02 38.18
CA LEU A 354 12.52 17.03 38.93
C LEU A 354 13.88 17.29 38.26
N TRP A 355 14.42 16.26 37.62
CA TRP A 355 15.74 16.40 36.99
C TRP A 355 15.70 16.89 35.54
N VAL A 356 14.87 16.26 34.71
CA VAL A 356 14.95 16.47 33.25
C VAL A 356 14.89 17.94 32.86
N PRO A 357 15.92 18.41 32.17
CA PRO A 357 15.99 19.82 31.79
C PRO A 357 14.78 20.24 30.98
N ASN A 358 14.44 19.46 29.95
CA ASN A 358 13.33 19.80 29.06
C ASN A 358 11.94 19.38 29.56
N PHE A 359 11.71 19.56 30.86
CA PHE A 359 10.41 19.25 31.47
C PHE A 359 9.33 20.17 30.95
N GLY A 360 8.15 19.64 30.66
CA GLY A 360 7.05 20.49 30.22
C GLY A 360 5.94 20.56 31.27
N VAL A 361 5.38 19.41 31.59
CA VAL A 361 4.30 19.32 32.54
C VAL A 361 4.11 17.85 32.86
N GLN A 362 3.40 17.57 33.94
CA GLN A 362 3.13 16.22 34.37
C GLN A 362 1.65 16.09 34.61
N GLU A 363 1.04 15.12 33.95
CA GLU A 363 -0.34 14.79 34.20
C GLU A 363 -0.50 14.13 35.60
N TYR A 364 -1.54 14.53 36.31
CA TYR A 364 -1.86 13.93 37.60
C TYR A 364 -3.36 13.76 37.68
N MET A 365 -3.87 12.68 37.11
CA MET A 365 -5.29 12.40 37.12
C MET A 365 -5.74 12.12 38.56
N GLY A 366 -4.85 11.58 39.38
CA GLY A 366 -5.17 11.31 40.78
C GLY A 366 -5.46 9.85 41.11
N TYR A 367 -5.33 9.53 42.41
CA TYR A 367 -5.57 8.20 42.94
C TYR A 367 -6.55 8.25 44.13
N SER A 368 -7.59 7.42 44.10
CA SER A 368 -8.47 7.24 45.27
C SER A 368 -7.64 6.81 46.47
N GLU A 369 -8.15 7.05 47.67
CA GLU A 369 -7.39 6.72 48.88
C GLU A 369 -7.22 5.20 49.06
N GLN A 370 -8.17 4.43 48.53
CA GLN A 370 -8.05 2.98 48.54
C GLN A 370 -6.80 2.55 47.79
N MET A 371 -6.61 3.15 46.62
CA MET A 371 -5.43 2.90 45.81
C MET A 371 -4.17 3.27 46.59
N LEU A 372 -4.17 4.47 47.17
CA LEU A 372 -2.99 5.00 47.86
C LEU A 372 -2.57 4.23 49.11
N GLU A 373 -3.52 3.65 49.83
CA GLU A 373 -3.18 2.87 51.02
C GLU A 373 -2.27 1.71 50.62
N VAL A 374 -2.57 1.08 49.50
CA VAL A 374 -1.78 -0.04 48.98
C VAL A 374 -0.36 0.39 48.58
N PHE A 375 -0.19 1.65 48.22
CA PHE A 375 1.12 2.16 47.85
C PHE A 375 1.47 3.33 48.76
N PRO A 376 1.90 3.04 49.99
CA PRO A 376 2.32 4.12 50.88
C PRO A 376 3.35 5.01 50.20
N HIS A 377 3.01 6.29 49.98
CA HIS A 377 3.87 7.18 49.20
C HIS A 377 4.55 8.25 50.04
N SER A 378 5.44 9.02 49.42
CA SER A 378 6.19 10.07 50.12
C SER A 378 6.35 11.37 49.31
N TRP A 379 5.69 11.47 48.17
CA TRP A 379 5.75 12.68 47.38
C TRP A 379 4.83 13.74 47.97
N THR A 380 5.00 14.99 47.55
CA THR A 380 4.18 16.07 48.09
C THR A 380 3.52 16.89 47.01
N PHE A 381 2.40 17.50 47.36
CA PHE A 381 1.67 18.35 46.46
C PHE A 381 1.48 19.68 47.17
N ASP A 382 1.87 20.77 46.51
CA ASP A 382 1.76 22.08 47.11
C ASP A 382 1.50 23.14 46.05
N ASN A 383 0.23 23.55 45.94
CA ASN A 383 -0.16 24.65 45.08
C ASN A 383 0.21 24.42 43.62
N GLY A 384 -0.29 23.33 43.05
CA GLY A 384 -0.13 23.05 41.62
C GLY A 384 1.20 22.42 41.26
N TYR A 385 2.04 22.20 42.27
CA TYR A 385 3.38 21.64 42.06
C TYR A 385 3.59 20.43 42.96
N MET A 386 4.30 19.43 42.44
CA MET A 386 4.57 18.23 43.23
C MET A 386 6.06 18.05 43.40
N HIS A 387 6.44 17.13 44.27
CA HIS A 387 7.84 16.86 44.53
C HIS A 387 7.96 15.42 45.01
N PRO A 388 8.94 14.69 44.47
CA PRO A 388 9.10 13.28 44.81
C PRO A 388 9.46 13.04 46.27
N GLY A 389 10.00 14.04 46.95
CA GLY A 389 10.45 13.85 48.33
C GLY A 389 11.92 13.53 48.38
N GLU A 390 12.42 13.15 49.56
CA GLU A 390 13.85 12.91 49.76
C GLU A 390 14.17 11.50 50.26
N LYS A 391 13.15 10.67 50.42
CA LYS A 391 13.38 9.27 50.75
C LYS A 391 14.30 8.66 49.69
N PRO A 392 15.19 7.77 50.11
CA PRO A 392 16.05 7.07 49.17
C PRO A 392 15.27 6.23 48.17
N GLY A 393 15.87 5.98 47.01
CA GLY A 393 15.20 5.25 45.94
C GLY A 393 14.02 6.03 45.39
N LEU A 394 12.94 5.31 45.09
CA LEU A 394 11.74 5.91 44.53
C LEU A 394 10.94 6.63 45.61
N GLY A 395 11.06 6.16 46.85
CA GLY A 395 10.28 6.70 47.97
C GLY A 395 8.86 6.15 48.00
N ILE A 396 8.70 4.91 47.55
CA ILE A 396 7.38 4.33 47.40
C ILE A 396 7.32 2.93 48.02
N GLU A 397 6.13 2.58 48.51
CA GLU A 397 5.92 1.28 49.15
C GLU A 397 4.85 0.49 48.44
N PHE A 398 4.82 -0.80 48.72
CA PHE A 398 3.75 -1.69 48.28
C PHE A 398 3.38 -2.61 49.44
N ASP A 399 2.17 -2.43 49.95
CA ASP A 399 1.65 -3.17 51.09
C ASP A 399 1.00 -4.46 50.61
N GLU A 400 1.79 -5.53 50.55
CA GLU A 400 1.39 -6.78 49.93
C GLU A 400 0.16 -7.37 50.59
N LYS A 401 0.06 -7.19 51.90
CA LYS A 401 -1.04 -7.76 52.67
C LYS A 401 -2.34 -7.06 52.31
N LEU A 402 -2.30 -5.74 52.19
CA LEU A 402 -3.47 -4.99 51.78
C LEU A 402 -3.80 -5.30 50.32
N ALA A 403 -2.78 -5.34 49.48
CA ALA A 403 -2.98 -5.63 48.05
C ALA A 403 -3.72 -6.95 47.89
N ALA A 404 -3.47 -7.87 48.82
CA ALA A 404 -4.02 -9.21 48.76
C ALA A 404 -5.53 -9.23 49.01
N LYS A 405 -6.07 -8.17 49.60
CA LYS A 405 -7.51 -8.11 49.82
C LYS A 405 -8.26 -7.80 48.51
N TYR A 406 -7.54 -7.43 47.46
CA TYR A 406 -8.18 -7.04 46.20
C TYR A 406 -7.66 -7.82 45.02
N PRO A 407 -8.45 -8.79 44.55
CA PRO A 407 -8.06 -9.63 43.45
C PRO A 407 -8.34 -8.96 42.10
N TYR A 408 -7.55 -9.34 41.09
CA TYR A 408 -7.74 -8.85 39.74
C TYR A 408 -9.22 -8.86 39.38
N ASP A 409 -9.71 -7.75 38.84
CA ASP A 409 -11.07 -7.70 38.37
C ASP A 409 -11.14 -7.08 36.97
N PRO A 410 -11.44 -7.90 35.95
CA PRO A 410 -11.44 -7.49 34.55
C PRO A 410 -12.14 -6.17 34.29
N ALA A 411 -11.43 -5.28 33.60
CA ALA A 411 -11.99 -4.02 33.17
C ALA A 411 -11.26 -3.59 31.89
N TYR A 412 -12.01 -3.05 30.95
CA TYR A 412 -11.49 -2.79 29.62
C TYR A 412 -11.81 -1.37 29.16
N LEU A 413 -10.88 -0.79 28.42
CA LEU A 413 -11.13 0.51 27.80
C LEU A 413 -12.22 0.37 26.74
N PRO A 414 -12.98 1.45 26.51
CA PRO A 414 -14.04 1.44 25.50
C PRO A 414 -13.49 1.43 24.09
N VAL A 415 -14.32 1.03 23.15
CA VAL A 415 -14.01 1.21 21.75
C VAL A 415 -14.95 2.29 21.23
N ALA A 416 -14.55 2.95 20.15
CA ALA A 416 -15.39 3.94 19.52
C ALA A 416 -15.92 3.35 18.23
N ARG A 417 -17.16 3.67 17.90
CA ARG A 417 -17.69 3.36 16.60
C ARG A 417 -18.38 4.60 16.05
N LEU A 418 -18.31 4.77 14.74
CA LEU A 418 -19.05 5.84 14.11
C LEU A 418 -20.55 5.49 13.98
N GLU A 419 -21.34 6.46 13.55
CA GLU A 419 -22.78 6.26 13.33
C GLU A 419 -23.08 4.96 12.63
N ASP A 420 -22.28 4.62 11.63
CA ASP A 420 -22.57 3.44 10.80
C ASP A 420 -21.98 2.16 11.38
N GLY A 421 -21.36 2.28 12.56
CA GLY A 421 -20.77 1.12 13.21
C GLY A 421 -19.30 0.90 12.91
N THR A 422 -18.71 1.74 12.08
CA THR A 422 -17.28 1.64 11.77
C THR A 422 -16.47 1.69 13.05
N LEU A 423 -15.58 0.73 13.23
CA LEU A 423 -14.70 0.67 14.38
C LEU A 423 -13.68 1.79 14.17
N TRP A 424 -13.63 2.71 15.12
CA TRP A 424 -12.85 3.90 14.99
C TRP A 424 -11.74 3.87 16.04
N ASN A 425 -11.11 5.01 16.27
CA ASN A 425 -10.13 5.13 17.33
C ASN A 425 -10.79 5.75 18.54
N TRP A 426 -10.62 5.13 19.71
CA TRP A 426 -11.08 5.70 20.96
C TRP A 426 -9.92 6.42 21.67
N SER B 22 -14.32 -26.74 -9.04
CA SER B 22 -13.68 -26.02 -10.19
C SER B 22 -14.70 -25.80 -11.33
N MET B 23 -14.51 -24.72 -12.09
CA MET B 23 -15.49 -24.29 -13.10
C MET B 23 -14.77 -23.69 -14.30
N LYS B 24 -14.97 -24.28 -15.47
CA LYS B 24 -14.40 -23.70 -16.68
C LYS B 24 -15.34 -22.65 -17.23
N ILE B 25 -14.80 -21.64 -17.89
CA ILE B 25 -15.63 -20.64 -18.55
C ILE B 25 -16.08 -21.16 -19.91
N VAL B 26 -17.38 -21.22 -20.11
CA VAL B 26 -17.92 -21.72 -21.38
C VAL B 26 -18.19 -20.55 -22.31
N SER B 27 -18.70 -19.46 -21.76
CA SER B 27 -19.03 -18.29 -22.57
C SER B 27 -18.76 -16.97 -21.84
N ALA B 28 -18.27 -16.00 -22.60
CA ALA B 28 -18.07 -14.64 -22.13
C ALA B 28 -18.67 -13.67 -23.16
N GLU B 29 -19.88 -13.17 -22.92
CA GLU B 29 -20.56 -12.33 -23.89
C GLU B 29 -20.81 -10.89 -23.42
N VAL B 30 -20.71 -9.97 -24.38
CA VAL B 30 -20.87 -8.55 -24.12
C VAL B 30 -22.20 -8.05 -24.65
N PHE B 31 -22.85 -7.22 -23.85
CA PHE B 31 -24.15 -6.66 -24.21
C PHE B 31 -24.12 -5.14 -24.18
N VAL B 32 -24.57 -4.52 -25.27
CA VAL B 32 -24.70 -3.07 -25.30
C VAL B 32 -26.16 -2.68 -25.39
N THR B 33 -26.61 -1.84 -24.47
CA THR B 33 -28.01 -1.49 -24.39
C THR B 33 -28.13 -0.02 -23.99
N CYS B 34 -29.27 0.59 -24.29
CA CYS B 34 -29.43 2.01 -23.99
C CYS B 34 -30.74 2.31 -23.27
N PRO B 35 -30.98 1.61 -22.16
CA PRO B 35 -32.22 1.79 -21.42
C PRO B 35 -32.33 3.17 -20.82
N GLY B 36 -32.17 4.20 -21.65
CA GLY B 36 -32.25 5.58 -21.19
C GLY B 36 -30.87 6.24 -21.24
N ARG B 37 -29.84 5.41 -21.26
CA ARG B 37 -28.47 5.84 -21.54
C ARG B 37 -27.69 4.58 -21.85
N ASN B 38 -26.48 4.72 -22.39
CA ASN B 38 -25.70 3.57 -22.82
C ASN B 38 -25.03 2.81 -21.66
N PHE B 39 -25.13 1.49 -21.72
CA PHE B 39 -24.45 0.59 -20.78
C PHE B 39 -23.85 -0.59 -21.52
N VAL B 40 -22.65 -0.98 -21.12
CA VAL B 40 -22.01 -2.15 -21.67
C VAL B 40 -21.79 -3.15 -20.55
N THR B 41 -22.27 -4.37 -20.79
CA THR B 41 -22.29 -5.41 -19.78
C THR B 41 -21.55 -6.66 -20.25
N LEU B 42 -20.86 -7.31 -19.31
CA LEU B 42 -20.18 -8.57 -19.56
C LEU B 42 -20.92 -9.68 -18.82
N LYS B 43 -21.07 -10.83 -19.47
CA LYS B 43 -21.70 -11.99 -18.85
C LYS B 43 -20.80 -13.21 -19.02
N ILE B 44 -20.33 -13.73 -17.89
CA ILE B 44 -19.48 -14.91 -17.91
C ILE B 44 -20.35 -16.07 -17.43
N THR B 45 -20.18 -17.23 -18.08
CA THR B 45 -20.94 -18.43 -17.73
C THR B 45 -19.98 -19.62 -17.59
N THR B 46 -20.12 -20.38 -16.52
CA THR B 46 -19.24 -21.53 -16.27
C THR B 46 -19.89 -22.84 -16.72
N ASP B 47 -19.06 -23.87 -16.88
CA ASP B 47 -19.54 -25.18 -17.32
C ASP B 47 -20.52 -25.75 -16.32
N SER B 48 -20.68 -25.05 -15.20
CA SER B 48 -21.49 -25.55 -14.09
C SER B 48 -22.82 -24.84 -13.99
N GLY B 49 -23.06 -23.89 -14.89
CA GLY B 49 -24.30 -23.12 -14.88
C GLY B 49 -24.17 -21.73 -14.28
N LEU B 50 -23.18 -21.52 -13.43
CA LEU B 50 -23.00 -20.21 -12.78
C LEU B 50 -22.70 -19.09 -13.77
N THR B 51 -23.38 -17.96 -13.56
CA THR B 51 -23.14 -16.77 -14.36
C THR B 51 -22.63 -15.62 -13.47
N GLY B 52 -21.76 -14.79 -14.03
CA GLY B 52 -21.29 -13.58 -13.36
C GLY B 52 -21.47 -12.37 -14.25
N LEU B 53 -21.89 -11.25 -13.67
CA LEU B 53 -22.09 -10.00 -14.39
C LEU B 53 -21.05 -8.94 -14.01
N GLY B 54 -20.63 -8.16 -15.02
CA GLY B 54 -19.69 -7.06 -14.81
C GLY B 54 -19.98 -5.87 -15.69
N ASP B 55 -19.79 -4.67 -15.13
CA ASP B 55 -19.99 -3.42 -15.89
C ASP B 55 -18.71 -3.06 -16.64
N ALA B 56 -18.88 -2.57 -17.86
CA ALA B 56 -17.73 -2.17 -18.66
C ALA B 56 -17.95 -0.77 -19.24
N THR B 57 -18.95 -0.08 -18.72
CA THR B 57 -19.37 1.20 -19.27
C THR B 57 -18.32 2.29 -19.09
N LEU B 58 -17.94 2.89 -20.22
CA LEU B 58 -17.06 4.04 -20.27
C LEU B 58 -17.77 5.17 -21.00
N ASN B 59 -18.32 6.11 -20.23
CA ASN B 59 -19.16 7.16 -20.81
C ASN B 59 -18.51 7.87 -22.00
N GLY B 60 -19.19 7.80 -23.14
CA GLY B 60 -18.75 8.53 -24.33
C GLY B 60 -17.74 7.78 -25.17
N ARG B 61 -17.24 6.68 -24.65
CA ARG B 61 -16.29 5.86 -25.38
C ARG B 61 -16.62 4.40 -25.09
N GLU B 62 -17.91 4.09 -25.16
CA GLU B 62 -18.43 2.79 -24.78
C GLU B 62 -17.98 1.67 -25.70
N LEU B 63 -17.91 1.92 -27.00
CA LEU B 63 -17.78 0.83 -27.96
C LEU B 63 -16.37 0.27 -28.04
N PRO B 64 -15.36 1.14 -27.86
CA PRO B 64 -14.00 0.61 -27.77
C PRO B 64 -13.81 -0.40 -26.64
N VAL B 65 -14.58 -0.28 -25.58
CA VAL B 65 -14.52 -1.30 -24.53
C VAL B 65 -15.26 -2.56 -24.99
N ALA B 66 -16.41 -2.37 -25.65
CA ALA B 66 -17.14 -3.47 -26.28
C ALA B 66 -16.18 -4.31 -27.09
N SER B 67 -15.45 -3.68 -28.00
CA SER B 67 -14.45 -4.36 -28.82
C SER B 67 -13.32 -4.99 -27.99
N TYR B 68 -12.85 -4.29 -26.96
CA TYR B 68 -11.73 -4.79 -26.19
C TYR B 68 -12.10 -6.14 -25.60
N LEU B 69 -13.32 -6.24 -25.08
CA LEU B 69 -13.83 -7.49 -24.54
C LEU B 69 -14.17 -8.47 -25.68
N ASN B 70 -15.23 -8.17 -26.42
CA ASN B 70 -15.68 -9.02 -27.54
C ASN B 70 -14.56 -9.57 -28.37
N ASP B 71 -13.80 -8.68 -28.98
CA ASP B 71 -12.83 -9.05 -30.01
C ASP B 71 -11.52 -9.59 -29.47
N HIS B 72 -11.25 -9.42 -28.18
CA HIS B 72 -9.92 -9.70 -27.67
C HIS B 72 -9.88 -10.51 -26.38
N VAL B 73 -10.45 -9.95 -25.32
CA VAL B 73 -10.38 -10.58 -24.00
C VAL B 73 -11.30 -11.79 -23.86
N CYS B 74 -12.53 -11.66 -24.35
CA CYS B 74 -13.55 -12.70 -24.13
C CYS B 74 -13.12 -14.06 -24.70
N PRO B 75 -12.63 -14.07 -25.94
CA PRO B 75 -12.16 -15.31 -26.55
C PRO B 75 -11.07 -15.99 -25.74
N GLN B 76 -10.23 -15.20 -25.07
CA GLN B 76 -9.13 -15.75 -24.30
C GLN B 76 -9.55 -16.14 -22.88
N LEU B 77 -10.78 -15.80 -22.53
CA LEU B 77 -11.38 -16.23 -21.27
C LEU B 77 -11.93 -17.66 -21.38
N ILE B 78 -12.40 -18.01 -22.57
CA ILE B 78 -13.05 -19.30 -22.80
C ILE B 78 -12.15 -20.47 -22.42
N GLY B 79 -12.65 -21.35 -21.56
CA GLY B 79 -11.91 -22.55 -21.19
C GLY B 79 -11.10 -22.43 -19.91
N ARG B 80 -10.97 -21.20 -19.40
CA ARG B 80 -10.18 -20.97 -18.21
CA ARG B 80 -10.18 -20.97 -18.21
C ARG B 80 -10.94 -21.28 -16.93
N ASP B 81 -10.21 -21.53 -15.86
CA ASP B 81 -10.79 -21.79 -14.56
C ASP B 81 -11.28 -20.46 -13.97
N ALA B 82 -12.60 -20.32 -13.78
CA ALA B 82 -13.17 -19.07 -13.30
C ALA B 82 -12.78 -18.75 -11.86
N HIS B 83 -12.03 -19.64 -11.22
CA HIS B 83 -11.60 -19.47 -9.83
C HIS B 83 -10.32 -18.64 -9.74
N GLN B 84 -9.62 -18.52 -10.85
CA GLN B 84 -8.31 -17.91 -10.88
CA GLN B 84 -8.31 -17.91 -10.88
C GLN B 84 -8.41 -16.43 -11.23
N ILE B 85 -9.15 -15.70 -10.39
CA ILE B 85 -9.39 -14.29 -10.55
C ILE B 85 -8.07 -13.54 -10.65
N GLU B 86 -7.16 -13.83 -9.74
CA GLU B 86 -5.89 -13.10 -9.68
C GLU B 86 -5.06 -13.35 -10.92
N ASP B 87 -4.96 -14.60 -11.33
CA ASP B 87 -4.13 -14.93 -12.48
C ASP B 87 -4.70 -14.28 -13.73
N ILE B 88 -6.02 -14.24 -13.82
CA ILE B 88 -6.71 -13.67 -14.98
C ILE B 88 -6.50 -12.15 -15.04
N TRP B 89 -6.68 -11.47 -13.92
CA TRP B 89 -6.42 -10.05 -13.82
C TRP B 89 -5.01 -9.77 -14.32
N GLN B 90 -4.04 -10.47 -13.76
CA GLN B 90 -2.64 -10.27 -14.12
C GLN B 90 -2.38 -10.61 -15.58
N TYR B 91 -3.04 -11.66 -16.06
CA TYR B 91 -2.86 -12.10 -17.44
C TYR B 91 -3.28 -10.98 -18.40
N PHE B 92 -4.45 -10.40 -18.16
CA PHE B 92 -4.91 -9.34 -19.04
C PHE B 92 -4.28 -7.98 -18.73
N TYR B 93 -3.89 -7.73 -17.49
CA TYR B 93 -3.27 -6.41 -17.17
C TYR B 93 -1.88 -6.33 -17.75
N LYS B 94 -1.05 -7.32 -17.42
CA LYS B 94 0.31 -7.37 -17.92
C LYS B 94 0.37 -7.91 -19.35
N GLY B 95 -0.55 -8.80 -19.67
CA GLY B 95 -0.54 -9.50 -20.96
C GLY B 95 -0.84 -8.60 -22.14
N ALA B 96 -1.64 -7.57 -21.90
CA ALA B 96 -1.98 -6.57 -22.93
C ALA B 96 -0.74 -5.88 -23.48
N TYR B 97 0.33 -5.95 -22.70
CA TYR B 97 1.59 -5.29 -23.00
C TYR B 97 1.50 -3.76 -22.90
N TRP B 98 0.47 -3.19 -23.52
CA TRP B 98 0.18 -1.77 -23.39
C TRP B 98 -0.70 -1.64 -22.16
N ARG B 99 -0.16 -1.04 -21.10
CA ARG B 99 -0.77 -1.18 -19.78
C ARG B 99 -1.74 -0.07 -19.39
N ARG B 100 -2.72 -0.48 -18.59
CA ARG B 100 -3.83 0.34 -18.11
C ARG B 100 -4.40 1.32 -19.12
N GLY B 101 -5.05 2.37 -18.62
CA GLY B 101 -5.79 3.27 -19.50
C GLY B 101 -7.28 3.07 -19.30
N PRO B 102 -8.09 4.01 -19.80
CA PRO B 102 -9.51 3.89 -19.48
C PRO B 102 -10.19 2.71 -20.18
N VAL B 103 -9.91 2.50 -21.47
CA VAL B 103 -10.54 1.40 -22.21
C VAL B 103 -10.07 0.06 -21.67
N THR B 104 -8.75 -0.13 -21.59
CA THR B 104 -8.16 -1.34 -21.02
C THR B 104 -8.73 -1.72 -19.67
N MET B 105 -8.75 -0.76 -18.74
CA MET B 105 -9.17 -1.06 -17.36
C MET B 105 -10.67 -1.26 -17.23
N SER B 106 -11.44 -0.62 -18.11
CA SER B 106 -12.87 -0.85 -18.08
C SER B 106 -13.15 -2.32 -18.42
N ALA B 107 -12.45 -2.82 -19.44
CA ALA B 107 -12.49 -4.22 -19.83
C ALA B 107 -12.02 -5.18 -18.72
N ILE B 108 -10.84 -4.93 -18.17
CA ILE B 108 -10.29 -5.78 -17.11
C ILE B 108 -11.19 -5.81 -15.89
N SER B 109 -11.80 -4.67 -15.58
CA SER B 109 -12.65 -4.56 -14.40
C SER B 109 -13.98 -5.30 -14.54
N ALA B 110 -14.53 -5.26 -15.76
CA ALA B 110 -15.74 -6.01 -16.09
C ALA B 110 -15.49 -7.48 -15.78
N VAL B 111 -14.42 -8.02 -16.35
CA VAL B 111 -14.07 -9.40 -16.11
C VAL B 111 -13.95 -9.69 -14.61
N ASP B 112 -13.20 -8.84 -13.90
CA ASP B 112 -12.89 -9.07 -12.49
C ASP B 112 -14.13 -9.06 -11.60
N MET B 113 -14.98 -8.07 -11.84
CA MET B 113 -16.23 -7.91 -11.15
C MET B 113 -17.10 -9.17 -11.33
N ALA B 114 -17.06 -9.73 -12.53
CA ALA B 114 -17.92 -10.85 -12.89
C ALA B 114 -17.41 -12.16 -12.28
N LEU B 115 -16.09 -12.35 -12.27
CA LEU B 115 -15.48 -13.50 -11.58
C LEU B 115 -15.72 -13.51 -10.07
N TRP B 116 -15.78 -12.34 -9.44
CA TRP B 116 -16.09 -12.28 -8.00
C TRP B 116 -17.58 -12.55 -7.77
N ASP B 117 -18.41 -12.22 -8.76
CA ASP B 117 -19.83 -12.54 -8.68
C ASP B 117 -19.94 -14.05 -8.64
N ILE B 118 -19.22 -14.70 -9.57
CA ILE B 118 -19.19 -16.14 -9.70
C ILE B 118 -18.62 -16.82 -8.44
N LYS B 119 -17.43 -16.39 -8.01
CA LYS B 119 -16.78 -16.93 -6.82
C LYS B 119 -17.71 -16.91 -5.59
N ALA B 120 -18.40 -15.79 -5.37
CA ALA B 120 -19.26 -15.67 -4.19
C ALA B 120 -20.58 -16.42 -4.37
N LYS B 121 -21.07 -16.54 -5.60
CA LYS B 121 -22.22 -17.40 -5.86
C LYS B 121 -21.77 -18.82 -5.52
N ALA B 122 -20.65 -19.23 -6.11
CA ALA B 122 -20.06 -20.53 -5.84
C ALA B 122 -19.87 -20.79 -4.36
N ALA B 123 -19.52 -19.77 -3.59
CA ALA B 123 -19.30 -19.93 -2.15
C ALA B 123 -20.62 -19.73 -1.43
N ASN B 124 -21.65 -19.43 -2.22
CA ASN B 124 -22.97 -19.19 -1.68
C ASN B 124 -22.96 -18.08 -0.64
N MET B 125 -22.40 -16.94 -1.00
CA MET B 125 -22.34 -15.79 -0.09
C MET B 125 -22.54 -14.48 -0.82
N PRO B 126 -23.20 -13.51 -0.17
CA PRO B 126 -23.05 -12.16 -0.69
C PRO B 126 -21.56 -11.81 -0.71
N LEU B 127 -21.10 -11.16 -1.77
CA LEU B 127 -19.69 -10.86 -1.95
C LEU B 127 -19.02 -10.25 -0.70
N TYR B 128 -19.69 -9.31 -0.03
CA TYR B 128 -18.98 -8.59 1.02
C TYR B 128 -18.43 -9.59 2.03
N GLN B 129 -19.05 -10.77 2.11
CA GLN B 129 -18.62 -11.77 3.07
C GLN B 129 -17.24 -12.27 2.72
N LEU B 130 -16.97 -12.35 1.43
CA LEU B 130 -15.67 -12.82 0.94
C LEU B 130 -14.56 -11.78 1.10
N LEU B 131 -14.95 -10.51 1.21
CA LEU B 131 -13.98 -9.43 1.28
C LEU B 131 -13.45 -9.28 2.70
N GLY B 132 -14.15 -9.87 3.65
CA GLY B 132 -13.77 -9.81 5.05
C GLY B 132 -14.94 -9.47 5.97
N GLY B 133 -16.14 -9.50 5.41
CA GLY B 133 -17.33 -9.27 6.21
C GLY B 133 -17.66 -7.80 6.31
N ALA B 134 -18.77 -7.48 6.98
CA ALA B 134 -19.23 -6.11 7.14
C ALA B 134 -18.42 -5.37 8.18
N SER B 135 -18.20 -4.07 7.93
CA SER B 135 -17.52 -3.20 8.88
C SER B 135 -18.51 -2.16 9.38
N ARG B 136 -19.67 -2.11 8.73
CA ARG B 136 -20.68 -1.12 9.09
C ARG B 136 -22.06 -1.70 8.83
N THR B 137 -23.09 -1.04 9.37
CA THR B 137 -24.47 -1.49 9.23
C THR B 137 -25.10 -1.01 7.93
N GLY B 138 -24.53 0.05 7.35
CA GLY B 138 -25.07 0.63 6.13
C GLY B 138 -24.05 1.55 5.50
N VAL B 139 -24.30 1.88 4.23
CA VAL B 139 -23.37 2.65 3.42
C VAL B 139 -23.93 4.05 3.19
N MET B 140 -23.30 5.06 3.77
CA MET B 140 -23.79 6.43 3.63
C MET B 140 -23.62 6.88 2.18
N VAL B 141 -24.67 7.45 1.60
CA VAL B 141 -24.60 7.93 0.22
C VAL B 141 -24.91 9.43 0.16
N TYR B 142 -24.53 10.06 -0.95
CA TYR B 142 -24.90 11.44 -1.16
C TYR B 142 -25.55 11.60 -2.52
N CYS B 143 -26.34 12.66 -2.64
CA CYS B 143 -27.08 12.96 -3.86
C CYS B 143 -26.75 14.39 -4.33
N HIS B 144 -27.27 14.75 -5.49
CA HIS B 144 -26.99 16.04 -6.09
C HIS B 144 -28.18 16.99 -5.99
N THR B 145 -27.92 18.25 -5.64
CA THR B 145 -28.97 19.26 -5.62
C THR B 145 -28.82 20.21 -6.81
N THR B 146 -29.85 20.26 -7.65
CA THR B 146 -29.84 21.11 -8.83
C THR B 146 -30.42 22.50 -8.54
N GLY B 147 -29.97 23.49 -9.31
CA GLY B 147 -30.47 24.85 -9.20
C GLY B 147 -29.82 25.83 -10.14
N HIS B 148 -30.59 26.86 -10.53
CA HIS B 148 -30.04 27.93 -11.35
C HIS B 148 -29.90 29.18 -10.48
N SER B 149 -30.45 29.12 -9.28
CA SER B 149 -30.26 30.19 -8.31
C SER B 149 -30.13 29.61 -6.91
N ILE B 150 -29.59 30.41 -6.00
CA ILE B 150 -29.44 29.98 -4.62
C ILE B 150 -30.75 29.39 -4.11
N ASP B 151 -31.85 30.10 -4.36
CA ASP B 151 -33.15 29.69 -3.85
C ASP B 151 -33.58 28.35 -4.41
N GLU B 152 -33.26 28.08 -5.68
CA GLU B 152 -33.56 26.78 -6.27
C GLU B 152 -32.77 25.65 -5.59
N VAL B 153 -31.47 25.89 -5.37
CA VAL B 153 -30.63 24.90 -4.74
C VAL B 153 -31.15 24.64 -3.32
N LEU B 154 -31.40 25.71 -2.58
CA LEU B 154 -31.90 25.56 -1.22
C LEU B 154 -33.13 24.65 -1.23
N ASP B 155 -33.91 24.72 -2.30
CA ASP B 155 -35.14 23.94 -2.41
C ASP B 155 -34.84 22.46 -2.64
N ASP B 156 -33.93 22.17 -3.57
CA ASP B 156 -33.59 20.80 -3.85
C ASP B 156 -32.87 20.19 -2.64
N TYR B 157 -32.21 21.04 -1.87
CA TYR B 157 -31.48 20.62 -0.66
C TYR B 157 -32.46 20.14 0.42
N ALA B 158 -33.42 20.99 0.75
CA ALA B 158 -34.52 20.62 1.64
C ALA B 158 -35.12 19.31 1.19
N LYS B 159 -35.44 19.26 -0.10
CA LYS B 159 -36.05 18.09 -0.73
C LYS B 159 -35.27 16.81 -0.46
N HIS B 160 -33.94 16.90 -0.43
CA HIS B 160 -33.10 15.72 -0.25
C HIS B 160 -32.89 15.40 1.21
N ARG B 161 -32.72 16.42 2.05
CA ARG B 161 -32.65 16.18 3.48
C ARG B 161 -33.93 15.47 3.92
N ASP B 162 -35.06 15.93 3.38
CA ASP B 162 -36.36 15.33 3.66
C ASP B 162 -36.40 13.86 3.25
N GLN B 163 -35.76 13.52 2.14
CA GLN B 163 -35.69 12.12 1.72
C GLN B 163 -34.71 11.30 2.56
N GLY B 164 -34.13 11.91 3.60
CA GLY B 164 -33.27 11.18 4.52
C GLY B 164 -31.76 11.25 4.26
N PHE B 165 -31.35 12.00 3.24
CA PHE B 165 -29.91 12.08 2.92
C PHE B 165 -29.14 12.82 4.01
N LYS B 166 -28.00 12.23 4.40
CA LYS B 166 -27.17 12.87 5.41
C LYS B 166 -26.04 13.64 4.74
N ALA B 167 -25.83 13.35 3.46
CA ALA B 167 -24.80 14.01 2.67
C ALA B 167 -25.41 14.55 1.40
N ILE B 168 -25.13 15.82 1.11
CA ILE B 168 -25.69 16.47 -0.05
C ILE B 168 -24.65 17.29 -0.82
N ARG B 169 -24.56 17.04 -2.12
CA ARG B 169 -23.63 17.75 -2.98
C ARG B 169 -24.29 18.95 -3.63
N VAL B 170 -23.75 20.13 -3.36
CA VAL B 170 -24.35 21.37 -3.78
C VAL B 170 -23.62 21.99 -4.98
N GLN B 171 -24.36 22.19 -6.08
CA GLN B 171 -23.90 22.90 -7.26
C GLN B 171 -24.99 23.89 -7.72
N CYS B 172 -24.60 25.07 -8.20
CA CYS B 172 -25.57 26.03 -8.75
C CYS B 172 -25.66 25.86 -10.27
N GLY B 197 -27.14 13.38 -28.90
CA GLY B 197 -26.71 13.89 -30.20
C GLY B 197 -25.50 13.12 -30.70
N SER B 198 -24.83 13.69 -31.69
CA SER B 198 -23.60 13.09 -32.22
C SER B 198 -22.41 13.99 -31.91
N LEU B 199 -22.69 15.15 -31.32
CA LEU B 199 -21.66 16.14 -31.05
C LEU B 199 -21.72 16.65 -29.62
N PRO B 200 -20.59 16.58 -28.91
CA PRO B 200 -20.53 17.11 -27.56
C PRO B 200 -21.04 18.55 -27.49
N GLU B 201 -21.88 18.83 -26.52
CA GLU B 201 -22.22 20.19 -26.19
C GLU B 201 -20.98 20.94 -25.72
N GLU B 202 -20.82 22.18 -26.18
CA GLU B 202 -19.71 22.98 -25.74
C GLU B 202 -20.20 24.01 -24.72
N GLN B 203 -19.52 24.05 -23.58
CA GLN B 203 -19.93 24.94 -22.50
C GLN B 203 -18.89 26.00 -22.23
N LEU B 204 -19.35 27.23 -22.04
CA LEU B 204 -18.47 28.36 -21.79
C LEU B 204 -18.10 28.37 -20.32
N TRP B 205 -16.81 28.57 -20.03
CA TRP B 205 -16.39 28.54 -18.62
C TRP B 205 -15.68 29.82 -18.23
N SER B 206 -15.92 30.25 -16.99
CA SER B 206 -15.21 31.39 -16.44
C SER B 206 -14.83 31.17 -14.96
N THR B 207 -13.53 31.06 -14.72
CA THR B 207 -13.03 30.74 -13.38
C THR B 207 -13.27 31.87 -12.39
N GLU B 208 -12.99 33.08 -12.84
CA GLU B 208 -13.06 34.26 -11.99
C GLU B 208 -14.48 34.49 -11.43
N LYS B 209 -15.50 34.32 -12.28
CA LYS B 209 -16.90 34.40 -11.85
C LYS B 209 -17.24 33.32 -10.82
N TYR B 210 -16.74 32.11 -11.07
CA TYR B 210 -16.96 30.98 -10.16
C TYR B 210 -16.34 31.29 -8.81
N LEU B 211 -15.10 31.75 -8.81
CA LEU B 211 -14.43 32.08 -7.56
C LEU B 211 -15.22 33.12 -6.79
N ASP B 212 -15.69 34.15 -7.48
CA ASP B 212 -16.35 35.28 -6.82
C ASP B 212 -17.74 34.95 -6.29
N PHE B 213 -18.44 34.00 -6.92
CA PHE B 213 -19.84 33.74 -6.57
C PHE B 213 -20.06 32.50 -5.69
N THR B 214 -19.32 31.43 -5.97
CA THR B 214 -19.70 30.11 -5.47
C THR B 214 -19.73 30.02 -3.95
N PRO B 215 -18.88 30.80 -3.27
CA PRO B 215 -18.87 30.77 -1.81
C PRO B 215 -20.15 31.29 -1.14
N LYS B 216 -20.86 32.20 -1.81
CA LYS B 216 -22.09 32.77 -1.27
C LYS B 216 -23.15 31.68 -1.23
N LEU B 217 -23.03 30.74 -2.15
CA LEU B 217 -23.96 29.62 -2.24
C LEU B 217 -23.91 28.79 -0.97
N PHE B 218 -22.69 28.45 -0.53
CA PHE B 218 -22.50 27.65 0.66
C PHE B 218 -22.90 28.43 1.90
N GLU B 219 -22.59 29.72 1.93
CA GLU B 219 -23.02 30.58 3.02
C GLU B 219 -24.54 30.49 3.13
N ALA B 220 -25.22 30.54 2.00
CA ALA B 220 -26.69 30.49 1.99
C ALA B 220 -27.15 29.18 2.61
N VAL B 221 -26.59 28.08 2.13
CA VAL B 221 -26.98 26.76 2.57
C VAL B 221 -26.77 26.59 4.08
N ARG B 222 -25.62 27.00 4.61
CA ARG B 222 -25.39 26.90 6.04
C ARG B 222 -26.25 27.88 6.85
N ASP B 223 -26.58 29.02 6.25
CA ASP B 223 -27.41 30.00 6.97
C ASP B 223 -28.80 29.44 7.21
N LYS B 224 -29.33 28.74 6.21
CA LYS B 224 -30.68 28.23 6.29
C LYS B 224 -30.73 26.89 6.99
N PHE B 225 -29.77 26.01 6.70
CA PHE B 225 -29.90 24.62 7.14
C PHE B 225 -28.91 24.26 8.25
N GLY B 226 -28.11 25.21 8.69
CA GLY B 226 -27.10 24.92 9.70
C GLY B 226 -26.10 23.87 9.22
N PHE B 227 -25.44 23.20 10.16
CA PHE B 227 -24.31 22.35 9.87
C PHE B 227 -24.57 20.87 10.14
N ASN B 228 -25.79 20.43 9.86
CA ASN B 228 -26.19 19.06 10.18
C ASN B 228 -25.81 18.06 9.10
N GLU B 229 -26.03 18.41 7.84
CA GLU B 229 -25.68 17.51 6.75
C GLU B 229 -24.23 17.72 6.30
N HIS B 230 -23.65 16.70 5.71
CA HIS B 230 -22.35 16.86 5.09
C HIS B 230 -22.58 17.59 3.79
N LEU B 231 -21.79 18.62 3.57
CA LEU B 231 -21.89 19.44 2.37
C LEU B 231 -20.70 19.16 1.44
N LEU B 232 -21.00 18.62 0.25
CA LEU B 232 -19.99 18.25 -0.72
C LEU B 232 -20.05 19.16 -1.93
N HIS B 233 -18.97 19.23 -2.71
CA HIS B 233 -18.94 20.10 -3.90
C HIS B 233 -17.90 19.65 -4.92
N ASP B 234 -18.30 19.71 -6.18
CA ASP B 234 -17.51 19.25 -7.27
C ASP B 234 -17.01 20.45 -8.04
N MET B 235 -15.70 20.50 -8.27
CA MET B 235 -15.05 21.62 -8.95
C MET B 235 -14.81 21.33 -10.42
N HIS B 236 -15.03 20.08 -10.81
CA HIS B 236 -15.02 19.69 -12.23
C HIS B 236 -13.74 20.06 -12.99
N HIS B 237 -12.61 19.99 -12.28
CA HIS B 237 -11.28 20.18 -12.87
C HIS B 237 -11.03 21.54 -13.48
N ARG B 238 -11.75 22.57 -13.05
CA ARG B 238 -11.73 23.84 -13.76
C ARG B 238 -10.63 24.80 -13.36
N LEU B 239 -10.00 24.60 -12.20
CA LEU B 239 -9.06 25.59 -11.68
C LEU B 239 -7.61 25.13 -11.78
N THR B 240 -6.70 26.09 -11.76
CA THR B 240 -5.29 25.80 -11.56
C THR B 240 -5.08 25.64 -10.09
N PRO B 241 -3.90 25.15 -9.69
CA PRO B 241 -3.64 24.87 -8.30
C PRO B 241 -3.76 26.07 -7.38
N ILE B 242 -3.21 27.22 -7.75
CA ILE B 242 -3.26 28.38 -6.83
C ILE B 242 -4.68 28.95 -6.74
N GLU B 243 -5.45 28.79 -7.81
CA GLU B 243 -6.88 29.12 -7.82
C GLU B 243 -7.67 28.24 -6.86
N ALA B 244 -7.42 26.93 -6.94
CA ALA B 244 -7.99 25.95 -6.01
C ALA B 244 -7.59 26.22 -4.56
N ALA B 245 -6.37 26.69 -4.36
CA ALA B 245 -5.92 27.06 -3.02
C ALA B 245 -6.81 28.17 -2.50
N ARG B 246 -7.01 29.18 -3.33
CA ARG B 246 -7.83 30.33 -2.97
C ARG B 246 -9.27 29.89 -2.70
N PHE B 247 -9.79 29.05 -3.58
CA PHE B 247 -11.17 28.61 -3.44
C PHE B 247 -11.34 27.89 -2.12
N GLY B 248 -10.43 26.96 -1.86
CA GLY B 248 -10.47 26.18 -0.64
C GLY B 248 -10.49 27.07 0.58
N LYS B 249 -9.63 28.07 0.59
CA LYS B 249 -9.56 28.98 1.72
C LYS B 249 -10.88 29.73 1.83
N SER B 250 -11.46 30.10 0.69
CA SER B 250 -12.68 30.90 0.66
C SER B 250 -13.88 30.15 1.21
N VAL B 251 -13.84 28.82 1.22
CA VAL B 251 -14.96 28.06 1.75
C VAL B 251 -14.68 27.39 3.10
N GLU B 252 -13.61 27.78 3.77
CA GLU B 252 -13.28 27.10 5.01
C GLU B 252 -14.36 27.27 6.09
N ASP B 253 -15.03 28.41 6.10
CA ASP B 253 -16.03 28.70 7.14
C ASP B 253 -17.22 27.74 7.08
N TYR B 254 -17.50 27.25 5.88
CA TYR B 254 -18.65 26.38 5.64
C TYR B 254 -18.36 24.86 5.85
N ARG B 255 -17.15 24.54 6.28
CA ARG B 255 -16.77 23.16 6.64
C ARG B 255 -17.31 22.11 5.68
N LEU B 256 -16.83 22.14 4.44
CA LEU B 256 -17.26 21.17 3.46
C LEU B 256 -16.73 19.77 3.80
N PHE B 257 -17.55 18.76 3.49
CA PHE B 257 -17.13 17.38 3.52
C PHE B 257 -15.90 17.24 2.61
N TRP B 258 -16.00 17.84 1.43
CA TRP B 258 -14.89 17.84 0.52
C TRP B 258 -15.14 18.82 -0.61
N MET B 259 -14.05 19.28 -1.23
CA MET B 259 -14.09 19.86 -2.57
C MET B 259 -13.40 18.87 -3.50
N GLU B 260 -14.05 18.61 -4.62
CA GLU B 260 -13.71 17.50 -5.47
C GLU B 260 -13.16 17.98 -6.80
N ASP B 261 -12.12 17.33 -7.27
CA ASP B 261 -11.57 17.56 -8.58
C ASP B 261 -11.20 19.02 -8.81
N PRO B 262 -10.39 19.56 -7.93
CA PRO B 262 -10.01 20.97 -7.97
C PRO B 262 -9.27 21.39 -9.24
N THR B 263 -8.40 20.50 -9.73
CA THR B 263 -7.50 20.81 -10.82
C THR B 263 -7.13 19.49 -11.50
N PRO B 264 -6.90 19.51 -12.81
CA PRO B 264 -6.50 18.23 -13.41
C PRO B 264 -5.32 17.62 -12.68
N ALA B 265 -5.25 16.29 -12.60
CA ALA B 265 -4.28 15.63 -11.74
C ALA B 265 -3.33 14.66 -12.46
N GLU B 266 -3.15 14.84 -13.77
CA GLU B 266 -2.14 14.08 -14.47
C GLU B 266 -0.77 14.37 -13.84
N ASN B 267 -0.56 15.62 -13.50
CA ASN B 267 0.61 15.97 -12.69
C ASN B 267 0.19 15.98 -11.22
N GLN B 268 0.39 14.87 -10.55
CA GLN B 268 -0.07 14.72 -9.17
C GLN B 268 0.51 15.77 -8.24
N ALA B 269 1.68 16.31 -8.58
CA ALA B 269 2.33 17.29 -7.71
C ALA B 269 1.53 18.59 -7.69
N CYS B 270 0.62 18.73 -8.66
CA CYS B 270 -0.15 19.96 -8.79
C CYS B 270 -1.08 20.17 -7.60
N PHE B 271 -1.32 19.12 -6.82
CA PHE B 271 -2.16 19.24 -5.63
C PHE B 271 -1.39 19.76 -4.41
N ARG B 272 -0.08 19.89 -4.52
CA ARG B 272 0.71 20.31 -3.36
C ARG B 272 0.35 21.73 -2.92
N LEU B 273 0.18 22.62 -3.89
CA LEU B 273 -0.12 24.01 -3.62
C LEU B 273 -1.48 24.16 -2.95
N ILE B 274 -2.46 23.38 -3.38
CA ILE B 274 -3.77 23.44 -2.75
C ILE B 274 -3.64 23.05 -1.28
N ARG B 275 -2.93 21.96 -1.08
CA ARG B 275 -2.90 21.31 0.20
C ARG B 275 -2.17 22.15 1.23
N GLN B 276 -1.18 22.93 0.79
CA GLN B 276 -0.44 23.72 1.75
C GLN B 276 -1.17 25.00 2.10
N HIS B 277 -2.24 25.33 1.37
CA HIS B 277 -2.94 26.60 1.62
C HIS B 277 -4.33 26.52 2.25
N THR B 278 -4.96 25.35 2.22
CA THR B 278 -6.31 25.24 2.76
C THR B 278 -6.50 23.97 3.57
N VAL B 279 -7.37 24.05 4.57
CA VAL B 279 -7.79 22.86 5.33
C VAL B 279 -9.13 22.33 4.85
N THR B 280 -9.67 22.86 3.75
CA THR B 280 -10.84 22.23 3.11
C THR B 280 -10.43 20.87 2.52
N PRO B 281 -11.13 19.79 2.94
CA PRO B 281 -10.83 18.44 2.47
C PRO B 281 -10.93 18.34 0.97
N ILE B 282 -10.17 17.43 0.39
CA ILE B 282 -10.04 17.29 -1.03
C ILE B 282 -10.38 15.88 -1.47
N ALA B 283 -11.15 15.76 -2.55
CA ALA B 283 -11.51 14.45 -3.08
C ALA B 283 -11.17 14.44 -4.53
N VAL B 284 -10.78 13.27 -5.05
CA VAL B 284 -10.44 13.17 -6.44
C VAL B 284 -10.42 11.73 -6.88
N GLY B 285 -10.52 11.48 -8.18
CA GLY B 285 -10.24 10.14 -8.69
C GLY B 285 -11.23 9.50 -9.63
N GLU B 286 -12.39 10.12 -9.84
CA GLU B 286 -13.38 9.47 -10.70
C GLU B 286 -12.80 9.14 -12.06
N VAL B 287 -11.88 9.96 -12.56
CA VAL B 287 -11.34 9.73 -13.89
C VAL B 287 -10.10 8.81 -13.93
N PHE B 288 -9.68 8.33 -12.76
CA PHE B 288 -8.46 7.50 -12.68
C PHE B 288 -8.78 6.03 -12.99
N ASN B 289 -7.81 5.30 -13.50
CA ASN B 289 -8.04 3.89 -13.80
C ASN B 289 -7.02 2.98 -13.17
N SER B 290 -6.23 3.52 -12.25
CA SER B 290 -5.09 2.81 -11.74
C SER B 290 -4.55 3.46 -10.47
N ILE B 291 -3.93 2.63 -9.64
CA ILE B 291 -3.22 3.12 -8.47
C ILE B 291 -2.13 4.08 -8.91
N TRP B 292 -1.62 3.89 -10.12
CA TRP B 292 -0.52 4.70 -10.59
C TRP B 292 -0.98 6.15 -10.83
N ASP B 293 -2.29 6.33 -11.00
CA ASP B 293 -2.87 7.65 -11.19
C ASP B 293 -2.93 8.47 -9.91
N CYS B 294 -2.75 7.82 -8.77
CA CYS B 294 -3.02 8.49 -7.53
C CYS B 294 -2.07 8.15 -6.38
N LYS B 295 -1.05 7.35 -6.64
CA LYS B 295 -0.13 6.92 -5.59
C LYS B 295 0.60 8.10 -4.92
N GLN B 296 1.02 9.06 -5.72
CA GLN B 296 1.72 10.24 -5.19
C GLN B 296 0.76 11.15 -4.42
N LEU B 297 -0.44 11.34 -4.96
CA LEU B 297 -1.48 12.12 -4.25
C LEU B 297 -1.70 11.55 -2.85
N ILE B 298 -1.78 10.23 -2.76
CA ILE B 298 -2.01 9.58 -1.47
C ILE B 298 -0.80 9.61 -0.54
N GLU B 299 0.36 9.25 -1.05
CA GLU B 299 1.53 9.09 -0.19
C GLU B 299 2.07 10.42 0.32
N GLU B 300 1.82 11.49 -0.42
CA GLU B 300 2.16 12.84 0.01
C GLU B 300 1.02 13.50 0.80
N GLN B 301 -0.05 12.73 1.06
CA GLN B 301 -1.19 13.22 1.82
C GLN B 301 -1.77 14.50 1.25
N LEU B 302 -2.07 14.49 -0.05
CA LEU B 302 -2.65 15.66 -0.69
C LEU B 302 -4.16 15.55 -0.88
N ILE B 303 -4.72 14.39 -0.53
CA ILE B 303 -6.15 14.18 -0.68
C ILE B 303 -6.72 13.49 0.55
N ASP B 304 -8.02 13.64 0.75
CA ASP B 304 -8.69 13.01 1.87
C ASP B 304 -9.62 11.91 1.41
N TYR B 305 -10.02 11.93 0.14
CA TYR B 305 -10.92 10.91 -0.41
C TYR B 305 -10.48 10.49 -1.79
N ILE B 306 -10.42 9.18 -2.01
CA ILE B 306 -10.09 8.64 -3.32
C ILE B 306 -11.41 8.17 -3.97
N ARG B 307 -11.66 8.64 -5.18
CA ARG B 307 -12.97 8.45 -5.81
C ARG B 307 -13.01 7.41 -6.92
N THR B 308 -11.99 6.56 -6.96
CA THR B 308 -11.90 5.53 -7.98
C THR B 308 -13.07 4.55 -7.84
N THR B 309 -13.41 3.86 -8.94
CA THR B 309 -14.56 2.97 -8.96
C THR B 309 -14.28 1.56 -9.43
N ILE B 310 -15.19 0.66 -9.07
CA ILE B 310 -15.09 -0.73 -9.48
C ILE B 310 -14.93 -0.88 -10.99
N THR B 311 -15.71 -0.14 -11.77
CA THR B 311 -15.70 -0.33 -13.23
C THR B 311 -14.47 0.26 -13.92
N HIS B 312 -13.93 1.36 -13.41
CA HIS B 312 -12.87 2.04 -14.15
C HIS B 312 -11.44 1.82 -13.62
N ALA B 313 -11.32 1.34 -12.38
CA ALA B 313 -10.01 1.30 -11.71
C ALA B 313 -9.57 -0.11 -11.31
N GLY B 314 -10.10 -1.12 -12.00
CA GLY B 314 -9.53 -2.47 -11.93
C GLY B 314 -10.38 -3.49 -11.18
N GLY B 315 -11.66 -3.16 -10.99
CA GLY B 315 -12.60 -4.08 -10.35
C GLY B 315 -12.41 -4.20 -8.85
N ILE B 316 -12.97 -5.26 -8.28
CA ILE B 316 -12.82 -5.57 -6.88
C ILE B 316 -11.34 -5.73 -6.51
N THR B 317 -10.61 -6.43 -7.38
CA THR B 317 -9.24 -6.76 -7.13
C THR B 317 -8.39 -5.49 -7.01
N GLY B 318 -8.55 -4.59 -7.99
CA GLY B 318 -7.80 -3.36 -8.00
C GLY B 318 -8.23 -2.39 -6.91
N MET B 319 -9.54 -2.26 -6.72
CA MET B 319 -10.06 -1.32 -5.76
C MET B 319 -9.66 -1.69 -4.33
N ARG B 320 -9.56 -2.97 -4.06
CA ARG B 320 -9.16 -3.42 -2.75
C ARG B 320 -7.77 -2.87 -2.49
N ARG B 321 -6.88 -3.03 -3.46
CA ARG B 321 -5.50 -2.64 -3.30
C ARG B 321 -5.37 -1.13 -3.17
N ILE B 322 -6.15 -0.40 -3.96
CA ILE B 322 -6.16 1.05 -3.88
C ILE B 322 -6.60 1.51 -2.49
N ALA B 323 -7.70 0.95 -2.01
CA ALA B 323 -8.28 1.39 -0.75
C ALA B 323 -7.37 1.07 0.41
N ASP B 324 -6.76 -0.09 0.37
CA ASP B 324 -5.86 -0.54 1.41
C ASP B 324 -4.63 0.35 1.48
N PHE B 325 -4.14 0.76 0.32
CA PHE B 325 -2.98 1.65 0.25
C PHE B 325 -3.36 3.02 0.83
N ALA B 326 -4.52 3.49 0.41
CA ALA B 326 -5.05 4.77 0.90
C ALA B 326 -5.16 4.76 2.42
N SER B 327 -5.53 3.62 3.00
CA SER B 327 -5.76 3.59 4.44
C SER B 327 -4.50 3.89 5.26
N LEU B 328 -3.34 3.55 4.73
CA LEU B 328 -2.06 3.79 5.42
C LEU B 328 -1.87 5.28 5.69
N TYR B 329 -2.50 6.10 4.86
CA TYR B 329 -2.34 7.54 4.90
C TYR B 329 -3.61 8.23 5.38
N GLN B 330 -4.54 7.43 5.90
CA GLN B 330 -5.79 7.93 6.45
C GLN B 330 -6.64 8.56 5.37
N VAL B 331 -6.49 8.06 4.15
CA VAL B 331 -7.34 8.47 3.06
C VAL B 331 -8.54 7.52 2.97
N ARG B 332 -9.74 8.08 2.81
CA ARG B 332 -10.96 7.28 2.81
C ARG B 332 -11.56 7.17 1.42
N THR B 333 -12.42 6.20 1.24
CA THR B 333 -13.02 5.98 -0.08
C THR B 333 -14.21 6.92 -0.29
N GLY B 334 -14.39 7.41 -1.53
CA GLY B 334 -15.52 8.28 -1.87
C GLY B 334 -16.01 7.92 -3.26
N SER B 335 -16.24 6.64 -3.50
CA SER B 335 -16.45 6.15 -4.87
C SER B 335 -17.45 6.97 -5.71
N HIS B 336 -17.00 7.29 -6.92
CA HIS B 336 -17.80 7.89 -7.99
C HIS B 336 -18.96 6.95 -8.35
N GLY B 337 -20.17 7.50 -8.45
CA GLY B 337 -21.39 6.71 -8.57
C GLY B 337 -22.47 7.46 -9.34
N PRO B 338 -22.21 7.71 -10.62
CA PRO B 338 -23.12 8.42 -11.47
C PRO B 338 -24.04 7.42 -12.15
N SER B 339 -24.92 7.88 -13.04
CA SER B 339 -25.82 6.96 -13.73
C SER B 339 -25.10 6.25 -14.85
N ASP B 340 -23.94 6.79 -15.26
CA ASP B 340 -23.15 6.18 -16.33
C ASP B 340 -22.24 5.04 -15.85
N LEU B 341 -22.35 4.68 -14.57
CA LEU B 341 -21.85 3.37 -14.11
C LEU B 341 -23.07 2.50 -13.81
N SER B 342 -23.07 1.27 -14.33
CA SER B 342 -24.29 0.46 -14.36
C SER B 342 -24.67 -0.04 -12.99
N PRO B 343 -25.97 -0.37 -12.82
CA PRO B 343 -26.37 -0.93 -11.55
C PRO B 343 -25.50 -2.12 -11.13
N ILE B 344 -24.79 -2.72 -12.07
CA ILE B 344 -23.93 -3.85 -11.75
C ILE B 344 -22.74 -3.31 -10.96
N CYS B 345 -22.13 -2.23 -11.44
CA CYS B 345 -21.12 -1.53 -10.66
C CYS B 345 -21.71 -1.12 -9.30
N MET B 346 -22.92 -0.56 -9.30
CA MET B 346 -23.49 -0.11 -8.03
C MET B 346 -23.60 -1.28 -7.07
N ALA B 347 -24.00 -2.45 -7.57
CA ALA B 347 -24.06 -3.66 -6.76
C ALA B 347 -22.71 -3.94 -6.09
N ALA B 348 -21.67 -4.05 -6.90
CA ALA B 348 -20.32 -4.32 -6.40
C ALA B 348 -19.84 -3.23 -5.43
N ALA B 349 -20.04 -1.96 -5.80
CA ALA B 349 -19.62 -0.83 -4.97
C ALA B 349 -20.22 -0.90 -3.59
N LEU B 350 -21.47 -1.34 -3.51
CA LEU B 350 -22.16 -1.40 -2.24
C LEU B 350 -21.60 -2.57 -1.43
N HIS B 351 -21.23 -3.65 -2.10
CA HIS B 351 -20.61 -4.78 -1.41
C HIS B 351 -19.25 -4.35 -0.86
N PHE B 352 -18.45 -3.73 -1.72
CA PHE B 352 -17.17 -3.17 -1.34
C PHE B 352 -17.32 -2.19 -0.17
N ASP B 353 -18.25 -1.24 -0.30
CA ASP B 353 -18.38 -0.18 0.68
C ASP B 353 -18.75 -0.73 2.04
N LEU B 354 -19.43 -1.87 2.06
CA LEU B 354 -19.88 -2.43 3.33
C LEU B 354 -18.72 -3.03 4.11
N TRP B 355 -17.70 -3.54 3.41
CA TRP B 355 -16.55 -4.16 4.08
C TRP B 355 -15.41 -3.18 4.37
N VAL B 356 -15.10 -2.33 3.39
CA VAL B 356 -13.86 -1.58 3.37
C VAL B 356 -13.71 -0.73 4.63
N PRO B 357 -12.64 -0.98 5.38
CA PRO B 357 -12.44 -0.30 6.65
C PRO B 357 -12.45 1.23 6.54
N ASN B 358 -11.69 1.77 5.57
CA ASN B 358 -11.55 3.23 5.43
C ASN B 358 -12.59 3.84 4.49
N PHE B 359 -13.84 3.39 4.61
CA PHE B 359 -14.92 3.92 3.79
C PHE B 359 -15.23 5.35 4.21
N GLY B 360 -15.47 6.22 3.24
CA GLY B 360 -15.87 7.60 3.52
C GLY B 360 -17.32 7.89 3.13
N VAL B 361 -17.66 7.63 1.87
CA VAL B 361 -19.01 7.87 1.39
C VAL B 361 -19.16 7.26 0.02
N GLN B 362 -20.40 7.16 -0.42
CA GLN B 362 -20.66 6.58 -1.72
C GLN B 362 -21.59 7.52 -2.44
N GLU B 363 -21.20 7.89 -3.66
CA GLU B 363 -22.03 8.74 -4.49
C GLU B 363 -23.19 7.89 -5.01
N TYR B 364 -24.37 8.49 -5.07
CA TYR B 364 -25.54 7.83 -5.65
C TYR B 364 -26.32 8.84 -6.50
N MET B 365 -25.93 8.98 -7.77
CA MET B 365 -26.66 9.85 -8.67
C MET B 365 -28.05 9.29 -8.82
N GLY B 366 -28.13 7.97 -8.97
CA GLY B 366 -29.41 7.29 -9.09
C GLY B 366 -29.69 6.87 -10.51
N TYR B 367 -30.72 6.05 -10.68
CA TYR B 367 -31.12 5.57 -11.99
C TYR B 367 -32.61 5.84 -12.25
N SER B 368 -32.99 5.95 -13.52
CA SER B 368 -34.39 6.04 -13.88
C SER B 368 -34.99 4.65 -13.74
N GLU B 369 -36.30 4.58 -13.57
CA GLU B 369 -36.99 3.29 -13.46
C GLU B 369 -36.72 2.44 -14.68
N GLN B 370 -36.63 3.10 -15.84
CA GLN B 370 -36.39 2.40 -17.09
C GLN B 370 -35.05 1.70 -17.06
N MET B 371 -34.03 2.42 -16.58
CA MET B 371 -32.69 1.85 -16.49
C MET B 371 -32.67 0.65 -15.57
N LEU B 372 -33.21 0.81 -14.36
CA LEU B 372 -33.23 -0.26 -13.36
C LEU B 372 -33.91 -1.54 -13.86
N GLU B 373 -35.08 -1.40 -14.47
CA GLU B 373 -35.84 -2.54 -15.00
C GLU B 373 -34.90 -3.54 -15.67
N VAL B 374 -33.94 -3.01 -16.41
CA VAL B 374 -33.01 -3.83 -17.16
C VAL B 374 -32.05 -4.57 -16.24
N PHE B 375 -31.83 -3.99 -15.05
CA PHE B 375 -30.90 -4.58 -14.09
C PHE B 375 -31.63 -4.90 -12.79
N PRO B 376 -32.44 -5.97 -12.80
CA PRO B 376 -33.10 -6.41 -11.57
C PRO B 376 -32.11 -6.42 -10.40
N HIS B 377 -32.42 -5.66 -9.35
CA HIS B 377 -31.46 -5.42 -8.27
C HIS B 377 -32.05 -5.81 -6.91
N SER B 378 -31.18 -5.98 -5.92
CA SER B 378 -31.61 -6.42 -4.59
C SER B 378 -31.14 -5.53 -3.44
N TRP B 379 -30.45 -4.44 -3.76
CA TRP B 379 -29.91 -3.58 -2.71
C TRP B 379 -31.04 -2.78 -2.08
N THR B 380 -30.83 -2.32 -0.85
CA THR B 380 -31.83 -1.53 -0.17
C THR B 380 -31.31 -0.13 0.16
N PHE B 381 -32.24 0.77 0.47
CA PHE B 381 -31.90 2.13 0.87
C PHE B 381 -32.82 2.53 2.00
N ASP B 382 -32.28 3.17 3.03
CA ASP B 382 -33.13 3.65 4.11
C ASP B 382 -32.51 4.74 4.95
N ASN B 383 -33.13 5.92 4.89
CA ASN B 383 -32.71 7.03 5.72
C ASN B 383 -31.25 7.42 5.47
N GLY B 384 -30.86 7.41 4.20
CA GLY B 384 -29.56 7.93 3.78
C GLY B 384 -28.46 6.88 3.74
N TYR B 385 -28.84 5.62 3.92
CA TYR B 385 -27.89 4.51 3.93
C TYR B 385 -28.38 3.38 3.06
N MET B 386 -27.46 2.78 2.31
CA MET B 386 -27.81 1.69 1.42
C MET B 386 -27.15 0.44 1.94
N HIS B 387 -27.60 -0.71 1.44
CA HIS B 387 -27.05 -1.98 1.84
C HIS B 387 -27.17 -2.88 0.63
N PRO B 388 -26.14 -3.69 0.38
CA PRO B 388 -26.04 -4.50 -0.81
C PRO B 388 -27.03 -5.66 -0.83
N GLY B 389 -27.63 -5.93 0.32
CA GLY B 389 -28.53 -7.09 0.46
C GLY B 389 -27.77 -8.35 0.84
N GLU B 390 -28.46 -9.48 0.85
CA GLU B 390 -27.86 -10.73 1.30
C GLU B 390 -27.84 -11.83 0.24
N LYS B 391 -28.28 -11.53 -0.98
CA LYS B 391 -28.24 -12.53 -2.05
C LYS B 391 -26.82 -12.99 -2.30
N PRO B 392 -26.64 -14.28 -2.65
CA PRO B 392 -25.31 -14.75 -3.05
C PRO B 392 -24.78 -13.93 -4.22
N GLY B 393 -23.45 -13.85 -4.35
CA GLY B 393 -22.83 -13.06 -5.41
C GLY B 393 -23.01 -11.57 -5.24
N LEU B 394 -23.14 -10.84 -6.35
CA LEU B 394 -23.36 -9.39 -6.31
C LEU B 394 -24.79 -9.03 -5.98
N GLY B 395 -25.72 -9.96 -6.25
CA GLY B 395 -27.14 -9.73 -6.00
C GLY B 395 -27.80 -8.88 -7.07
N ILE B 396 -27.33 -9.05 -8.30
CA ILE B 396 -27.80 -8.26 -9.43
C ILE B 396 -28.01 -9.18 -10.65
N GLU B 397 -28.93 -8.80 -11.52
CA GLU B 397 -29.17 -9.56 -12.75
CA GLU B 397 -29.19 -9.56 -12.73
C GLU B 397 -29.28 -8.61 -13.93
N PHE B 398 -29.30 -9.20 -15.12
CA PHE B 398 -29.37 -8.44 -16.36
C PHE B 398 -30.44 -9.03 -17.27
N ASP B 399 -31.43 -8.23 -17.63
CA ASP B 399 -32.55 -8.67 -18.47
C ASP B 399 -32.19 -8.62 -19.96
N GLU B 400 -31.59 -9.70 -20.47
CA GLU B 400 -31.02 -9.71 -21.81
C GLU B 400 -32.01 -9.34 -22.92
N LYS B 401 -33.29 -9.66 -22.73
CA LYS B 401 -34.27 -9.43 -23.78
C LYS B 401 -34.91 -8.07 -23.66
N LEU B 402 -35.08 -7.59 -22.42
CA LEU B 402 -35.47 -6.21 -22.23
C LEU B 402 -34.39 -5.31 -22.82
N ALA B 403 -33.13 -5.68 -22.60
CA ALA B 403 -32.00 -4.90 -23.10
C ALA B 403 -31.99 -4.91 -24.61
N ALA B 404 -32.32 -6.05 -25.19
CA ALA B 404 -32.33 -6.22 -26.63
C ALA B 404 -33.26 -5.21 -27.30
N LYS B 405 -34.15 -4.63 -26.52
CA LYS B 405 -35.13 -3.67 -27.06
C LYS B 405 -34.56 -2.26 -27.12
N TYR B 406 -33.36 -2.06 -26.60
CA TYR B 406 -32.73 -0.76 -26.61
C TYR B 406 -31.36 -0.84 -27.29
N PRO B 407 -31.33 -0.59 -28.59
CA PRO B 407 -30.04 -0.53 -29.29
C PRO B 407 -29.24 0.70 -28.86
N TYR B 408 -27.92 0.60 -28.99
CA TYR B 408 -27.00 1.63 -28.56
C TYR B 408 -27.27 2.95 -29.27
N ASP B 409 -27.41 4.02 -28.49
CA ASP B 409 -27.61 5.37 -29.03
C ASP B 409 -26.53 6.34 -28.54
N PRO B 410 -25.66 6.80 -29.45
CA PRO B 410 -24.56 7.69 -29.10
C PRO B 410 -24.94 8.89 -28.25
N ALA B 411 -24.16 9.11 -27.18
CA ALA B 411 -24.22 10.35 -26.42
C ALA B 411 -22.81 10.67 -25.93
N TYR B 412 -22.49 11.95 -25.81
CA TYR B 412 -21.11 12.35 -25.52
C TYR B 412 -21.05 13.40 -24.44
N LEU B 413 -20.03 13.30 -23.61
CA LEU B 413 -19.83 14.29 -22.58
C LEU B 413 -19.52 15.60 -23.28
N PRO B 414 -19.92 16.72 -22.66
CA PRO B 414 -19.61 18.03 -23.18
C PRO B 414 -18.14 18.39 -23.00
N VAL B 415 -17.66 19.31 -23.83
CA VAL B 415 -16.35 19.90 -23.62
C VAL B 415 -16.55 21.31 -23.13
N ALA B 416 -15.52 21.86 -22.49
CA ALA B 416 -15.57 23.23 -21.97
C ALA B 416 -14.61 24.09 -22.76
N ARG B 417 -14.99 25.35 -22.95
CA ARG B 417 -14.11 26.33 -23.55
C ARG B 417 -14.22 27.60 -22.77
N LEU B 418 -13.14 28.35 -22.71
CA LEU B 418 -13.16 29.67 -22.10
C LEU B 418 -13.70 30.69 -23.11
N GLU B 419 -13.85 31.93 -22.65
CA GLU B 419 -14.33 33.02 -23.49
C GLU B 419 -13.65 33.06 -24.84
N ASP B 420 -12.33 32.92 -24.85
CA ASP B 420 -11.58 33.10 -26.08
C ASP B 420 -11.60 31.86 -26.95
N GLY B 421 -12.34 30.85 -26.52
CA GLY B 421 -12.40 29.59 -27.27
C GLY B 421 -11.43 28.51 -26.80
N THR B 422 -10.54 28.84 -25.87
CA THR B 422 -9.51 27.88 -25.45
C THR B 422 -10.14 26.58 -24.96
N LEU B 423 -9.76 25.45 -25.55
CA LEU B 423 -10.27 24.15 -25.10
C LEU B 423 -9.75 23.90 -23.69
N TRP B 424 -10.67 23.61 -22.78
CA TRP B 424 -10.39 23.61 -21.37
C TRP B 424 -10.75 22.27 -20.74
N ASN B 425 -10.75 22.22 -19.42
CA ASN B 425 -11.17 21.03 -18.68
C ASN B 425 -12.67 21.12 -18.38
N TRP B 426 -13.43 20.11 -18.78
CA TRP B 426 -14.83 20.02 -18.39
C TRP B 426 -14.93 19.12 -17.16
N GLN C 21 -6.75 28.23 -46.95
CA GLN C 21 -7.08 29.20 -45.86
C GLN C 21 -8.00 28.55 -44.83
N SER C 22 -8.77 27.58 -45.27
CA SER C 22 -9.71 26.86 -44.43
C SER C 22 -9.98 25.50 -45.04
N MET C 23 -9.53 24.44 -44.37
CA MET C 23 -9.67 23.10 -44.90
C MET C 23 -10.63 22.29 -44.07
N LYS C 24 -11.93 22.36 -44.39
CA LYS C 24 -12.89 21.57 -43.64
C LYS C 24 -12.64 20.11 -43.93
N ILE C 25 -12.77 19.29 -42.89
CA ILE C 25 -12.65 17.85 -43.06
C ILE C 25 -13.99 17.35 -43.62
N VAL C 26 -13.92 16.72 -44.79
CA VAL C 26 -15.10 16.16 -45.43
C VAL C 26 -15.29 14.71 -45.03
N SER C 27 -14.18 14.02 -44.81
CA SER C 27 -14.26 12.63 -44.38
C SER C 27 -13.06 12.20 -43.55
N ALA C 28 -13.29 11.20 -42.71
CA ALA C 28 -12.25 10.61 -41.88
C ALA C 28 -12.54 9.13 -41.71
N GLU C 29 -11.84 8.27 -42.44
CA GLU C 29 -12.20 6.85 -42.49
C GLU C 29 -11.12 5.94 -41.95
N VAL C 30 -11.57 4.82 -41.38
CA VAL C 30 -10.68 3.86 -40.79
C VAL C 30 -10.64 2.56 -41.60
N PHE C 31 -9.43 2.15 -41.96
CA PHE C 31 -9.22 0.90 -42.68
C PHE C 31 -8.39 -0.04 -41.85
N VAL C 32 -8.83 -1.29 -41.77
CA VAL C 32 -8.08 -2.33 -41.08
C VAL C 32 -7.62 -3.39 -42.09
N THR C 33 -6.32 -3.65 -42.11
CA THR C 33 -5.81 -4.60 -43.08
C THR C 33 -4.73 -5.49 -42.48
N CYS C 34 -4.55 -6.67 -43.05
CA CYS C 34 -3.57 -7.63 -42.53
C CYS C 34 -2.65 -8.14 -43.63
N PRO C 35 -1.94 -7.22 -44.28
CA PRO C 35 -0.97 -7.54 -45.31
C PRO C 35 0.27 -8.22 -44.76
N GLY C 36 0.09 -9.29 -43.98
CA GLY C 36 1.22 -9.96 -43.35
C GLY C 36 1.17 -9.84 -41.83
N ARG C 37 0.54 -8.77 -41.38
CA ARG C 37 0.14 -8.58 -39.97
C ARG C 37 -0.90 -7.47 -39.97
N ASN C 38 -1.47 -7.18 -38.80
CA ASN C 38 -2.53 -6.19 -38.72
C ASN C 38 -2.04 -4.75 -38.71
N PHE C 39 -2.77 -3.88 -39.40
CA PHE C 39 -2.55 -2.43 -39.36
C PHE C 39 -3.88 -1.71 -39.35
N VAL C 40 -3.93 -0.60 -38.62
CA VAL C 40 -5.10 0.24 -38.63
C VAL C 40 -4.69 1.61 -39.13
N THR C 41 -5.35 2.06 -40.20
CA THR C 41 -5.00 3.31 -40.85
C THR C 41 -6.17 4.27 -40.79
N LEU C 42 -5.86 5.57 -40.65
CA LEU C 42 -6.88 6.60 -40.67
C LEU C 42 -6.64 7.46 -41.87
N LYS C 43 -7.71 7.83 -42.56
CA LYS C 43 -7.59 8.74 -43.70
C LYS C 43 -8.48 9.94 -43.53
N ILE C 44 -7.87 11.12 -43.55
CA ILE C 44 -8.60 12.36 -43.47
C ILE C 44 -8.56 13.05 -44.84
N THR C 45 -9.73 13.51 -45.28
CA THR C 45 -9.85 14.21 -46.54
C THR C 45 -10.50 15.57 -46.30
N THR C 46 -9.94 16.61 -46.91
CA THR C 46 -10.49 17.94 -46.77
C THR C 46 -11.39 18.29 -47.97
N ASP C 47 -12.11 19.41 -47.85
CA ASP C 47 -12.96 19.92 -48.93
C ASP C 47 -12.15 20.37 -50.13
N SER C 48 -10.83 20.47 -49.95
CA SER C 48 -9.95 20.88 -51.02
C SER C 48 -9.32 19.64 -51.66
N GLY C 49 -9.66 18.47 -51.11
CA GLY C 49 -9.16 17.21 -51.66
C GLY C 49 -7.81 16.79 -51.11
N LEU C 50 -7.25 17.58 -50.21
CA LEU C 50 -6.01 17.17 -49.55
C LEU C 50 -6.31 16.01 -48.62
N THR C 51 -5.42 15.02 -48.62
CA THR C 51 -5.58 13.85 -47.76
C THR C 51 -4.32 13.66 -46.91
N GLY C 52 -4.54 13.25 -45.67
CA GLY C 52 -3.45 12.90 -44.77
C GLY C 52 -3.75 11.57 -44.12
N LEU C 53 -2.72 10.75 -43.97
CA LEU C 53 -2.86 9.45 -43.32
C LEU C 53 -2.25 9.43 -41.91
N GLY C 54 -2.77 8.52 -41.09
CA GLY C 54 -2.25 8.33 -39.74
C GLY C 54 -2.33 6.87 -39.34
N ASP C 55 -1.27 6.40 -38.68
CA ASP C 55 -1.23 5.04 -38.16
C ASP C 55 -1.94 4.98 -36.81
N ALA C 56 -2.65 3.89 -36.59
CA ALA C 56 -3.42 3.76 -35.36
C ALA C 56 -3.19 2.38 -34.79
N THR C 57 -2.17 1.70 -35.30
CA THR C 57 -1.96 0.31 -34.94
C THR C 57 -1.55 0.14 -33.47
N LEU C 58 -2.29 -0.70 -32.75
CA LEU C 58 -1.94 -1.11 -31.39
C LEU C 58 -1.85 -2.63 -31.31
N ASN C 59 -0.63 -3.15 -31.26
CA ASN C 59 -0.40 -4.58 -31.46
C ASN C 59 -1.17 -5.46 -30.50
N GLY C 60 -2.11 -6.23 -31.06
CA GLY C 60 -2.87 -7.21 -30.27
C GLY C 60 -4.11 -6.64 -29.63
N ARG C 61 -4.36 -5.36 -29.87
CA ARG C 61 -5.57 -4.72 -29.38
C ARG C 61 -6.01 -3.72 -30.44
N GLU C 62 -5.91 -4.15 -31.69
CA GLU C 62 -6.08 -3.27 -32.83
C GLU C 62 -7.50 -2.72 -32.97
N LEU C 63 -8.51 -3.53 -32.64
CA LEU C 63 -9.88 -3.17 -32.99
C LEU C 63 -10.52 -2.15 -32.04
N PRO C 64 -10.14 -2.16 -30.75
CA PRO C 64 -10.66 -1.07 -29.91
C PRO C 64 -10.28 0.32 -30.43
N VAL C 65 -9.10 0.46 -31.03
CA VAL C 65 -8.69 1.74 -31.62
C VAL C 65 -9.52 2.04 -32.88
N ALA C 66 -9.71 1.02 -33.71
CA ALA C 66 -10.60 1.12 -34.87
C ALA C 66 -11.94 1.73 -34.45
N SER C 67 -12.51 1.17 -33.39
CA SER C 67 -13.74 1.67 -32.81
C SER C 67 -13.65 3.10 -32.27
N TYR C 68 -12.59 3.39 -31.52
CA TYR C 68 -12.42 4.70 -30.91
C TYR C 68 -12.50 5.75 -32.02
N LEU C 69 -11.80 5.48 -33.11
CA LEU C 69 -11.87 6.34 -34.28
C LEU C 69 -13.25 6.26 -34.93
N ASN C 70 -13.53 5.12 -35.57
CA ASN C 70 -14.77 4.92 -36.32
C ASN C 70 -16.01 5.41 -35.62
N ASP C 71 -16.21 4.96 -34.40
CA ASP C 71 -17.48 5.18 -33.70
C ASP C 71 -17.57 6.51 -32.98
N HIS C 72 -16.43 7.08 -32.59
CA HIS C 72 -16.47 8.22 -31.67
C HIS C 72 -15.74 9.47 -32.15
N VAL C 73 -14.46 9.33 -32.47
CA VAL C 73 -13.66 10.48 -32.89
C VAL C 73 -14.02 10.97 -34.30
N CYS C 74 -14.06 10.04 -35.26
CA CYS C 74 -14.19 10.43 -36.66
C CYS C 74 -15.43 11.29 -36.93
N PRO C 75 -16.60 10.90 -36.44
CA PRO C 75 -17.74 11.77 -36.77
C PRO C 75 -17.60 13.16 -36.15
N GLN C 76 -16.80 13.29 -35.09
CA GLN C 76 -16.62 14.58 -34.43
C GLN C 76 -15.56 15.41 -35.13
N LEU C 77 -14.82 14.75 -36.01
CA LEU C 77 -13.85 15.42 -36.87
C LEU C 77 -14.52 16.16 -38.04
N ILE C 78 -15.70 15.70 -38.44
CA ILE C 78 -16.36 16.19 -39.66
C ILE C 78 -16.85 17.63 -39.51
N GLY C 79 -16.47 18.47 -40.48
CA GLY C 79 -16.90 19.87 -40.48
C GLY C 79 -15.84 20.79 -39.91
N ARG C 80 -14.76 20.19 -39.40
CA ARG C 80 -13.73 20.92 -38.68
C ARG C 80 -12.60 21.41 -39.58
N ASP C 81 -12.00 22.53 -39.20
CA ASP C 81 -10.87 23.08 -39.93
C ASP C 81 -9.59 22.27 -39.64
N ALA C 82 -9.17 21.46 -40.61
CA ALA C 82 -7.99 20.60 -40.46
C ALA C 82 -6.73 21.40 -40.12
N HIS C 83 -6.86 22.72 -40.05
CA HIS C 83 -5.73 23.57 -39.78
C HIS C 83 -5.47 23.65 -38.29
N GLN C 84 -6.52 23.41 -37.53
CA GLN C 84 -6.49 23.56 -36.07
CA GLN C 84 -6.47 23.57 -36.08
C GLN C 84 -6.00 22.27 -35.41
N ILE C 85 -4.76 21.88 -35.73
CA ILE C 85 -4.19 20.64 -35.18
C ILE C 85 -4.20 20.64 -33.65
N GLU C 86 -3.73 21.74 -33.06
CA GLU C 86 -3.61 21.83 -31.61
C GLU C 86 -4.99 21.78 -30.95
N ASP C 87 -5.94 22.55 -31.48
CA ASP C 87 -7.26 22.51 -30.89
C ASP C 87 -7.84 21.09 -30.96
N ILE C 88 -7.64 20.41 -32.08
CA ILE C 88 -8.20 19.06 -32.24
C ILE C 88 -7.58 18.09 -31.23
N TRP C 89 -6.26 18.14 -31.10
CA TRP C 89 -5.53 17.29 -30.16
C TRP C 89 -6.07 17.48 -28.76
N GLN C 90 -6.20 18.74 -28.35
CA GLN C 90 -6.70 19.10 -27.04
C GLN C 90 -8.15 18.72 -26.85
N TYR C 91 -8.94 18.87 -27.92
CA TYR C 91 -10.37 18.57 -27.87
C TYR C 91 -10.59 17.09 -27.58
N PHE C 92 -9.85 16.24 -28.27
CA PHE C 92 -9.99 14.81 -28.04
C PHE C 92 -9.22 14.35 -26.80
N TYR C 93 -8.08 14.99 -26.52
CA TYR C 93 -7.30 14.61 -25.34
C TYR C 93 -8.07 14.90 -24.05
N LYS C 94 -8.53 16.13 -23.87
CA LYS C 94 -9.26 16.47 -22.65
C LYS C 94 -10.74 16.17 -22.78
N GLY C 95 -11.27 16.33 -23.98
CA GLY C 95 -12.69 16.19 -24.21
C GLY C 95 -13.18 14.79 -23.91
N ALA C 96 -12.30 13.81 -24.09
CA ALA C 96 -12.58 12.41 -23.81
C ALA C 96 -12.97 12.18 -22.35
N TYR C 97 -12.60 13.13 -21.51
CA TYR C 97 -12.78 13.03 -20.07
C TYR C 97 -11.90 11.95 -19.44
N TRP C 98 -11.91 10.75 -20.01
CA TRP C 98 -11.05 9.68 -19.52
C TRP C 98 -9.73 9.78 -20.27
N ARG C 99 -8.71 10.28 -19.59
CA ARG C 99 -7.50 10.74 -20.27
C ARG C 99 -6.46 9.67 -20.51
N ARG C 100 -5.77 9.84 -21.63
CA ARG C 100 -4.70 8.97 -22.13
C ARG C 100 -4.92 7.47 -22.05
N GLY C 101 -3.83 6.70 -22.10
CA GLY C 101 -3.96 5.25 -22.22
C GLY C 101 -3.68 4.80 -23.65
N PRO C 102 -3.37 3.52 -23.83
CA PRO C 102 -2.93 3.00 -25.11
C PRO C 102 -3.95 3.15 -26.25
N VAL C 103 -5.23 2.91 -25.98
CA VAL C 103 -6.26 2.92 -27.03
C VAL C 103 -6.59 4.36 -27.40
N THR C 104 -6.88 5.16 -26.38
CA THR C 104 -7.11 6.59 -26.52
C THR C 104 -6.03 7.29 -27.33
N MET C 105 -4.78 7.08 -26.94
CA MET C 105 -3.67 7.82 -27.52
C MET C 105 -3.32 7.32 -28.92
N SER C 106 -3.57 6.06 -29.21
CA SER C 106 -3.39 5.54 -30.56
C SER C 106 -4.34 6.28 -31.51
N ALA C 107 -5.57 6.47 -31.06
CA ALA C 107 -6.58 7.20 -31.82
C ALA C 107 -6.21 8.67 -32.01
N ILE C 108 -5.84 9.35 -30.93
CA ILE C 108 -5.46 10.77 -31.00
C ILE C 108 -4.21 10.95 -31.84
N SER C 109 -3.28 10.02 -31.73
CA SER C 109 -2.06 10.08 -32.51
C SER C 109 -2.33 9.87 -34.02
N ALA C 110 -3.26 8.98 -34.34
CA ALA C 110 -3.61 8.72 -35.73
C ALA C 110 -4.06 10.02 -36.37
N VAL C 111 -5.00 10.66 -35.73
CA VAL C 111 -5.51 11.95 -36.15
C VAL C 111 -4.40 13.00 -36.31
N ASP C 112 -3.58 13.16 -35.27
CA ASP C 112 -2.55 14.20 -35.25
C ASP C 112 -1.56 14.03 -36.39
N MET C 113 -1.12 12.79 -36.57
CA MET C 113 -0.21 12.44 -37.63
C MET C 113 -0.77 12.87 -38.98
N ALA C 114 -1.98 12.41 -39.27
CA ALA C 114 -2.66 12.72 -40.52
C ALA C 114 -2.92 14.22 -40.71
N LEU C 115 -3.20 14.94 -39.62
CA LEU C 115 -3.38 16.38 -39.71
C LEU C 115 -2.08 17.10 -40.09
N TRP C 116 -0.94 16.60 -39.62
CA TRP C 116 0.34 17.21 -39.98
C TRP C 116 0.72 16.83 -41.41
N ASP C 117 0.27 15.65 -41.85
CA ASP C 117 0.41 15.21 -43.25
C ASP C 117 -0.24 16.28 -44.12
N ILE C 118 -1.48 16.60 -43.79
CA ILE C 118 -2.25 17.60 -44.51
C ILE C 118 -1.61 18.98 -44.46
N LYS C 119 -1.14 19.39 -43.29
CA LYS C 119 -0.55 20.71 -43.14
C LYS C 119 0.71 20.86 -43.99
N ALA C 120 1.58 19.85 -44.00
CA ALA C 120 2.81 19.92 -44.79
C ALA C 120 2.50 19.93 -46.29
N LYS C 121 1.47 19.18 -46.71
CA LYS C 121 1.02 19.20 -48.10
C LYS C 121 0.50 20.59 -48.49
N ALA C 122 -0.32 21.17 -47.63
CA ALA C 122 -0.84 22.51 -47.85
C ALA C 122 0.30 23.51 -47.95
N ALA C 123 1.38 23.25 -47.22
CA ALA C 123 2.55 24.11 -47.25
C ALA C 123 3.46 23.74 -48.40
N ASN C 124 3.12 22.63 -49.06
CA ASN C 124 3.94 22.11 -50.14
C ASN C 124 5.36 21.84 -49.67
N MET C 125 5.50 21.24 -48.50
CA MET C 125 6.80 20.92 -47.93
C MET C 125 6.82 19.51 -47.37
N PRO C 126 7.98 18.85 -47.40
CA PRO C 126 8.06 17.69 -46.56
C PRO C 126 7.96 18.17 -45.12
N LEU C 127 7.31 17.37 -44.28
CA LEU C 127 6.97 17.76 -42.93
C LEU C 127 8.19 18.20 -42.08
N TYR C 128 9.32 17.52 -42.23
CA TYR C 128 10.47 17.87 -41.40
C TYR C 128 10.75 19.36 -41.51
N GLN C 129 10.32 19.94 -42.62
CA GLN C 129 10.55 21.35 -42.87
C GLN C 129 9.68 22.19 -41.95
N LEU C 130 8.47 21.70 -41.65
CA LEU C 130 7.56 22.42 -40.77
C LEU C 130 8.02 22.35 -39.31
N LEU C 131 8.83 21.35 -38.99
CA LEU C 131 9.23 21.10 -37.62
C LEU C 131 10.39 21.99 -37.22
N GLY C 132 11.04 22.60 -38.22
CA GLY C 132 12.21 23.43 -37.96
C GLY C 132 13.40 23.10 -38.86
N GLY C 133 13.20 22.14 -39.76
CA GLY C 133 14.21 21.82 -40.75
C GLY C 133 15.19 20.78 -40.26
N ALA C 134 16.11 20.38 -41.14
CA ALA C 134 17.01 19.28 -40.87
C ALA C 134 18.06 19.67 -39.84
N SER C 135 18.33 18.75 -38.91
CA SER C 135 19.39 18.92 -37.93
C SER C 135 20.52 17.95 -38.24
N ARG C 136 20.25 17.03 -39.16
CA ARG C 136 21.21 16.04 -39.56
C ARG C 136 21.04 15.71 -41.04
N THR C 137 21.92 14.88 -41.59
CA THR C 137 21.88 14.58 -43.02
C THR C 137 21.20 13.25 -43.26
N GLY C 138 21.03 12.49 -42.20
CA GLY C 138 20.35 11.20 -42.25
C GLY C 138 20.13 10.65 -40.86
N VAL C 139 19.22 9.68 -40.76
CA VAL C 139 18.79 9.16 -39.48
C VAL C 139 19.34 7.78 -39.20
N MET C 140 20.33 7.69 -38.29
CA MET C 140 20.89 6.41 -37.91
C MET C 140 19.83 5.48 -37.38
N VAL C 141 19.75 4.28 -37.95
CA VAL C 141 18.78 3.25 -37.53
C VAL C 141 19.52 2.02 -37.00
N TYR C 142 18.81 1.13 -36.32
CA TYR C 142 19.41 -0.13 -35.86
C TYR C 142 18.52 -1.33 -36.13
N CYS C 143 19.15 -2.50 -36.19
CA CYS C 143 18.45 -3.72 -36.55
C CYS C 143 18.68 -4.82 -35.51
N HIS C 144 17.90 -5.88 -35.64
CA HIS C 144 17.92 -7.00 -34.69
C HIS C 144 18.86 -8.12 -35.18
N THR C 145 19.12 -9.11 -34.33
CA THR C 145 19.94 -10.26 -34.71
C THR C 145 19.36 -11.59 -34.21
N THR C 146 19.00 -12.46 -35.15
CA THR C 146 18.47 -13.78 -34.83
C THR C 146 19.60 -14.77 -34.52
N GLY C 147 19.38 -15.63 -33.54
CA GLY C 147 20.36 -16.65 -33.18
C GLY C 147 19.99 -17.39 -31.91
N HIS C 148 20.01 -18.72 -31.99
CA HIS C 148 19.75 -19.54 -30.82
C HIS C 148 21.05 -19.92 -30.12
N SER C 149 22.17 -19.40 -30.62
CA SER C 149 23.45 -19.65 -29.98
C SER C 149 24.45 -18.54 -30.27
N ILE C 150 25.36 -18.32 -29.33
CA ILE C 150 26.40 -17.32 -29.49
C ILE C 150 26.92 -17.33 -30.91
N ASP C 151 27.00 -18.52 -31.51
CA ASP C 151 27.56 -18.69 -32.85
C ASP C 151 26.64 -18.15 -33.93
N GLU C 152 25.35 -18.38 -33.80
CA GLU C 152 24.38 -17.92 -34.79
C GLU C 152 24.15 -16.41 -34.71
N VAL C 153 24.25 -15.85 -33.51
CA VAL C 153 24.10 -14.41 -33.36
C VAL C 153 25.28 -13.72 -34.04
N LEU C 154 26.48 -14.24 -33.82
CA LEU C 154 27.68 -13.65 -34.39
C LEU C 154 27.59 -13.58 -35.91
N ASP C 155 26.87 -14.52 -36.51
CA ASP C 155 26.68 -14.56 -37.96
C ASP C 155 25.76 -13.43 -38.43
N ASP C 156 24.60 -13.33 -37.80
CA ASP C 156 23.65 -12.29 -38.16
C ASP C 156 24.26 -10.91 -37.92
N TYR C 157 25.11 -10.80 -36.89
CA TYR C 157 25.79 -9.54 -36.61
C TYR C 157 26.66 -9.16 -37.79
N ALA C 158 27.51 -10.11 -38.21
CA ALA C 158 28.37 -9.92 -39.38
C ALA C 158 27.55 -9.48 -40.59
N LYS C 159 26.45 -10.18 -40.84
CA LYS C 159 25.57 -9.85 -41.94
C LYS C 159 25.11 -8.40 -41.91
N HIS C 160 24.51 -7.99 -40.80
CA HIS C 160 23.97 -6.65 -40.67
C HIS C 160 25.06 -5.58 -40.80
N ARG C 161 26.26 -5.91 -40.33
CA ARG C 161 27.39 -5.01 -40.50
C ARG C 161 27.67 -4.78 -41.99
N ASP C 162 27.62 -5.87 -42.75
CA ASP C 162 27.89 -5.80 -44.18
C ASP C 162 26.83 -4.99 -44.92
N GLN C 163 25.62 -4.96 -44.36
CA GLN C 163 24.56 -4.13 -44.92
C GLN C 163 24.76 -2.66 -44.57
N GLY C 164 25.81 -2.35 -43.82
CA GLY C 164 26.13 -0.96 -43.47
C GLY C 164 25.53 -0.48 -42.15
N PHE C 165 24.77 -1.33 -41.48
CA PHE C 165 24.21 -0.97 -40.18
C PHE C 165 25.30 -0.57 -39.19
N LYS C 166 25.15 0.62 -38.61
CA LYS C 166 26.14 1.17 -37.67
C LYS C 166 25.82 0.83 -36.21
N ALA C 167 24.62 0.30 -36.00
CA ALA C 167 24.13 -0.01 -34.67
C ALA C 167 23.30 -1.27 -34.76
N ILE C 168 23.60 -2.23 -33.88
CA ILE C 168 22.99 -3.54 -33.96
C ILE C 168 22.50 -4.01 -32.61
N ARG C 169 21.28 -4.51 -32.54
CA ARG C 169 20.74 -5.01 -31.29
C ARG C 169 20.88 -6.52 -31.15
N VAL C 170 21.63 -6.94 -30.14
CA VAL C 170 21.92 -8.34 -29.93
C VAL C 170 20.93 -9.00 -28.97
N GLN C 171 20.36 -10.14 -29.38
CA GLN C 171 19.50 -10.97 -28.51
C GLN C 171 19.73 -12.46 -28.76
N CYS C 172 19.77 -13.27 -27.69
CA CYS C 172 19.89 -14.73 -27.81
C CYS C 172 18.71 -15.44 -27.14
N SER C 198 -4.26 -16.66 -33.19
CA SER C 198 -5.04 -17.61 -32.40
C SER C 198 -5.13 -17.19 -30.92
N LEU C 199 -4.22 -17.74 -30.11
CA LEU C 199 -4.22 -17.51 -28.67
C LEU C 199 -2.79 -17.26 -28.18
N PRO C 200 -2.63 -16.34 -27.20
CA PRO C 200 -1.27 -15.92 -26.89
C PRO C 200 -0.36 -17.06 -26.49
N GLU C 201 0.78 -17.15 -27.13
CA GLU C 201 1.78 -18.14 -26.77
C GLU C 201 2.36 -17.83 -25.39
N GLU C 202 2.46 -18.84 -24.54
CA GLU C 202 2.98 -18.65 -23.20
C GLU C 202 4.46 -19.05 -23.18
N GLN C 203 5.30 -18.19 -22.62
CA GLN C 203 6.73 -18.44 -22.60
C GLN C 203 7.29 -18.51 -21.20
N LEU C 204 8.15 -19.49 -20.98
CA LEU C 204 8.74 -19.75 -19.69
C LEU C 204 9.96 -18.87 -19.50
N TRP C 205 10.00 -18.11 -18.40
CA TRP C 205 11.12 -17.19 -18.19
C TRP C 205 11.89 -17.52 -16.92
N SER C 206 13.20 -17.34 -16.97
CA SER C 206 14.05 -17.55 -15.81
C SER C 206 15.14 -16.48 -15.73
N THR C 207 14.99 -15.59 -14.76
CA THR C 207 15.89 -14.46 -14.60
C THR C 207 17.32 -14.91 -14.30
N GLU C 208 17.46 -15.85 -13.37
CA GLU C 208 18.79 -16.31 -12.94
C GLU C 208 19.66 -16.79 -14.12
N LYS C 209 19.07 -17.55 -15.02
CA LYS C 209 19.79 -18.03 -16.20
C LYS C 209 20.21 -16.87 -17.06
N TYR C 210 19.27 -15.95 -17.29
CA TYR C 210 19.54 -14.78 -18.11
C TYR C 210 20.74 -14.05 -17.54
N LEU C 211 20.74 -13.86 -16.23
CA LEU C 211 21.80 -13.11 -15.57
C LEU C 211 23.16 -13.76 -15.83
N ASP C 212 23.22 -15.07 -15.71
CA ASP C 212 24.48 -15.82 -15.81
C ASP C 212 25.04 -15.98 -17.21
N PHE C 213 24.20 -15.99 -18.22
CA PHE C 213 24.62 -16.27 -19.60
C PHE C 213 24.90 -15.02 -20.41
N THR C 214 24.02 -14.03 -20.31
CA THR C 214 23.94 -12.99 -21.33
C THR C 214 25.20 -12.16 -21.45
N PRO C 215 25.92 -11.97 -20.34
CA PRO C 215 27.14 -11.22 -20.44
C PRO C 215 28.16 -11.88 -21.38
N LYS C 216 28.01 -13.18 -21.59
CA LYS C 216 28.96 -13.93 -22.42
C LYS C 216 28.71 -13.63 -23.89
N LEU C 217 27.43 -13.44 -24.23
CA LEU C 217 27.04 -13.06 -25.57
C LEU C 217 27.75 -11.78 -26.01
N PHE C 218 27.84 -10.80 -25.11
CA PHE C 218 28.48 -9.53 -25.44
C PHE C 218 30.00 -9.64 -25.46
N GLU C 219 30.58 -10.39 -24.52
CA GLU C 219 32.00 -10.65 -24.59
C GLU C 219 32.34 -11.23 -25.96
N ALA C 220 31.55 -12.20 -26.39
CA ALA C 220 31.73 -12.84 -27.69
C ALA C 220 31.78 -11.78 -28.77
N VAL C 221 30.66 -11.11 -28.96
CA VAL C 221 30.52 -10.09 -29.98
C VAL C 221 31.69 -9.09 -29.96
N ARG C 222 32.10 -8.63 -28.78
CA ARG C 222 33.21 -7.67 -28.74
C ARG C 222 34.59 -8.34 -28.96
N ASP C 223 34.70 -9.63 -28.66
CA ASP C 223 35.93 -10.37 -28.98
C ASP C 223 36.10 -10.47 -30.48
N LYS C 224 35.03 -10.88 -31.17
CA LYS C 224 35.09 -11.10 -32.59
C LYS C 224 35.11 -9.79 -33.38
N PHE C 225 34.20 -8.88 -33.04
CA PHE C 225 33.93 -7.73 -33.91
C PHE C 225 34.50 -6.40 -33.45
N GLY C 226 35.11 -6.36 -32.28
CA GLY C 226 35.62 -5.11 -31.76
C GLY C 226 34.53 -4.10 -31.42
N PHE C 227 34.95 -2.88 -31.10
CA PHE C 227 34.04 -1.86 -30.60
C PHE C 227 33.72 -0.83 -31.68
N ASN C 228 33.32 -1.32 -32.85
CA ASN C 228 33.07 -0.45 -33.99
C ASN C 228 31.61 -0.05 -34.11
N GLU C 229 30.71 -1.02 -33.92
CA GLU C 229 29.30 -0.75 -34.02
C GLU C 229 28.73 -0.44 -32.64
N HIS C 230 27.53 0.13 -32.62
CA HIS C 230 26.81 0.33 -31.38
C HIS C 230 26.06 -0.94 -31.02
N LEU C 231 26.31 -1.43 -29.82
CA LEU C 231 25.66 -2.65 -29.34
C LEU C 231 24.45 -2.33 -28.45
N LEU C 232 23.25 -2.57 -28.98
CA LEU C 232 22.01 -2.37 -28.23
C LEU C 232 21.51 -3.70 -27.70
N HIS C 233 20.65 -3.66 -26.68
CA HIS C 233 20.10 -4.87 -26.08
C HIS C 233 18.79 -4.61 -25.34
N ASP C 234 17.80 -5.45 -25.61
CA ASP C 234 16.48 -5.30 -25.01
C ASP C 234 16.36 -6.30 -23.88
N MET C 235 15.99 -5.80 -22.70
CA MET C 235 15.86 -6.65 -21.52
C MET C 235 14.42 -7.07 -21.34
N HIS C 236 13.51 -6.46 -22.09
CA HIS C 236 12.10 -6.88 -22.15
C HIS C 236 11.36 -6.91 -20.80
N HIS C 237 11.62 -5.92 -19.95
CA HIS C 237 10.88 -5.77 -18.70
C HIS C 237 11.00 -6.93 -17.71
N ARG C 238 12.02 -7.77 -17.82
CA ARG C 238 12.01 -9.02 -17.03
C ARG C 238 12.61 -8.97 -15.63
N LEU C 239 13.46 -8.01 -15.35
CA LEU C 239 14.19 -8.00 -14.09
C LEU C 239 13.56 -7.07 -13.07
N THR C 240 13.81 -7.35 -11.80
CA THR C 240 13.53 -6.39 -10.77
C THR C 240 14.65 -5.38 -10.85
N PRO C 241 14.51 -4.26 -10.14
CA PRO C 241 15.48 -3.19 -10.21
C PRO C 241 16.90 -3.51 -9.74
N ILE C 242 17.05 -4.25 -8.64
CA ILE C 242 18.40 -4.60 -8.19
C ILE C 242 19.01 -5.67 -9.10
N GLU C 243 18.16 -6.45 -9.74
CA GLU C 243 18.60 -7.41 -10.76
C GLU C 243 19.15 -6.67 -11.97
N ALA C 244 18.39 -5.69 -12.45
CA ALA C 244 18.85 -4.85 -13.55
C ALA C 244 20.11 -4.07 -13.17
N ALA C 245 20.25 -3.72 -11.90
CA ALA C 245 21.46 -3.03 -11.43
C ALA C 245 22.67 -3.94 -11.66
N ARG C 246 22.52 -5.20 -11.24
CA ARG C 246 23.58 -6.21 -11.40
C ARG C 246 23.88 -6.40 -12.87
N PHE C 247 22.84 -6.63 -13.66
CA PHE C 247 23.02 -6.85 -15.09
C PHE C 247 23.83 -5.73 -15.71
N GLY C 248 23.37 -4.50 -15.55
CA GLY C 248 24.07 -3.35 -16.10
C GLY C 248 25.53 -3.34 -15.71
N LYS C 249 25.82 -3.63 -14.43
CA LYS C 249 27.19 -3.68 -13.97
C LYS C 249 27.96 -4.77 -14.71
N SER C 250 27.34 -5.94 -14.81
CA SER C 250 27.97 -7.10 -15.44
C SER C 250 28.34 -6.85 -16.91
N VAL C 251 27.70 -5.87 -17.56
CA VAL C 251 28.00 -5.59 -18.98
C VAL C 251 28.74 -4.29 -19.26
N GLU C 252 29.28 -3.65 -18.23
CA GLU C 252 29.95 -2.36 -18.40
C GLU C 252 31.16 -2.42 -19.33
N ASP C 253 31.91 -3.50 -19.26
CA ASP C 253 33.11 -3.64 -20.06
C ASP C 253 32.84 -3.56 -21.55
N TYR C 254 31.66 -4.06 -21.95
CA TYR C 254 31.28 -4.11 -23.35
C TYR C 254 30.64 -2.81 -23.88
N ARG C 255 30.55 -1.80 -23.02
CA ARG C 255 30.09 -0.46 -23.40
C ARG C 255 28.92 -0.47 -24.37
N LEU C 256 27.77 -0.94 -23.89
CA LEU C 256 26.53 -0.95 -24.68
C LEU C 256 26.06 0.45 -25.00
N PHE C 257 25.38 0.59 -26.13
CA PHE C 257 24.72 1.83 -26.52
C PHE C 257 23.59 2.07 -25.53
N TRP C 258 22.93 1.00 -25.14
CA TRP C 258 21.92 1.07 -24.12
C TRP C 258 21.46 -0.32 -23.75
N MET C 259 21.00 -0.48 -22.51
CA MET C 259 20.14 -1.59 -22.16
C MET C 259 18.72 -1.05 -22.04
N GLU C 260 17.77 -1.77 -22.62
CA GLU C 260 16.43 -1.26 -22.82
C GLU C 260 15.42 -2.01 -21.97
N ASP C 261 14.45 -1.27 -21.45
CA ASP C 261 13.34 -1.84 -20.73
C ASP C 261 13.75 -2.82 -19.62
N PRO C 262 14.62 -2.37 -18.71
CA PRO C 262 15.17 -3.25 -17.67
C PRO C 262 14.14 -3.79 -16.68
N THR C 263 13.11 -3.01 -16.39
CA THR C 263 12.13 -3.37 -15.37
C THR C 263 10.83 -2.66 -15.70
N PRO C 264 9.69 -3.26 -15.36
CA PRO C 264 8.44 -2.53 -15.56
C PRO C 264 8.51 -1.15 -14.93
N ALA C 265 7.98 -0.13 -15.61
CA ALA C 265 8.24 1.26 -15.22
C ALA C 265 6.98 2.03 -14.87
N GLU C 266 5.93 1.34 -14.44
CA GLU C 266 4.72 2.00 -13.98
C GLU C 266 5.04 2.80 -12.73
N ASN C 267 5.90 2.23 -11.90
CA ASN C 267 6.51 2.94 -10.79
C ASN C 267 7.85 3.45 -11.26
N GLN C 268 7.87 4.70 -11.72
CA GLN C 268 9.06 5.28 -12.31
C GLN C 268 10.25 5.34 -11.36
N ALA C 269 10.01 5.42 -10.07
CA ALA C 269 11.12 5.42 -9.09
C ALA C 269 11.89 4.10 -9.08
N CYS C 270 11.32 3.07 -9.69
CA CYS C 270 11.95 1.75 -9.69
C CYS C 270 13.25 1.78 -10.49
N PHE C 271 13.40 2.82 -11.28
CA PHE C 271 14.61 2.97 -12.05
C PHE C 271 15.79 3.57 -11.25
N ARG C 272 15.54 4.06 -10.04
CA ARG C 272 16.56 4.75 -9.25
C ARG C 272 17.70 3.82 -8.83
N LEU C 273 17.34 2.62 -8.39
CA LEU C 273 18.28 1.61 -7.90
C LEU C 273 19.21 1.18 -9.04
N ILE C 274 18.70 1.10 -10.25
CA ILE C 274 19.52 0.73 -11.40
C ILE C 274 20.56 1.82 -11.66
N ARG C 275 20.09 3.06 -11.63
CA ARG C 275 20.86 4.18 -12.10
C ARG C 275 21.99 4.53 -11.15
N GLN C 276 21.83 4.18 -9.88
CA GLN C 276 22.87 4.50 -8.93
C GLN C 276 23.93 3.40 -8.93
N HIS C 277 23.65 2.27 -9.56
CA HIS C 277 24.57 1.13 -9.52
C HIS C 277 25.34 0.84 -10.82
N THR C 278 24.89 1.38 -11.95
CA THR C 278 25.60 1.11 -13.21
C THR C 278 25.73 2.33 -14.12
N VAL C 279 26.80 2.35 -14.91
CA VAL C 279 26.99 3.40 -15.91
C VAL C 279 26.59 2.95 -17.30
N THR C 280 26.02 1.74 -17.39
CA THR C 280 25.41 1.25 -18.63
C THR C 280 24.12 2.04 -18.92
N PRO C 281 24.08 2.67 -20.10
CA PRO C 281 22.98 3.56 -20.45
C PRO C 281 21.66 2.83 -20.55
N ILE C 282 20.60 3.53 -20.20
CA ILE C 282 19.30 2.93 -20.06
C ILE C 282 18.37 3.53 -21.09
N ALA C 283 17.58 2.68 -21.72
CA ALA C 283 16.59 3.13 -22.68
C ALA C 283 15.27 2.55 -22.27
N VAL C 284 14.20 3.31 -22.48
CA VAL C 284 12.88 2.84 -22.14
C VAL C 284 11.81 3.62 -22.90
N GLY C 285 10.63 3.02 -23.01
CA GLY C 285 9.44 3.79 -23.32
C GLY C 285 8.56 3.32 -24.47
N GLU C 286 8.88 2.21 -25.12
CA GLU C 286 8.03 1.76 -26.22
C GLU C 286 6.58 1.59 -25.79
N VAL C 287 6.34 1.23 -24.52
CA VAL C 287 4.98 0.95 -24.05
C VAL C 287 4.27 2.18 -23.47
N PHE C 288 4.92 3.34 -23.52
CA PHE C 288 4.35 4.56 -22.96
C PHE C 288 3.44 5.26 -23.95
N ASN C 289 2.38 5.86 -23.45
CA ASN C 289 1.47 6.62 -24.30
C ASN C 289 1.47 8.11 -23.95
N SER C 290 2.33 8.51 -23.02
CA SER C 290 2.26 9.88 -22.51
C SER C 290 3.53 10.36 -21.80
N ILE C 291 3.67 11.68 -21.78
CA ILE C 291 4.76 12.29 -21.04
C ILE C 291 4.61 11.95 -19.56
N TRP C 292 3.39 11.71 -19.12
CA TRP C 292 3.15 11.41 -17.70
C TRP C 292 3.74 10.06 -17.31
N ASP C 293 3.96 9.20 -18.30
CA ASP C 293 4.57 7.89 -18.10
C ASP C 293 6.06 7.97 -17.86
N CYS C 294 6.69 9.08 -18.23
CA CYS C 294 8.14 9.15 -18.22
C CYS C 294 8.72 10.43 -17.64
N LYS C 295 7.89 11.31 -17.11
CA LYS C 295 8.35 12.63 -16.67
C LYS C 295 9.36 12.50 -15.52
N GLN C 296 9.08 11.62 -14.59
CA GLN C 296 9.97 11.39 -13.46
C GLN C 296 11.28 10.71 -13.90
N LEU C 297 11.17 9.68 -14.74
CA LEU C 297 12.35 9.01 -15.29
C LEU C 297 13.30 10.03 -15.87
N ILE C 298 12.76 10.92 -16.69
CA ILE C 298 13.58 11.95 -17.30
C ILE C 298 14.12 13.03 -16.34
N GLU C 299 13.26 13.57 -15.48
CA GLU C 299 13.66 14.70 -14.64
C GLU C 299 14.61 14.27 -13.53
N GLU C 300 14.54 13.01 -13.15
CA GLU C 300 15.51 12.45 -12.22
C GLU C 300 16.73 11.88 -12.94
N GLN C 301 16.76 12.04 -14.26
CA GLN C 301 17.93 11.63 -15.06
C GLN C 301 18.22 10.16 -14.89
N LEU C 302 17.18 9.37 -15.00
CA LEU C 302 17.26 7.94 -14.73
C LEU C 302 17.41 7.15 -16.03
N ILE C 303 17.28 7.84 -17.16
CA ILE C 303 17.33 7.18 -18.45
C ILE C 303 18.14 8.02 -19.41
N ASP C 304 18.67 7.38 -20.45
CA ASP C 304 19.45 8.06 -21.47
C ASP C 304 18.70 8.18 -22.79
N TYR C 305 17.73 7.30 -23.02
CA TYR C 305 16.95 7.35 -24.25
C TYR C 305 15.49 7.12 -23.94
N ILE C 306 14.63 7.90 -24.58
CA ILE C 306 13.20 7.74 -24.42
C ILE C 306 12.68 7.18 -25.74
N ARG C 307 11.90 6.12 -25.69
CA ARG C 307 11.58 5.34 -26.88
C ARG C 307 10.14 5.47 -27.31
N THR C 308 9.44 6.49 -26.81
CA THR C 308 8.07 6.72 -27.18
C THR C 308 7.95 6.91 -28.70
N THR C 309 6.78 6.61 -29.25
CA THR C 309 6.59 6.70 -30.69
C THR C 309 5.43 7.60 -31.13
N ILE C 310 5.52 8.07 -32.36
CA ILE C 310 4.49 8.90 -32.97
C ILE C 310 3.11 8.29 -32.82
N THR C 311 3.01 6.98 -33.04
CA THR C 311 1.70 6.32 -33.08
C THR C 311 1.08 6.15 -31.70
N HIS C 312 1.91 5.91 -30.69
CA HIS C 312 1.40 5.60 -29.36
C HIS C 312 1.48 6.74 -28.35
N ALA C 313 2.32 7.75 -28.58
CA ALA C 313 2.63 8.73 -27.54
C ALA C 313 2.07 10.12 -27.83
N GLY C 314 1.09 10.22 -28.71
CA GLY C 314 0.40 11.50 -28.95
C GLY C 314 0.71 12.16 -30.27
N GLY C 315 1.27 11.39 -31.20
CA GLY C 315 1.58 11.91 -32.54
C GLY C 315 2.79 12.82 -32.59
N ILE C 316 2.88 13.61 -33.64
CA ILE C 316 3.94 14.60 -33.81
C ILE C 316 3.86 15.64 -32.69
N THR C 317 2.64 16.04 -32.37
CA THR C 317 2.40 17.08 -31.37
C THR C 317 2.91 16.62 -30.01
N GLY C 318 2.54 15.41 -29.61
CA GLY C 318 2.97 14.88 -28.33
C GLY C 318 4.44 14.53 -28.31
N MET C 319 4.94 13.95 -29.40
CA MET C 319 6.35 13.56 -29.44
C MET C 319 7.25 14.76 -29.36
N ARG C 320 6.82 15.88 -29.95
CA ARG C 320 7.64 17.09 -29.93
C ARG C 320 7.85 17.53 -28.48
N ARG C 321 6.76 17.58 -27.73
CA ARG C 321 6.82 18.00 -26.35
C ARG C 321 7.66 17.01 -25.53
N ILE C 322 7.50 15.72 -25.79
CA ILE C 322 8.32 14.72 -25.11
C ILE C 322 9.81 14.96 -25.41
N ALA C 323 10.15 15.07 -26.70
CA ALA C 323 11.57 15.24 -27.08
C ALA C 323 12.18 16.49 -26.45
N ASP C 324 11.47 17.61 -26.57
CA ASP C 324 11.95 18.87 -26.04
C ASP C 324 12.17 18.82 -24.53
N PHE C 325 11.28 18.14 -23.83
CA PHE C 325 11.41 18.01 -22.40
C PHE C 325 12.64 17.19 -22.08
N ALA C 326 12.75 16.06 -22.78
CA ALA C 326 13.89 15.17 -22.62
C ALA C 326 15.20 15.91 -22.79
N SER C 327 15.24 16.83 -23.75
CA SER C 327 16.48 17.50 -24.06
C SER C 327 17.04 18.33 -22.92
N LEU C 328 16.17 18.87 -22.06
CA LEU C 328 16.63 19.70 -20.93
C LEU C 328 17.56 18.89 -20.05
N TYR C 329 17.36 17.58 -20.08
CA TYR C 329 18.03 16.68 -19.17
C TYR C 329 19.06 15.81 -19.91
N GLN C 330 19.32 16.16 -21.17
CA GLN C 330 20.26 15.44 -22.02
C GLN C 330 19.81 14.02 -22.34
N VAL C 331 18.51 13.80 -22.35
CA VAL C 331 17.95 12.53 -22.77
C VAL C 331 17.70 12.62 -24.28
N ARG C 332 18.11 11.59 -25.01
CA ARG C 332 17.99 11.58 -26.47
C ARG C 332 16.84 10.65 -26.91
N THR C 333 16.37 10.84 -28.13
CA THR C 333 15.27 9.99 -28.63
C THR C 333 15.84 8.68 -29.18
N GLY C 334 15.07 7.60 -29.05
CA GLY C 334 15.44 6.31 -29.62
C GLY C 334 14.19 5.54 -29.95
N SER C 335 13.33 6.14 -30.78
CA SER C 335 11.97 5.66 -30.94
C SER C 335 11.89 4.18 -31.35
N HIS C 336 10.93 3.51 -30.73
CA HIS C 336 10.54 2.15 -31.02
C HIS C 336 10.04 2.07 -32.48
N GLY C 337 10.58 1.10 -33.22
CA GLY C 337 10.21 0.91 -34.63
C GLY C 337 10.11 -0.55 -35.02
N PRO C 338 9.04 -1.23 -34.59
CA PRO C 338 8.87 -2.60 -34.95
C PRO C 338 7.97 -2.69 -36.19
N SER C 339 7.68 -3.90 -36.63
CA SER C 339 6.83 -4.08 -37.80
C SER C 339 5.41 -3.69 -37.45
N ASP C 340 5.06 -3.79 -36.16
CA ASP C 340 3.70 -3.50 -35.72
C ASP C 340 3.38 -2.01 -35.63
N LEU C 341 4.32 -1.17 -36.06
CA LEU C 341 4.00 0.24 -36.32
C LEU C 341 4.06 0.45 -37.83
N SER C 342 2.97 0.97 -38.39
CA SER C 342 2.81 0.97 -39.85
C SER C 342 3.75 1.95 -40.54
N PRO C 343 4.06 1.68 -41.80
CA PRO C 343 4.93 2.53 -42.60
C PRO C 343 4.55 4.00 -42.53
N ILE C 344 3.29 4.28 -42.21
CA ILE C 344 2.87 5.66 -42.02
C ILE C 344 3.61 6.23 -40.81
N CYS C 345 3.70 5.43 -39.74
CA CYS C 345 4.45 5.85 -38.55
C CYS C 345 5.93 6.03 -38.90
N MET C 346 6.52 5.05 -39.57
CA MET C 346 7.93 5.11 -39.91
C MET C 346 8.22 6.38 -40.71
N ALA C 347 7.32 6.73 -41.62
CA ALA C 347 7.48 7.97 -42.38
C ALA C 347 7.36 9.17 -41.45
N ALA C 348 6.40 9.13 -40.54
CA ALA C 348 6.23 10.23 -39.59
C ALA C 348 7.50 10.33 -38.75
N ALA C 349 8.04 9.18 -38.38
CA ALA C 349 9.17 9.12 -37.47
C ALA C 349 10.42 9.68 -38.12
N LEU C 350 10.63 9.35 -39.39
CA LEU C 350 11.84 9.76 -40.06
C LEU C 350 11.87 11.27 -40.22
N HIS C 351 10.72 11.87 -40.50
CA HIS C 351 10.62 13.32 -40.53
C HIS C 351 10.98 13.91 -39.16
N PHE C 352 10.40 13.34 -38.11
CA PHE C 352 10.65 13.80 -36.77
C PHE C 352 12.14 13.65 -36.46
N ASP C 353 12.68 12.48 -36.81
CA ASP C 353 14.07 12.16 -36.52
C ASP C 353 15.05 13.10 -37.16
N LEU C 354 14.74 13.53 -38.38
CA LEU C 354 15.66 14.37 -39.14
C LEU C 354 15.78 15.74 -38.50
N TRP C 355 14.68 16.22 -37.93
CA TRP C 355 14.67 17.55 -37.30
C TRP C 355 15.18 17.57 -35.85
N VAL C 356 14.65 16.68 -35.01
CA VAL C 356 14.79 16.82 -33.56
C VAL C 356 16.27 16.91 -33.12
N PRO C 357 16.61 17.97 -32.37
CA PRO C 357 17.98 18.21 -31.98
C PRO C 357 18.60 17.07 -31.19
N ASN C 358 17.87 16.60 -30.17
CA ASN C 358 18.37 15.55 -29.29
C ASN C 358 18.07 14.13 -29.82
N PHE C 359 18.34 13.92 -31.10
CA PHE C 359 18.12 12.61 -31.70
C PHE C 359 19.18 11.63 -31.23
N GLY C 360 18.77 10.41 -30.91
CA GLY C 360 19.72 9.37 -30.54
C GLY C 360 19.85 8.24 -31.55
N VAL C 361 18.72 7.67 -31.95
CA VAL C 361 18.73 6.55 -32.88
C VAL C 361 17.31 6.17 -33.17
N GLN C 362 17.11 5.42 -34.25
CA GLN C 362 15.78 5.02 -34.64
C GLN C 362 15.79 3.54 -34.92
N GLU C 363 14.89 2.81 -34.28
CA GLU C 363 14.77 1.40 -34.51
C GLU C 363 14.18 1.17 -35.91
N TYR C 364 14.59 0.07 -36.52
CA TYR C 364 14.04 -0.33 -37.82
C TYR C 364 13.98 -1.85 -37.90
N MET C 365 12.86 -2.41 -37.48
CA MET C 365 12.69 -3.85 -37.48
C MET C 365 12.61 -4.30 -38.93
N GLY C 366 12.09 -3.41 -39.76
CA GLY C 366 11.94 -3.71 -41.17
C GLY C 366 10.52 -4.15 -41.45
N TYR C 367 10.14 -4.10 -42.71
CA TYR C 367 8.83 -4.55 -43.14
C TYR C 367 9.00 -5.62 -44.22
N SER C 368 8.01 -6.51 -44.33
CA SER C 368 8.01 -7.50 -45.40
C SER C 368 7.63 -6.82 -46.71
N GLU C 369 8.21 -7.31 -47.80
CA GLU C 369 7.87 -6.82 -49.12
C GLU C 369 6.35 -6.68 -49.24
N GLN C 370 5.61 -7.61 -48.62
CA GLN C 370 4.16 -7.61 -48.72
C GLN C 370 3.56 -6.38 -48.05
N MET C 371 3.82 -6.22 -46.76
CA MET C 371 3.32 -5.05 -46.02
C MET C 371 3.63 -3.78 -46.78
N LEU C 372 4.91 -3.59 -47.08
CA LEU C 372 5.37 -2.38 -47.76
C LEU C 372 4.53 -2.05 -48.99
N GLU C 373 4.01 -3.09 -49.65
CA GLU C 373 3.14 -2.94 -50.82
C GLU C 373 1.94 -2.06 -50.55
N VAL C 374 1.25 -2.31 -49.45
CA VAL C 374 0.02 -1.59 -49.14
C VAL C 374 0.29 -0.11 -48.92
N PHE C 375 1.56 0.21 -48.68
CA PHE C 375 1.97 1.57 -48.29
C PHE C 375 3.08 2.12 -49.20
N PRO C 376 2.72 2.56 -50.42
CA PRO C 376 3.75 3.14 -51.25
C PRO C 376 4.52 4.20 -50.46
N HIS C 377 5.85 4.09 -50.44
CA HIS C 377 6.66 4.94 -49.57
C HIS C 377 7.75 5.64 -50.35
N SER C 378 8.33 6.68 -49.77
CA SER C 378 9.31 7.49 -50.47
C SER C 378 10.59 7.75 -49.68
N TRP C 379 10.83 7.00 -48.62
CA TRP C 379 12.06 7.23 -47.85
C TRP C 379 13.21 6.45 -48.42
N THR C 380 14.42 6.77 -47.97
CA THR C 380 15.61 6.10 -48.46
C THR C 380 16.44 5.54 -47.32
N PHE C 381 17.33 4.62 -47.67
CA PHE C 381 18.22 4.00 -46.71
C PHE C 381 19.58 3.80 -47.34
N ASP C 382 20.57 4.55 -46.89
CA ASP C 382 21.90 4.45 -47.45
C ASP C 382 23.00 4.27 -46.41
N ASN C 383 23.52 3.05 -46.31
CA ASN C 383 24.73 2.81 -45.55
C ASN C 383 24.55 3.07 -44.05
N GLY C 384 23.45 2.55 -43.51
CA GLY C 384 23.16 2.67 -42.08
C GLY C 384 22.28 3.86 -41.72
N TYR C 385 22.00 4.72 -42.69
CA TYR C 385 21.25 5.94 -42.43
C TYR C 385 20.05 6.07 -43.34
N MET C 386 18.93 6.46 -42.77
CA MET C 386 17.71 6.66 -43.54
C MET C 386 17.41 8.13 -43.70
N HIS C 387 16.36 8.42 -44.45
CA HIS C 387 15.96 9.78 -44.77
C HIS C 387 14.55 9.71 -45.29
N PRO C 388 13.69 10.63 -44.84
CA PRO C 388 12.27 10.61 -45.19
C PRO C 388 12.00 10.98 -46.65
N GLY C 389 12.93 11.70 -47.27
CA GLY C 389 12.72 12.17 -48.64
C GLY C 389 12.21 13.59 -48.68
N GLU C 390 11.99 14.10 -49.89
CA GLU C 390 11.60 15.50 -50.05
C GLU C 390 10.17 15.67 -50.55
N LYS C 391 9.38 14.62 -50.52
CA LYS C 391 7.99 14.73 -50.94
C LYS C 391 7.19 15.47 -49.89
N PRO C 392 6.18 16.23 -50.32
CA PRO C 392 5.34 17.02 -49.43
C PRO C 392 4.57 16.15 -48.47
N GLY C 393 4.45 16.60 -47.23
CA GLY C 393 3.76 15.84 -46.20
C GLY C 393 4.62 14.74 -45.62
N LEU C 394 3.99 13.64 -45.24
CA LEU C 394 4.73 12.51 -44.70
C LEU C 394 5.48 11.79 -45.81
N GLY C 395 4.98 11.94 -47.04
CA GLY C 395 5.58 11.26 -48.19
C GLY C 395 5.18 9.80 -48.27
N ILE C 396 3.95 9.51 -47.86
CA ILE C 396 3.50 8.13 -47.76
C ILE C 396 2.10 7.96 -48.36
N GLU C 397 1.86 6.78 -48.95
CA GLU C 397 0.55 6.48 -49.53
C GLU C 397 -0.03 5.26 -48.84
N PHE C 398 -1.29 4.97 -49.16
CA PHE C 398 -1.97 3.82 -48.64
C PHE C 398 -2.82 3.24 -49.76
N ASP C 399 -2.38 2.10 -50.30
CA ASP C 399 -3.08 1.44 -51.39
C ASP C 399 -4.35 0.75 -50.89
N GLU C 400 -5.45 1.49 -50.86
CA GLU C 400 -6.69 1.01 -50.26
C GLU C 400 -7.23 -0.28 -50.87
N LYS C 401 -7.07 -0.44 -52.18
CA LYS C 401 -7.67 -1.58 -52.85
C LYS C 401 -6.84 -2.83 -52.64
N LEU C 402 -5.52 -2.68 -52.59
CA LEU C 402 -4.68 -3.80 -52.22
C LEU C 402 -4.98 -4.13 -50.76
N ALA C 403 -5.21 -3.09 -49.96
CA ALA C 403 -5.43 -3.27 -48.52
C ALA C 403 -6.67 -4.10 -48.29
N ALA C 404 -7.76 -3.73 -48.95
CA ALA C 404 -9.04 -4.45 -48.83
C ALA C 404 -8.94 -5.91 -49.29
N LYS C 405 -7.77 -6.35 -49.71
CA LYS C 405 -7.57 -7.75 -50.10
C LYS C 405 -7.28 -8.63 -48.90
N TYR C 406 -6.55 -8.11 -47.91
CA TYR C 406 -6.28 -8.87 -46.69
C TYR C 406 -7.14 -8.36 -45.56
N PRO C 407 -8.02 -9.23 -45.07
CA PRO C 407 -8.87 -8.89 -43.94
C PRO C 407 -8.15 -9.06 -42.61
N TYR C 408 -8.71 -8.46 -41.57
CA TYR C 408 -8.19 -8.57 -40.22
C TYR C 408 -8.01 -10.04 -39.82
N ASP C 409 -6.81 -10.39 -39.35
CA ASP C 409 -6.57 -11.72 -38.82
C ASP C 409 -5.98 -11.66 -37.41
N PRO C 410 -6.77 -12.07 -36.39
CA PRO C 410 -6.38 -12.03 -34.98
C PRO C 410 -4.98 -12.55 -34.68
N ALA C 411 -4.17 -11.69 -34.08
CA ALA C 411 -2.83 -12.07 -33.65
C ALA C 411 -2.49 -11.33 -32.35
N TYR C 412 -1.93 -12.06 -31.39
CA TYR C 412 -1.75 -11.56 -30.03
C TYR C 412 -0.32 -11.82 -29.56
N LEU C 413 0.23 -10.87 -28.80
CA LEU C 413 1.59 -10.99 -28.26
C LEU C 413 1.67 -12.14 -27.26
N PRO C 414 2.89 -12.65 -27.02
CA PRO C 414 3.01 -13.69 -26.01
C PRO C 414 2.91 -13.14 -24.60
N VAL C 415 2.64 -14.03 -23.65
CA VAL C 415 2.75 -13.72 -22.25
C VAL C 415 3.88 -14.55 -21.67
N ALA C 416 4.47 -14.08 -20.57
CA ALA C 416 5.56 -14.81 -19.91
C ALA C 416 5.05 -15.38 -18.60
N ARG C 417 5.57 -16.55 -18.26
CA ARG C 417 5.35 -17.12 -16.95
C ARG C 417 6.67 -17.61 -16.43
N LEU C 418 6.81 -17.60 -15.10
CA LEU C 418 7.96 -18.17 -14.45
C LEU C 418 7.75 -19.69 -14.33
N GLU C 419 8.80 -20.39 -13.90
CA GLU C 419 8.71 -21.83 -13.66
C GLU C 419 7.42 -22.24 -12.99
N ASP C 420 7.10 -21.60 -11.87
CA ASP C 420 5.96 -22.04 -11.08
C ASP C 420 4.65 -21.61 -11.71
N GLY C 421 4.72 -20.97 -12.88
CA GLY C 421 3.52 -20.52 -13.57
C GLY C 421 3.10 -19.07 -13.28
N THR C 422 3.88 -18.38 -12.45
CA THR C 422 3.58 -16.98 -12.13
C THR C 422 3.55 -16.13 -13.39
N LEU C 423 2.40 -15.52 -13.68
CA LEU C 423 2.27 -14.59 -14.79
C LEU C 423 3.22 -13.42 -14.58
N TRP C 424 4.05 -13.16 -15.58
CA TRP C 424 5.17 -12.25 -15.44
C TRP C 424 5.08 -11.16 -16.51
N ASN C 425 6.14 -10.38 -16.64
CA ASN C 425 6.26 -9.39 -17.68
C ASN C 425 6.91 -10.02 -18.91
N TRP C 426 6.23 -9.91 -20.04
CA TRP C 426 6.80 -10.34 -21.30
C TRP C 426 7.42 -9.13 -21.98
N PHE D 20 -22.40 -20.26 7.63
CA PHE D 20 -23.22 -20.23 6.39
C PHE D 20 -24.06 -18.96 6.33
N GLN D 21 -25.03 -18.84 7.22
CA GLN D 21 -25.87 -17.64 7.28
C GLN D 21 -25.32 -16.62 8.29
N SER D 22 -25.32 -17.02 9.56
CA SER D 22 -24.81 -16.17 10.63
C SER D 22 -24.24 -17.05 11.74
N MET D 23 -22.92 -17.24 11.71
CA MET D 23 -22.28 -18.19 12.61
C MET D 23 -21.67 -17.50 13.81
N LYS D 24 -22.46 -17.38 14.88
CA LYS D 24 -21.97 -16.74 16.09
C LYS D 24 -20.94 -17.65 16.77
N ILE D 25 -20.02 -17.02 17.50
CA ILE D 25 -18.95 -17.75 18.15
C ILE D 25 -19.44 -18.23 19.50
N VAL D 26 -19.28 -19.52 19.77
CA VAL D 26 -19.77 -20.11 21.01
C VAL D 26 -18.59 -20.34 21.96
N SER D 27 -17.44 -20.68 21.41
CA SER D 27 -16.24 -20.76 22.22
C SER D 27 -14.97 -20.44 21.43
N ALA D 28 -13.97 -19.97 22.16
CA ALA D 28 -12.66 -19.65 21.61
C ALA D 28 -11.64 -20.11 22.62
N GLU D 29 -10.89 -21.17 22.30
CA GLU D 29 -10.08 -21.84 23.31
C GLU D 29 -8.60 -21.83 22.97
N VAL D 30 -7.76 -21.71 23.99
CA VAL D 30 -6.31 -21.67 23.81
C VAL D 30 -5.64 -22.97 24.27
N PHE D 31 -4.79 -23.55 23.44
CA PHE D 31 -4.07 -24.77 23.81
C PHE D 31 -2.57 -24.56 23.80
N VAL D 32 -1.91 -24.88 24.92
CA VAL D 32 -0.45 -24.85 25.01
C VAL D 32 0.17 -26.25 25.11
N THR D 33 0.92 -26.66 24.09
CA THR D 33 1.50 -28.01 24.03
C THR D 33 2.96 -27.98 23.56
N CYS D 34 3.73 -29.00 23.94
CA CYS D 34 5.17 -29.05 23.65
C CYS D 34 5.60 -30.38 23.04
N PRO D 35 5.11 -30.70 21.84
CA PRO D 35 5.48 -31.95 21.21
C PRO D 35 6.81 -31.87 20.52
N GLY D 36 7.85 -31.58 21.30
CA GLY D 36 9.19 -31.38 20.75
C GLY D 36 9.65 -29.95 21.00
N ARG D 37 8.70 -29.02 20.92
CA ARG D 37 8.94 -27.61 21.23
C ARG D 37 7.59 -26.96 21.58
N ASN D 38 7.62 -25.73 22.07
CA ASN D 38 6.37 -25.08 22.45
C ASN D 38 5.56 -24.54 21.25
N PHE D 39 4.27 -24.85 21.24
CA PHE D 39 3.31 -24.24 20.31
C PHE D 39 2.11 -23.74 21.10
N VAL D 40 1.50 -22.64 20.64
CA VAL D 40 0.26 -22.13 21.23
C VAL D 40 -0.82 -22.04 20.14
N THR D 41 -2.01 -22.57 20.43
CA THR D 41 -3.01 -22.80 19.41
C THR D 41 -4.36 -22.24 19.83
N LEU D 42 -5.10 -21.66 18.87
CA LEU D 42 -6.44 -21.15 19.15
C LEU D 42 -7.48 -21.88 18.32
N LYS D 43 -8.61 -22.18 18.94
CA LYS D 43 -9.68 -22.90 18.27
C LYS D 43 -10.98 -22.14 18.43
N ILE D 44 -11.56 -21.73 17.30
CA ILE D 44 -12.83 -21.03 17.37
C ILE D 44 -13.93 -21.95 16.85
N THR D 45 -15.01 -22.05 17.61
CA THR D 45 -16.14 -22.86 17.22
C THR D 45 -17.38 -22.01 17.13
N THR D 46 -18.10 -22.16 16.03
CA THR D 46 -19.35 -21.47 15.84
C THR D 46 -20.51 -22.30 16.37
N ASP D 47 -21.69 -21.69 16.41
CA ASP D 47 -22.89 -22.43 16.78
C ASP D 47 -23.18 -23.53 15.75
N SER D 48 -22.87 -23.26 14.48
CA SER D 48 -23.08 -24.23 13.42
C SER D 48 -22.10 -25.39 13.55
N GLY D 49 -21.23 -25.31 14.54
CA GLY D 49 -20.27 -26.37 14.79
C GLY D 49 -18.98 -26.23 14.00
N LEU D 50 -18.91 -25.26 13.08
CA LEU D 50 -17.69 -25.06 12.33
C LEU D 50 -16.56 -24.68 13.29
N THR D 51 -15.36 -25.16 13.01
CA THR D 51 -14.20 -24.85 13.83
C THR D 51 -13.12 -24.19 12.98
N GLY D 52 -12.38 -23.27 13.59
CA GLY D 52 -11.25 -22.63 12.93
C GLY D 52 -10.02 -22.69 13.82
N LEU D 53 -8.87 -22.94 13.20
CA LEU D 53 -7.63 -23.07 13.95
C LEU D 53 -6.66 -21.94 13.64
N GLY D 54 -5.96 -21.47 14.66
CA GLY D 54 -4.99 -20.41 14.49
C GLY D 54 -3.75 -20.58 15.35
N ASP D 55 -2.59 -20.36 14.75
CA ASP D 55 -1.34 -20.40 15.49
C ASP D 55 -1.13 -19.09 16.25
N ALA D 56 -0.61 -19.19 17.46
CA ALA D 56 -0.34 -18.01 18.25
C ALA D 56 1.07 -18.08 18.82
N THR D 57 1.90 -18.96 18.28
CA THR D 57 3.19 -19.25 18.88
C THR D 57 4.18 -18.11 18.76
N LEU D 58 4.70 -17.66 19.91
CA LEU D 58 5.75 -16.63 19.95
C LEU D 58 6.99 -17.19 20.67
N ASN D 59 8.00 -17.58 19.89
CA ASN D 59 9.09 -18.39 20.41
C ASN D 59 9.88 -17.72 21.54
N GLY D 60 9.89 -18.36 22.71
CA GLY D 60 10.61 -17.83 23.87
C GLY D 60 9.76 -16.91 24.74
N ARG D 61 8.52 -16.68 24.31
CA ARG D 61 7.61 -15.77 25.01
C ARG D 61 6.18 -16.19 24.70
N GLU D 62 5.94 -17.48 24.82
CA GLU D 62 4.70 -18.08 24.38
C GLU D 62 3.51 -17.72 25.26
N LEU D 63 3.77 -17.59 26.56
CA LEU D 63 2.69 -17.54 27.54
C LEU D 63 1.96 -16.19 27.59
N PRO D 64 2.70 -15.09 27.46
CA PRO D 64 2.00 -13.81 27.42
C PRO D 64 0.93 -13.76 26.32
N VAL D 65 1.20 -14.43 25.20
CA VAL D 65 0.23 -14.55 24.10
C VAL D 65 -0.93 -15.47 24.45
N ALA D 66 -0.64 -16.54 25.19
CA ALA D 66 -1.68 -17.43 25.68
C ALA D 66 -2.63 -16.65 26.58
N SER D 67 -2.04 -15.83 27.47
CA SER D 67 -2.79 -14.95 28.35
C SER D 67 -3.59 -13.87 27.58
N TYR D 68 -2.92 -13.13 26.70
CA TYR D 68 -3.59 -12.09 25.93
C TYR D 68 -4.91 -12.64 25.37
N LEU D 69 -4.83 -13.82 24.76
CA LEU D 69 -6.00 -14.49 24.18
C LEU D 69 -6.96 -14.98 25.28
N ASN D 70 -6.46 -15.84 26.15
CA ASN D 70 -7.30 -16.49 27.17
C ASN D 70 -8.01 -15.52 28.10
N ASP D 71 -7.26 -14.57 28.63
CA ASP D 71 -7.75 -13.64 29.63
C ASP D 71 -8.51 -12.44 29.05
N HIS D 72 -8.18 -12.05 27.82
CA HIS D 72 -8.67 -10.76 27.31
C HIS D 72 -9.43 -10.85 26.00
N VAL D 73 -8.81 -11.42 24.97
CA VAL D 73 -9.44 -11.43 23.66
C VAL D 73 -10.56 -12.48 23.55
N CYS D 74 -10.30 -13.72 23.98
CA CYS D 74 -11.25 -14.80 23.76
C CYS D 74 -12.64 -14.50 24.35
N PRO D 75 -12.70 -14.09 25.63
CA PRO D 75 -13.98 -13.72 26.20
C PRO D 75 -14.73 -12.68 25.36
N GLN D 76 -13.99 -11.86 24.64
CA GLN D 76 -14.61 -10.79 23.88
C GLN D 76 -15.02 -11.24 22.49
N LEU D 77 -14.65 -12.46 22.13
CA LEU D 77 -15.07 -13.04 20.86
C LEU D 77 -16.44 -13.70 20.95
N ILE D 78 -16.82 -14.11 22.16
CA ILE D 78 -18.02 -14.90 22.37
C ILE D 78 -19.29 -14.15 22.00
N GLY D 79 -20.09 -14.75 21.12
CA GLY D 79 -21.33 -14.12 20.65
C GLY D 79 -21.15 -13.37 19.35
N ARG D 80 -19.89 -13.10 18.97
CA ARG D 80 -19.61 -12.30 17.78
C ARG D 80 -19.86 -13.09 16.51
N ASP D 81 -20.34 -12.43 15.47
CA ASP D 81 -20.56 -13.10 14.19
C ASP D 81 -19.20 -13.37 13.52
N ALA D 82 -18.85 -14.64 13.38
CA ALA D 82 -17.54 -15.04 12.86
C ALA D 82 -17.30 -14.60 11.42
N HIS D 83 -18.36 -14.14 10.75
CA HIS D 83 -18.24 -13.64 9.38
C HIS D 83 -17.52 -12.30 9.30
N GLN D 84 -17.48 -11.60 10.43
CA GLN D 84 -16.94 -10.24 10.51
CA GLN D 84 -16.93 -10.24 10.49
C GLN D 84 -15.44 -10.23 10.82
N ILE D 85 -14.67 -10.89 9.98
CA ILE D 85 -13.23 -10.98 10.12
C ILE D 85 -12.61 -9.58 10.24
N GLU D 86 -12.95 -8.70 9.31
CA GLU D 86 -12.39 -7.37 9.29
C GLU D 86 -12.74 -6.57 10.54
N ASP D 87 -14.02 -6.56 10.90
CA ASP D 87 -14.42 -5.78 12.07
C ASP D 87 -13.73 -6.31 13.30
N ILE D 88 -13.59 -7.63 13.37
CA ILE D 88 -12.98 -8.25 14.53
C ILE D 88 -11.50 -7.88 14.61
N TRP D 89 -10.85 -7.82 13.46
CA TRP D 89 -9.44 -7.43 13.38
C TRP D 89 -9.24 -6.00 13.86
N GLN D 90 -10.06 -5.10 13.30
CA GLN D 90 -10.00 -3.69 13.68
C GLN D 90 -10.32 -3.56 15.16
N TYR D 91 -11.37 -4.25 15.58
CA TYR D 91 -11.81 -4.17 16.96
C TYR D 91 -10.67 -4.43 17.91
N PHE D 92 -9.89 -5.48 17.65
CA PHE D 92 -8.80 -5.82 18.59
C PHE D 92 -7.52 -5.06 18.33
N TYR D 93 -7.27 -4.71 17.08
CA TYR D 93 -6.08 -3.95 16.75
C TYR D 93 -6.16 -2.56 17.38
N LYS D 94 -7.27 -1.86 17.13
CA LYS D 94 -7.41 -0.49 17.65
C LYS D 94 -7.96 -0.48 19.04
N GLY D 95 -8.85 -1.42 19.32
CA GLY D 95 -9.55 -1.45 20.60
C GLY D 95 -8.59 -1.72 21.75
N ALA D 96 -7.50 -2.40 21.45
CA ALA D 96 -6.43 -2.65 22.44
C ALA D 96 -5.87 -1.34 23.02
N TYR D 97 -6.06 -0.24 22.29
CA TYR D 97 -5.51 1.07 22.65
C TYR D 97 -4.00 1.12 22.53
N TRP D 98 -3.31 0.19 23.17
CA TRP D 98 -1.87 0.04 22.98
C TRP D 98 -1.64 -0.81 21.73
N ARG D 99 -1.11 -0.19 20.68
CA ARG D 99 -1.17 -0.81 19.38
C ARG D 99 0.04 -1.66 19.04
N ARG D 100 -0.26 -2.73 18.32
CA ARG D 100 0.71 -3.67 17.77
C ARG D 100 1.73 -4.21 18.77
N GLY D 101 2.88 -4.64 18.28
CA GLY D 101 3.85 -5.36 19.10
C GLY D 101 3.69 -6.86 18.91
N PRO D 102 4.71 -7.62 19.31
CA PRO D 102 4.76 -9.06 19.05
C PRO D 102 3.67 -9.86 19.77
N VAL D 103 3.42 -9.56 21.04
CA VAL D 103 2.42 -10.32 21.80
C VAL D 103 1.03 -9.98 21.29
N THR D 104 0.76 -8.68 21.20
CA THR D 104 -0.50 -8.21 20.64
C THR D 104 -0.81 -8.85 19.28
N MET D 105 0.13 -8.77 18.35
CA MET D 105 -0.14 -9.19 16.98
C MET D 105 -0.18 -10.71 16.85
N SER D 106 0.58 -11.43 17.69
CA SER D 106 0.48 -12.88 17.68
C SER D 106 -0.95 -13.28 18.03
N ALA D 107 -1.52 -12.61 19.02
CA ALA D 107 -2.91 -12.84 19.40
C ALA D 107 -3.87 -12.55 18.24
N ILE D 108 -3.78 -11.33 17.71
CA ILE D 108 -4.69 -10.87 16.69
C ILE D 108 -4.60 -11.77 15.49
N SER D 109 -3.38 -12.21 15.16
CA SER D 109 -3.15 -13.05 14.00
C SER D 109 -3.81 -14.41 14.17
N ALA D 110 -3.74 -14.95 15.40
CA ALA D 110 -4.31 -16.25 15.68
C ALA D 110 -5.79 -16.22 15.39
N VAL D 111 -6.45 -15.19 15.90
CA VAL D 111 -7.87 -14.99 15.62
C VAL D 111 -8.16 -14.91 14.12
N ASP D 112 -7.42 -14.05 13.44
CA ASP D 112 -7.69 -13.79 12.03
C ASP D 112 -7.56 -15.08 11.21
N MET D 113 -6.51 -15.81 11.49
CA MET D 113 -6.21 -17.08 10.87
C MET D 113 -7.37 -18.08 11.06
N ALA D 114 -7.88 -18.15 12.29
CA ALA D 114 -8.96 -19.06 12.60
C ALA D 114 -10.24 -18.64 11.90
N LEU D 115 -10.49 -17.33 11.80
CA LEU D 115 -11.72 -16.86 11.19
C LEU D 115 -11.73 -17.13 9.69
N TRP D 116 -10.56 -17.00 9.05
CA TRP D 116 -10.48 -17.28 7.62
C TRP D 116 -10.64 -18.79 7.35
N ASP D 117 -10.06 -19.61 8.21
CA ASP D 117 -10.27 -21.06 8.19
C ASP D 117 -11.77 -21.32 8.12
N ILE D 118 -12.46 -20.87 9.17
CA ILE D 118 -13.90 -20.96 9.25
C ILE D 118 -14.60 -20.47 7.98
N LYS D 119 -14.23 -19.29 7.51
CA LYS D 119 -14.92 -18.69 6.36
C LYS D 119 -14.73 -19.52 5.08
N ALA D 120 -13.52 -20.01 4.86
CA ALA D 120 -13.27 -20.85 3.70
C ALA D 120 -14.07 -22.14 3.80
N LYS D 121 -14.27 -22.61 5.02
CA LYS D 121 -15.10 -23.80 5.24
C LYS D 121 -16.57 -23.44 4.98
N ALA D 122 -17.03 -22.35 5.59
CA ALA D 122 -18.39 -21.89 5.35
C ALA D 122 -18.62 -21.81 3.86
N ALA D 123 -17.58 -21.49 3.12
CA ALA D 123 -17.69 -21.35 1.68
C ALA D 123 -17.44 -22.69 1.02
N ASN D 124 -16.92 -23.64 1.79
CA ASN D 124 -16.60 -24.95 1.27
C ASN D 124 -15.52 -24.88 0.19
N MET D 125 -14.45 -24.13 0.45
CA MET D 125 -13.29 -24.13 -0.44
C MET D 125 -12.01 -24.11 0.37
N PRO D 126 -10.90 -24.51 -0.28
CA PRO D 126 -9.56 -24.24 0.25
C PRO D 126 -9.31 -22.73 0.27
N LEU D 127 -8.87 -22.21 1.40
CA LEU D 127 -8.70 -20.76 1.59
C LEU D 127 -8.15 -20.02 0.37
N TYR D 128 -7.15 -20.56 -0.28
CA TYR D 128 -6.47 -19.83 -1.33
C TYR D 128 -7.41 -19.38 -2.42
N GLN D 129 -8.53 -20.10 -2.57
CA GLN D 129 -9.55 -19.75 -3.54
C GLN D 129 -10.19 -18.44 -3.14
N LEU D 130 -10.32 -18.26 -1.83
CA LEU D 130 -10.98 -17.07 -1.30
C LEU D 130 -10.15 -15.82 -1.55
N LEU D 131 -8.82 -16.00 -1.64
CA LEU D 131 -7.91 -14.87 -1.75
C LEU D 131 -7.78 -14.36 -3.17
N GLY D 132 -8.30 -15.13 -4.13
CA GLY D 132 -8.19 -14.77 -5.54
C GLY D 132 -7.69 -15.93 -6.40
N GLY D 133 -7.59 -17.10 -5.77
CA GLY D 133 -7.19 -18.30 -6.48
C GLY D 133 -5.70 -18.43 -6.64
N ALA D 134 -5.31 -19.49 -7.35
CA ALA D 134 -3.92 -19.82 -7.53
C ALA D 134 -3.29 -18.90 -8.55
N SER D 135 -2.11 -18.40 -8.22
CA SER D 135 -1.32 -17.64 -9.17
C SER D 135 -0.21 -18.52 -9.66
N ARG D 136 -0.07 -19.69 -9.04
CA ARG D 136 1.01 -20.58 -9.39
C ARG D 136 0.60 -22.04 -9.15
N THR D 137 1.39 -22.96 -9.69
CA THR D 137 1.07 -24.38 -9.58
C THR D 137 1.68 -24.97 -8.32
N GLY D 138 2.71 -24.32 -7.78
CA GLY D 138 3.36 -24.78 -6.55
C GLY D 138 4.11 -23.68 -5.83
N VAL D 139 4.49 -23.94 -4.58
CA VAL D 139 5.17 -22.96 -3.75
C VAL D 139 6.62 -23.34 -3.51
N MET D 140 7.53 -22.68 -4.21
CA MET D 140 8.94 -22.93 -4.02
C MET D 140 9.33 -22.72 -2.56
N VAL D 141 10.02 -23.69 -1.98
CA VAL D 141 10.46 -23.59 -0.61
C VAL D 141 11.97 -23.74 -0.53
N TYR D 142 12.56 -23.40 0.60
CA TYR D 142 13.99 -23.54 0.75
C TYR D 142 14.28 -24.14 2.10
N CYS D 143 15.47 -24.73 2.24
CA CYS D 143 15.82 -25.44 3.45
C CYS D 143 17.22 -25.04 3.93
N HIS D 144 17.59 -25.57 5.09
CA HIS D 144 18.84 -25.18 5.75
C HIS D 144 19.94 -26.24 5.60
N THR D 145 21.19 -25.80 5.62
CA THR D 145 22.34 -26.68 5.67
C THR D 145 23.17 -26.41 6.92
N THR D 146 23.38 -27.45 7.72
CA THR D 146 24.11 -27.28 8.97
C THR D 146 25.42 -28.07 8.97
N GLY D 147 26.51 -27.36 9.19
CA GLY D 147 27.82 -27.97 9.32
C GLY D 147 28.79 -27.03 10.00
N HIS D 148 29.80 -27.60 10.67
CA HIS D 148 30.80 -26.79 11.36
C HIS D 148 32.10 -26.69 10.57
N SER D 149 32.03 -26.98 9.27
CA SER D 149 33.14 -26.69 8.36
C SER D 149 32.65 -26.71 6.91
N ILE D 150 33.40 -26.06 6.05
CA ILE D 150 33.05 -26.01 4.63
C ILE D 150 32.63 -27.38 4.12
N ASP D 151 33.45 -28.39 4.39
CA ASP D 151 33.22 -29.72 3.88
C ASP D 151 31.90 -30.26 4.38
N GLU D 152 31.59 -29.96 5.64
CA GLU D 152 30.37 -30.47 6.26
C GLU D 152 29.12 -29.87 5.59
N VAL D 153 29.16 -28.57 5.34
CA VAL D 153 28.04 -27.88 4.70
C VAL D 153 27.86 -28.39 3.27
N LEU D 154 28.98 -28.52 2.57
CA LEU D 154 28.94 -28.94 1.18
C LEU D 154 28.13 -30.22 1.02
N ASP D 155 28.15 -31.05 2.06
CA ASP D 155 27.48 -32.35 2.00
C ASP D 155 25.99 -32.22 2.25
N ASP D 156 25.65 -31.40 3.24
CA ASP D 156 24.25 -31.16 3.56
C ASP D 156 23.58 -30.56 2.34
N TYR D 157 24.30 -29.68 1.65
CA TYR D 157 23.82 -29.07 0.42
C TYR D 157 23.54 -30.17 -0.61
N ALA D 158 24.57 -30.93 -0.96
CA ALA D 158 24.42 -32.07 -1.85
C ALA D 158 23.17 -32.83 -1.48
N LYS D 159 23.02 -33.12 -0.20
CA LYS D 159 21.89 -33.89 0.29
C LYS D 159 20.54 -33.25 -0.06
N HIS D 160 20.36 -31.99 0.35
CA HIS D 160 19.08 -31.31 0.14
C HIS D 160 18.80 -31.11 -1.34
N ARG D 161 19.86 -30.89 -2.13
CA ARG D 161 19.69 -30.86 -3.56
C ARG D 161 18.94 -32.10 -4.02
N ASP D 162 19.55 -33.27 -3.79
CA ASP D 162 18.98 -34.54 -4.23
C ASP D 162 17.52 -34.72 -3.84
N GLN D 163 17.14 -34.16 -2.70
CA GLN D 163 15.74 -34.23 -2.26
C GLN D 163 14.85 -33.31 -3.10
N GLY D 164 15.47 -32.55 -4.01
CA GLY D 164 14.71 -31.78 -5.01
C GLY D 164 14.47 -30.32 -4.65
N PHE D 165 15.27 -29.80 -3.72
CA PHE D 165 15.17 -28.40 -3.29
C PHE D 165 15.86 -27.50 -4.31
N LYS D 166 15.16 -26.47 -4.78
CA LYS D 166 15.70 -25.57 -5.79
C LYS D 166 16.35 -24.34 -5.15
N ALA D 167 16.15 -24.19 -3.85
CA ALA D 167 16.62 -23.04 -3.11
C ALA D 167 17.23 -23.53 -1.81
N ILE D 168 18.41 -23.04 -1.46
CA ILE D 168 19.12 -23.57 -0.29
C ILE D 168 19.87 -22.51 0.50
N ARG D 169 19.63 -22.49 1.81
CA ARG D 169 20.24 -21.52 2.70
C ARG D 169 21.50 -22.07 3.37
N VAL D 170 22.63 -21.47 3.00
CA VAL D 170 23.94 -21.90 3.47
C VAL D 170 24.41 -21.15 4.72
N GLN D 171 24.72 -21.88 5.79
CA GLN D 171 25.31 -21.28 7.00
C GLN D 171 26.46 -22.12 7.57
N CYS D 172 27.61 -21.51 7.81
CA CYS D 172 28.69 -22.16 8.53
C CYS D 172 28.74 -21.66 9.98
N GLU D 192 16.68 -26.97 16.50
CA GLU D 192 15.89 -26.21 17.46
C GLU D 192 16.72 -25.11 18.12
N PRO D 193 16.43 -23.86 17.75
CA PRO D 193 17.15 -22.71 18.29
C PRO D 193 16.79 -22.47 19.76
N ALA D 194 15.51 -22.37 20.06
CA ALA D 194 15.04 -22.12 21.44
C ALA D 194 15.36 -23.30 22.37
N THR D 195 16.53 -23.25 23.01
CA THR D 195 17.05 -24.35 23.82
C THR D 195 16.30 -24.55 25.14
N LYS D 196 15.89 -25.79 25.40
CA LYS D 196 15.27 -26.15 26.66
C LYS D 196 16.22 -25.86 27.81
N GLY D 197 15.67 -25.35 28.90
CA GLY D 197 16.49 -24.83 30.00
C GLY D 197 16.10 -23.38 30.20
N SER D 198 15.57 -23.08 31.38
CA SER D 198 14.97 -21.78 31.64
C SER D 198 15.97 -20.63 31.51
N LEU D 199 17.18 -20.91 31.06
CA LEU D 199 18.15 -19.85 30.83
C LEU D 199 18.67 -19.85 29.39
N PRO D 200 18.56 -18.70 28.72
CA PRO D 200 19.06 -18.54 27.37
C PRO D 200 20.55 -18.81 27.32
N GLU D 201 20.97 -19.60 26.33
CA GLU D 201 22.37 -19.89 26.14
C GLU D 201 23.05 -18.69 25.51
N GLU D 202 24.29 -18.44 25.90
CA GLU D 202 24.96 -17.21 25.51
C GLU D 202 26.07 -17.48 24.53
N GLN D 203 25.91 -16.96 23.31
CA GLN D 203 26.88 -17.21 22.24
C GLN D 203 27.81 -16.02 22.01
N LEU D 204 29.10 -16.32 21.92
CA LEU D 204 30.14 -15.33 21.63
C LEU D 204 30.14 -14.98 20.16
N TRP D 205 30.34 -13.70 19.84
CA TRP D 205 30.25 -13.26 18.47
C TRP D 205 31.34 -12.28 18.06
N SER D 206 31.84 -12.45 16.84
CA SER D 206 32.89 -11.61 16.27
C SER D 206 32.56 -11.28 14.81
N THR D 207 32.41 -10.00 14.52
CA THR D 207 32.04 -9.54 13.17
C THR D 207 33.22 -9.68 12.23
N GLU D 208 34.37 -9.25 12.71
CA GLU D 208 35.61 -9.29 11.94
C GLU D 208 35.87 -10.66 11.33
N LYS D 209 35.70 -11.72 12.11
CA LYS D 209 35.95 -13.08 11.64
C LYS D 209 34.94 -13.51 10.59
N TYR D 210 33.67 -13.24 10.88
CA TYR D 210 32.58 -13.58 9.98
C TYR D 210 32.79 -12.98 8.61
N LEU D 211 33.15 -11.70 8.58
CA LEU D 211 33.43 -11.01 7.33
C LEU D 211 34.55 -11.70 6.54
N ASP D 212 35.67 -12.02 7.20
CA ASP D 212 36.84 -12.54 6.47
C ASP D 212 36.62 -13.95 5.89
N PHE D 213 35.77 -14.74 6.54
CA PHE D 213 35.61 -16.15 6.19
C PHE D 213 34.41 -16.47 5.30
N THR D 214 33.26 -15.87 5.60
CA THR D 214 32.00 -16.34 5.01
C THR D 214 32.02 -16.26 3.49
N PRO D 215 32.67 -15.24 2.94
CA PRO D 215 32.71 -15.17 1.49
C PRO D 215 33.40 -16.41 0.92
N LYS D 216 34.26 -17.05 1.72
CA LYS D 216 34.94 -18.27 1.28
C LYS D 216 33.94 -19.40 1.21
N LEU D 217 32.97 -19.38 2.11
CA LEU D 217 31.96 -20.43 2.18
C LEU D 217 31.18 -20.51 0.88
N PHE D 218 30.96 -19.37 0.25
CA PHE D 218 30.11 -19.33 -0.95
C PHE D 218 30.87 -19.65 -2.22
N GLU D 219 32.12 -19.20 -2.29
CA GLU D 219 32.99 -19.56 -3.40
C GLU D 219 32.99 -21.06 -3.54
N ALA D 220 33.15 -21.73 -2.41
CA ALA D 220 33.18 -23.18 -2.36
C ALA D 220 31.91 -23.79 -2.95
N VAL D 221 30.77 -23.36 -2.43
CA VAL D 221 29.49 -23.92 -2.86
C VAL D 221 29.27 -23.70 -4.35
N ARG D 222 29.65 -22.53 -4.86
CA ARG D 222 29.52 -22.26 -6.28
C ARG D 222 30.56 -23.07 -7.07
N ASP D 223 31.79 -23.09 -6.56
CA ASP D 223 32.87 -23.84 -7.18
C ASP D 223 32.47 -25.28 -7.37
N LYS D 224 31.86 -25.86 -6.34
CA LYS D 224 31.50 -27.27 -6.39
C LYS D 224 30.19 -27.53 -7.13
N PHE D 225 29.19 -26.68 -6.93
CA PHE D 225 27.85 -27.03 -7.38
C PHE D 225 27.33 -26.17 -8.52
N GLY D 226 28.11 -25.18 -8.93
CA GLY D 226 27.68 -24.28 -9.98
C GLY D 226 26.53 -23.38 -9.54
N PHE D 227 25.97 -22.63 -10.48
CA PHE D 227 24.93 -21.66 -10.18
C PHE D 227 23.55 -22.21 -10.50
N ASN D 228 23.25 -23.40 -9.99
CA ASN D 228 22.00 -24.06 -10.34
C ASN D 228 20.89 -23.86 -9.32
N GLU D 229 21.22 -23.87 -8.04
CA GLU D 229 20.19 -23.66 -7.03
C GLU D 229 20.22 -22.19 -6.57
N HIS D 230 19.15 -21.77 -5.90
CA HIS D 230 19.13 -20.46 -5.29
C HIS D 230 19.90 -20.53 -3.99
N LEU D 231 20.91 -19.67 -3.85
CA LEU D 231 21.74 -19.70 -2.66
C LEU D 231 21.30 -18.59 -1.71
N LEU D 232 20.77 -18.96 -0.55
CA LEU D 232 20.35 -18.00 0.47
C LEU D 232 21.30 -17.96 1.65
N HIS D 233 21.30 -16.84 2.39
CA HIS D 233 22.17 -16.71 3.56
C HIS D 233 21.58 -15.72 4.57
N ASP D 234 21.61 -16.12 5.83
CA ASP D 234 21.03 -15.34 6.91
C ASP D 234 22.16 -14.72 7.73
N MET D 235 22.09 -13.42 7.92
CA MET D 235 23.17 -12.68 8.58
C MET D 235 22.89 -12.46 10.06
N HIS D 236 21.68 -12.81 10.47
CA HIS D 236 21.24 -12.78 11.90
C HIS D 236 21.39 -11.46 12.68
N HIS D 237 21.25 -10.33 11.98
CA HIS D 237 21.25 -8.98 12.60
C HIS D 237 22.58 -8.55 13.19
N ARG D 238 23.69 -9.13 12.75
CA ARG D 238 24.93 -9.00 13.52
C ARG D 238 25.79 -7.81 13.13
N LEU D 239 25.53 -7.26 11.97
CA LEU D 239 26.42 -6.26 11.39
C LEU D 239 25.83 -4.86 11.45
N THR D 240 26.71 -3.87 11.52
CA THR D 240 26.30 -2.49 11.35
C THR D 240 26.07 -2.32 9.87
N PRO D 241 25.40 -1.22 9.48
CA PRO D 241 25.08 -0.99 8.09
C PRO D 241 26.29 -0.99 7.17
N ILE D 242 27.37 -0.28 7.53
CA ILE D 242 28.51 -0.22 6.62
C ILE D 242 29.24 -1.56 6.55
N GLU D 243 29.12 -2.35 7.60
CA GLU D 243 29.65 -3.70 7.59
C GLU D 243 28.81 -4.58 6.68
N ALA D 244 27.50 -4.43 6.75
CA ALA D 244 26.62 -5.20 5.89
C ALA D 244 26.81 -4.78 4.44
N ALA D 245 27.21 -3.53 4.23
CA ALA D 245 27.47 -3.07 2.88
C ALA D 245 28.68 -3.80 2.30
N ARG D 246 29.77 -3.83 3.08
CA ARG D 246 31.02 -4.47 2.65
C ARG D 246 30.75 -5.94 2.36
N PHE D 247 30.02 -6.58 3.27
CA PHE D 247 29.72 -7.99 3.13
C PHE D 247 28.97 -8.28 1.84
N GLY D 248 27.92 -7.51 1.56
CA GLY D 248 27.15 -7.68 0.32
C GLY D 248 28.03 -7.61 -0.90
N LYS D 249 28.88 -6.59 -0.94
CA LYS D 249 29.83 -6.44 -2.02
C LYS D 249 30.72 -7.66 -2.08
N SER D 250 31.23 -8.05 -0.92
CA SER D 250 32.16 -9.16 -0.81
C SER D 250 31.58 -10.41 -1.43
N VAL D 251 30.25 -10.48 -1.57
CA VAL D 251 29.63 -11.71 -2.06
C VAL D 251 28.88 -11.59 -3.40
N GLU D 252 29.07 -10.50 -4.11
CA GLU D 252 28.31 -10.28 -5.33
C GLU D 252 28.64 -11.34 -6.38
N ASP D 253 29.87 -11.82 -6.40
CA ASP D 253 30.28 -12.81 -7.41
C ASP D 253 29.42 -14.07 -7.37
N TYR D 254 28.92 -14.41 -6.18
CA TYR D 254 28.24 -15.67 -5.96
C TYR D 254 26.73 -15.58 -6.18
N ARG D 255 26.27 -14.37 -6.52
CA ARG D 255 24.87 -14.12 -6.87
C ARG D 255 23.87 -14.76 -5.92
N LEU D 256 23.93 -14.36 -4.66
CA LEU D 256 22.98 -14.88 -3.68
C LEU D 256 21.56 -14.50 -4.05
N PHE D 257 20.63 -15.38 -3.75
CA PHE D 257 19.21 -15.11 -3.89
C PHE D 257 18.82 -14.02 -2.88
N TRP D 258 19.47 -14.03 -1.72
CA TRP D 258 19.34 -12.92 -0.79
C TRP D 258 20.30 -13.04 0.38
N MET D 259 20.66 -11.90 0.94
CA MET D 259 21.19 -11.87 2.31
C MET D 259 20.12 -11.30 3.23
N GLU D 260 19.89 -12.02 4.33
CA GLU D 260 18.77 -11.78 5.24
C GLU D 260 19.20 -11.13 6.55
N ASP D 261 18.41 -10.15 6.99
CA ASP D 261 18.57 -9.55 8.30
C ASP D 261 19.99 -9.09 8.54
N PRO D 262 20.50 -8.25 7.65
CA PRO D 262 21.85 -7.68 7.65
C PRO D 262 22.18 -6.89 8.93
N THR D 263 21.21 -6.12 9.42
CA THR D 263 21.44 -5.22 10.55
C THR D 263 20.10 -5.00 11.25
N PRO D 264 20.13 -4.71 12.57
CA PRO D 264 18.85 -4.45 13.21
C PRO D 264 18.08 -3.38 12.47
N ALA D 265 16.78 -3.53 12.34
CA ALA D 265 16.00 -2.67 11.44
C ALA D 265 14.95 -1.83 12.16
N GLU D 266 15.14 -1.56 13.44
CA GLU D 266 14.21 -0.71 14.17
C GLU D 266 14.30 0.69 13.61
N ASN D 267 15.50 1.05 13.22
CA ASN D 267 15.72 2.25 12.45
C ASN D 267 15.83 1.86 10.99
N GLN D 268 14.71 1.95 10.27
CA GLN D 268 14.64 1.45 8.90
C GLN D 268 15.60 2.15 7.95
N ALA D 269 15.96 3.39 8.29
CA ALA D 269 16.90 4.15 7.46
C ALA D 269 18.30 3.52 7.48
N CYS D 270 18.53 2.61 8.43
CA CYS D 270 19.85 1.97 8.54
C CYS D 270 20.16 1.06 7.34
N PHE D 271 19.15 0.67 6.59
CA PHE D 271 19.35 -0.14 5.38
C PHE D 271 19.80 0.69 4.16
N ARG D 272 19.71 2.01 4.25
CA ARG D 272 20.11 2.88 3.14
C ARG D 272 21.57 2.72 2.71
N LEU D 273 22.46 2.63 3.70
CA LEU D 273 23.89 2.51 3.45
C LEU D 273 24.21 1.18 2.73
N ILE D 274 23.51 0.13 3.11
CA ILE D 274 23.71 -1.18 2.47
C ILE D 274 23.32 -1.09 1.01
N ARG D 275 22.12 -0.57 0.79
CA ARG D 275 21.49 -0.59 -0.51
C ARG D 275 22.25 0.23 -1.53
N GLN D 276 22.91 1.28 -1.07
CA GLN D 276 23.60 2.15 -1.99
C GLN D 276 24.98 1.59 -2.34
N HIS D 277 25.44 0.58 -1.58
CA HIS D 277 26.78 0.01 -1.83
C HIS D 277 26.82 -1.41 -2.45
N THR D 278 25.69 -2.09 -2.57
CA THR D 278 25.73 -3.45 -3.08
C THR D 278 24.50 -3.85 -3.88
N VAL D 279 24.69 -4.79 -4.80
CA VAL D 279 23.60 -5.35 -5.60
C VAL D 279 23.18 -6.74 -5.14
N THR D 280 23.77 -7.23 -4.06
CA THR D 280 23.25 -8.44 -3.40
C THR D 280 21.87 -8.17 -2.79
N PRO D 281 20.86 -8.96 -3.19
CA PRO D 281 19.50 -8.71 -2.74
C PRO D 281 19.37 -8.82 -1.23
N ILE D 282 18.42 -8.08 -0.68
CA ILE D 282 18.20 -8.03 0.75
C ILE D 282 16.82 -8.53 1.12
N ALA D 283 16.77 -9.34 2.17
CA ALA D 283 15.55 -9.83 2.74
C ALA D 283 15.60 -9.48 4.21
N VAL D 284 14.42 -9.24 4.80
CA VAL D 284 14.32 -8.93 6.22
C VAL D 284 12.88 -9.12 6.63
N GLY D 285 12.64 -9.31 7.92
CA GLY D 285 11.30 -9.14 8.43
C GLY D 285 10.71 -10.22 9.31
N GLU D 286 11.43 -11.29 9.57
CA GLU D 286 10.90 -12.35 10.44
C GLU D 286 10.49 -11.81 11.81
N VAL D 287 11.21 -10.82 12.31
CA VAL D 287 10.91 -10.27 13.64
C VAL D 287 9.86 -9.13 13.60
N PHE D 288 9.36 -8.80 12.41
CA PHE D 288 8.37 -7.72 12.27
C PHE D 288 6.94 -8.19 12.59
N ASN D 289 6.13 -7.30 13.16
CA ASN D 289 4.76 -7.62 13.51
C ASN D 289 3.73 -6.72 12.83
N SER D 290 4.21 -5.82 11.97
CA SER D 290 3.32 -4.83 11.38
C SER D 290 3.91 -4.20 10.13
N ILE D 291 3.03 -3.65 9.31
CA ILE D 291 3.44 -2.88 8.17
C ILE D 291 4.24 -1.64 8.60
N TRP D 292 4.02 -1.16 9.81
CA TRP D 292 4.74 0.04 10.26
C TRP D 292 6.22 -0.28 10.49
N ASP D 293 6.52 -1.55 10.73
CA ASP D 293 7.91 -1.99 10.89
C ASP D 293 8.69 -1.96 9.59
N CYS D 294 8.01 -1.92 8.45
CA CYS D 294 8.70 -2.11 7.17
C CYS D 294 8.27 -1.19 6.03
N LYS D 295 7.41 -0.22 6.33
CA LYS D 295 6.88 0.67 5.30
C LYS D 295 7.99 1.46 4.61
N GLN D 296 8.91 1.98 5.41
CA GLN D 296 9.99 2.79 4.87
C GLN D 296 11.00 1.93 4.08
N LEU D 297 11.33 0.76 4.62
CA LEU D 297 12.21 -0.17 3.92
C LEU D 297 11.65 -0.48 2.53
N ILE D 298 10.34 -0.67 2.44
CA ILE D 298 9.70 -0.99 1.16
C ILE D 298 9.66 0.21 0.22
N GLU D 299 9.22 1.36 0.70
CA GLU D 299 8.91 2.49 -0.19
C GLU D 299 10.19 3.20 -0.63
N GLU D 300 11.26 3.01 0.14
CA GLU D 300 12.56 3.50 -0.28
C GLU D 300 13.29 2.41 -1.09
N GLN D 301 12.64 1.27 -1.32
CA GLN D 301 13.25 0.19 -2.10
C GLN D 301 14.60 -0.24 -1.55
N LEU D 302 14.62 -0.54 -0.27
CA LEU D 302 15.85 -0.88 0.43
C LEU D 302 15.96 -2.39 0.56
N ILE D 303 14.87 -3.06 0.25
CA ILE D 303 14.82 -4.51 0.38
C ILE D 303 14.09 -5.18 -0.78
N ASP D 304 14.44 -6.45 -1.00
CA ASP D 304 13.95 -7.22 -2.14
C ASP D 304 12.89 -8.24 -1.73
N TYR D 305 12.94 -8.69 -0.48
CA TYR D 305 11.98 -9.67 0.04
C TYR D 305 11.51 -9.31 1.43
N ILE D 306 10.21 -9.43 1.65
CA ILE D 306 9.63 -9.17 2.97
C ILE D 306 9.28 -10.51 3.62
N ARG D 307 9.85 -10.77 4.80
CA ARG D 307 9.73 -12.09 5.44
C ARG D 307 8.72 -12.15 6.58
N THR D 308 7.81 -11.19 6.63
CA THR D 308 6.76 -11.21 7.63
C THR D 308 5.91 -12.47 7.49
N THR D 309 5.28 -12.88 8.60
CA THR D 309 4.55 -14.15 8.66
C THR D 309 3.12 -13.99 9.14
N ILE D 310 2.28 -14.95 8.74
CA ILE D 310 0.87 -14.93 9.09
C ILE D 310 0.66 -14.85 10.59
N THR D 311 1.51 -15.53 11.34
CA THR D 311 1.34 -15.64 12.79
C THR D 311 1.79 -14.38 13.55
N HIS D 312 2.79 -13.69 13.04
CA HIS D 312 3.34 -12.55 13.77
C HIS D 312 2.97 -11.17 13.22
N ALA D 313 2.54 -11.12 11.95
CA ALA D 313 2.39 -9.86 11.25
C ALA D 313 0.95 -9.56 10.86
N GLY D 314 0.01 -10.17 11.57
CA GLY D 314 -1.40 -9.79 11.49
C GLY D 314 -2.32 -10.72 10.75
N GLY D 315 -1.89 -11.96 10.51
CA GLY D 315 -2.74 -12.99 9.91
C GLY D 315 -2.91 -12.84 8.40
N ILE D 316 -3.95 -13.46 7.86
CA ILE D 316 -4.21 -13.35 6.43
C ILE D 316 -4.53 -11.90 6.10
N THR D 317 -5.30 -11.27 6.97
CA THR D 317 -5.74 -9.90 6.73
C THR D 317 -4.53 -8.98 6.66
N GLY D 318 -3.69 -9.00 7.68
CA GLY D 318 -2.50 -8.18 7.70
C GLY D 318 -1.52 -8.51 6.58
N MET D 319 -1.27 -9.80 6.38
CA MET D 319 -0.27 -10.21 5.38
C MET D 319 -0.65 -9.80 3.97
N ARG D 320 -1.94 -9.79 3.66
CA ARG D 320 -2.38 -9.41 2.32
C ARG D 320 -2.00 -7.96 2.07
N ARG D 321 -2.26 -7.14 3.08
CA ARG D 321 -2.00 -5.72 2.99
C ARG D 321 -0.51 -5.46 2.85
N ILE D 322 0.28 -6.18 3.63
CA ILE D 322 1.73 -6.06 3.52
C ILE D 322 2.25 -6.48 2.13
N ALA D 323 1.78 -7.63 1.64
CA ALA D 323 2.23 -8.14 0.35
C ALA D 323 1.84 -7.21 -0.78
N ASP D 324 0.61 -6.73 -0.75
CA ASP D 324 0.13 -5.87 -1.82
C ASP D 324 0.90 -4.55 -1.83
N PHE D 325 1.13 -4.00 -0.66
CA PHE D 325 1.96 -2.81 -0.55
C PHE D 325 3.33 -3.11 -1.14
N ALA D 326 3.94 -4.20 -0.70
CA ALA D 326 5.26 -4.57 -1.22
C ALA D 326 5.29 -4.61 -2.74
N SER D 327 4.22 -5.10 -3.37
CA SER D 327 4.23 -5.31 -4.82
C SER D 327 4.39 -4.02 -5.60
N LEU D 328 3.88 -2.92 -5.06
CA LEU D 328 4.02 -1.62 -5.73
C LEU D 328 5.47 -1.29 -6.01
N TYR D 329 6.37 -1.81 -5.17
CA TYR D 329 7.79 -1.48 -5.25
C TYR D 329 8.62 -2.68 -5.74
N GLN D 330 7.92 -3.66 -6.30
CA GLN D 330 8.54 -4.87 -6.84
C GLN D 330 9.23 -5.64 -5.74
N VAL D 331 8.73 -5.51 -4.52
CA VAL D 331 9.25 -6.28 -3.41
C VAL D 331 8.45 -7.57 -3.31
N ARG D 332 9.13 -8.70 -3.08
CA ARG D 332 8.46 -10.00 -3.05
C ARG D 332 8.43 -10.63 -1.66
N THR D 333 7.52 -11.58 -1.48
CA THR D 333 7.35 -12.25 -0.20
C THR D 333 8.36 -13.38 -0.04
N GLY D 334 8.81 -13.58 1.21
CA GLY D 334 9.77 -14.64 1.56
C GLY D 334 9.53 -15.09 2.98
N SER D 335 8.28 -15.47 3.26
CA SER D 335 7.85 -15.70 4.64
C SER D 335 8.79 -16.60 5.44
N HIS D 336 9.12 -16.11 6.63
CA HIS D 336 9.80 -16.85 7.68
C HIS D 336 9.06 -18.15 7.97
N GLY D 337 9.78 -19.28 7.95
CA GLY D 337 9.14 -20.57 8.20
C GLY D 337 9.98 -21.56 8.99
N PRO D 338 10.21 -21.29 10.28
CA PRO D 338 10.97 -22.19 11.11
C PRO D 338 10.01 -23.13 11.82
N SER D 339 10.52 -23.96 12.72
CA SER D 339 9.67 -24.90 13.41
C SER D 339 8.87 -24.21 14.51
N ASP D 340 9.24 -22.98 14.88
CA ASP D 340 8.53 -22.29 15.97
C ASP D 340 7.28 -21.54 15.51
N LEU D 341 6.92 -21.70 14.25
CA LEU D 341 5.58 -21.37 13.77
C LEU D 341 4.87 -22.70 13.51
N SER D 342 3.69 -22.88 14.08
CA SER D 342 3.02 -24.17 14.06
C SER D 342 2.61 -24.56 12.65
N PRO D 343 2.37 -25.86 12.42
CA PRO D 343 1.89 -26.32 11.12
C PRO D 343 0.60 -25.61 10.72
N ILE D 344 -0.11 -25.03 11.69
CA ILE D 344 -1.29 -24.25 11.35
C ILE D 344 -0.83 -23.04 10.54
N CYS D 345 0.18 -22.34 11.05
CA CYS D 345 0.74 -21.23 10.30
C CYS D 345 1.26 -21.72 8.94
N MET D 346 1.86 -22.91 8.91
CA MET D 346 2.41 -23.37 7.63
C MET D 346 1.29 -23.58 6.62
N ALA D 347 0.18 -24.12 7.09
CA ALA D 347 -0.98 -24.33 6.23
C ALA D 347 -1.42 -23.00 5.65
N ALA D 348 -1.74 -22.04 6.52
CA ALA D 348 -2.18 -20.71 6.10
C ALA D 348 -1.18 -20.07 5.15
N ALA D 349 0.12 -20.20 5.47
CA ALA D 349 1.16 -19.60 4.63
C ALA D 349 1.17 -20.17 3.22
N LEU D 350 0.91 -21.46 3.11
CA LEU D 350 0.92 -22.11 1.81
C LEU D 350 -0.28 -21.66 1.01
N HIS D 351 -1.40 -21.47 1.69
CA HIS D 351 -2.58 -20.97 1.02
C HIS D 351 -2.27 -19.56 0.50
N PHE D 352 -1.74 -18.72 1.38
CA PHE D 352 -1.36 -17.36 1.03
C PHE D 352 -0.37 -17.38 -0.14
N ASP D 353 0.64 -18.24 -0.04
CA ASP D 353 1.70 -18.28 -1.04
C ASP D 353 1.23 -18.72 -2.43
N LEU D 354 0.14 -19.47 -2.51
CA LEU D 354 -0.28 -19.98 -3.82
C LEU D 354 -1.02 -18.87 -4.59
N TRP D 355 -1.65 -17.96 -3.85
CA TRP D 355 -2.38 -16.87 -4.50
C TRP D 355 -1.53 -15.63 -4.74
N VAL D 356 -0.83 -15.19 -3.69
CA VAL D 356 -0.14 -13.89 -3.74
C VAL D 356 0.69 -13.74 -5.01
N PRO D 357 0.42 -12.66 -5.76
CA PRO D 357 1.08 -12.41 -7.03
C PRO D 357 2.59 -12.27 -6.89
N ASN D 358 3.03 -11.47 -5.92
CA ASN D 358 4.43 -11.15 -5.72
C ASN D 358 5.15 -12.13 -4.79
N PHE D 359 4.87 -13.42 -4.97
CA PHE D 359 5.50 -14.46 -4.17
C PHE D 359 6.97 -14.54 -4.53
N GLY D 360 7.82 -14.77 -3.53
CA GLY D 360 9.25 -14.94 -3.78
C GLY D 360 9.74 -16.34 -3.43
N VAL D 361 9.61 -16.71 -2.17
CA VAL D 361 10.01 -18.04 -1.70
C VAL D 361 9.33 -18.24 -0.37
N GLN D 362 9.24 -19.49 0.05
CA GLN D 362 8.71 -19.80 1.35
C GLN D 362 9.74 -20.64 2.08
N GLU D 363 10.09 -20.20 3.29
CA GLU D 363 11.05 -20.93 4.09
C GLU D 363 10.36 -22.19 4.62
N TYR D 364 11.11 -23.28 4.68
CA TYR D 364 10.57 -24.52 5.22
C TYR D 364 11.61 -25.30 6.03
N MET D 365 11.96 -24.76 7.19
CA MET D 365 12.67 -25.53 8.20
C MET D 365 11.72 -26.71 8.33
N GLY D 366 12.11 -27.75 9.03
CA GLY D 366 11.22 -28.88 9.13
C GLY D 366 10.39 -28.89 10.39
N TYR D 367 9.54 -29.90 10.50
CA TYR D 367 8.93 -30.27 11.77
C TYR D 367 9.30 -31.72 12.07
N SER D 368 9.56 -32.04 13.33
CA SER D 368 9.76 -33.44 13.71
C SER D 368 8.45 -34.18 13.45
N GLU D 369 8.54 -35.51 13.32
CA GLU D 369 7.36 -36.32 13.16
C GLU D 369 6.49 -36.14 14.39
N GLN D 370 7.16 -35.96 15.52
CA GLN D 370 6.48 -35.79 16.80
C GLN D 370 5.53 -34.60 16.74
N MET D 371 6.02 -33.50 16.18
CA MET D 371 5.24 -32.28 16.09
C MET D 371 4.11 -32.45 15.09
N LEU D 372 4.43 -32.97 13.91
CA LEU D 372 3.42 -33.15 12.87
C LEU D 372 2.23 -33.96 13.33
N GLU D 373 2.47 -34.93 14.20
CA GLU D 373 1.42 -35.82 14.70
C GLU D 373 0.32 -35.03 15.39
N VAL D 374 0.69 -33.93 16.04
CA VAL D 374 -0.26 -33.14 16.79
C VAL D 374 -1.13 -32.30 15.86
N PHE D 375 -0.65 -32.13 14.63
CA PHE D 375 -1.31 -31.29 13.62
C PHE D 375 -1.53 -32.05 12.31
N PRO D 376 -2.52 -32.94 12.28
CA PRO D 376 -2.86 -33.62 11.03
C PRO D 376 -3.02 -32.63 9.89
N HIS D 377 -2.15 -32.75 8.88
CA HIS D 377 -2.16 -31.82 7.77
C HIS D 377 -2.59 -32.46 6.45
N SER D 378 -2.54 -31.69 5.38
CA SER D 378 -3.00 -32.14 4.07
C SER D 378 -2.25 -31.45 2.95
N TRP D 379 -1.12 -30.83 3.29
CA TRP D 379 -0.28 -30.21 2.29
C TRP D 379 0.71 -31.21 1.69
N THR D 380 1.24 -30.89 0.52
CA THR D 380 2.10 -31.81 -0.20
C THR D 380 3.44 -31.17 -0.61
N PHE D 381 4.47 -31.99 -0.68
CA PHE D 381 5.79 -31.58 -1.10
C PHE D 381 6.22 -32.42 -2.28
N ASP D 382 6.65 -31.77 -3.35
CA ASP D 382 7.01 -32.48 -4.58
C ASP D 382 8.13 -31.78 -5.34
N ASN D 383 9.34 -32.29 -5.18
CA ASN D 383 10.51 -31.76 -5.88
C ASN D 383 10.65 -30.24 -5.75
N GLY D 384 10.80 -29.78 -4.52
CA GLY D 384 11.09 -28.38 -4.25
C GLY D 384 9.87 -27.48 -4.10
N TYR D 385 8.68 -28.02 -4.36
CA TYR D 385 7.47 -27.23 -4.35
C TYR D 385 6.39 -27.83 -3.47
N MET D 386 5.74 -26.98 -2.68
CA MET D 386 4.67 -27.42 -1.81
C MET D 386 3.34 -26.95 -2.34
N HIS D 387 2.26 -27.48 -1.79
CA HIS D 387 0.92 -27.11 -2.18
C HIS D 387 0.06 -27.32 -0.96
N PRO D 388 -0.89 -26.43 -0.72
CA PRO D 388 -1.70 -26.50 0.49
C PRO D 388 -2.77 -27.60 0.43
N GLY D 389 -3.03 -28.12 -0.77
CA GLY D 389 -4.09 -29.10 -0.95
C GLY D 389 -5.45 -28.47 -1.22
N GLU D 390 -6.50 -29.27 -1.18
CA GLU D 390 -7.82 -28.79 -1.56
C GLU D 390 -8.84 -28.96 -0.47
N LYS D 391 -8.38 -29.27 0.74
CA LYS D 391 -9.28 -29.37 1.86
C LYS D 391 -9.80 -27.99 2.21
N PRO D 392 -11.12 -27.84 2.31
CA PRO D 392 -11.76 -26.59 2.71
C PRO D 392 -11.06 -25.98 3.91
N GLY D 393 -11.09 -24.64 4.01
CA GLY D 393 -10.42 -23.94 5.10
C GLY D 393 -8.92 -24.02 4.90
N LEU D 394 -8.18 -24.08 6.00
CA LEU D 394 -6.73 -24.21 5.96
C LEU D 394 -6.27 -25.62 5.57
N GLY D 395 -7.16 -26.60 5.73
CA GLY D 395 -6.81 -28.01 5.54
C GLY D 395 -5.93 -28.57 6.64
N ILE D 396 -6.18 -28.13 7.87
CA ILE D 396 -5.30 -28.47 9.00
C ILE D 396 -6.09 -28.85 10.23
N GLU D 397 -5.47 -29.66 11.08
CA GLU D 397 -6.13 -30.15 12.27
C GLU D 397 -5.23 -30.06 13.48
N PHE D 398 -5.87 -30.12 14.65
CA PHE D 398 -5.18 -30.10 15.91
C PHE D 398 -5.72 -31.24 16.77
N ASP D 399 -4.88 -32.25 16.99
CA ASP D 399 -5.26 -33.40 17.81
C ASP D 399 -5.07 -33.09 19.30
N GLU D 400 -6.14 -32.62 19.94
CA GLU D 400 -6.08 -32.08 21.30
C GLU D 400 -5.60 -33.09 22.34
N LYS D 401 -6.10 -34.32 22.23
CA LYS D 401 -5.78 -35.34 23.21
C LYS D 401 -4.29 -35.67 23.17
N LEU D 402 -3.77 -35.86 21.96
CA LEU D 402 -2.35 -36.09 21.80
C LEU D 402 -1.58 -34.92 22.39
N ALA D 403 -1.91 -33.72 21.89
CA ALA D 403 -1.22 -32.51 22.31
C ALA D 403 -1.27 -32.34 23.82
N ALA D 404 -2.44 -32.60 24.40
CA ALA D 404 -2.64 -32.40 25.83
C ALA D 404 -1.77 -33.35 26.65
N LYS D 405 -0.95 -34.14 25.96
CA LYS D 405 -0.07 -35.07 26.64
C LYS D 405 1.35 -34.52 26.76
N TYR D 406 1.64 -33.47 26.01
CA TYR D 406 2.92 -32.77 26.13
C TYR D 406 2.70 -31.42 26.79
N PRO D 407 2.95 -31.36 28.10
CA PRO D 407 2.81 -30.07 28.79
C PRO D 407 3.85 -29.06 28.32
N TYR D 408 3.53 -27.78 28.49
CA TYR D 408 4.45 -26.70 28.20
C TYR D 408 5.77 -26.93 28.92
N ASP D 409 6.86 -26.68 28.21
CA ASP D 409 8.18 -26.81 28.80
C ASP D 409 9.09 -25.69 28.31
N PRO D 410 9.52 -24.82 29.25
CA PRO D 410 10.31 -23.61 29.01
C PRO D 410 11.52 -23.79 28.12
N ALA D 411 11.57 -23.01 27.05
CA ALA D 411 12.71 -22.98 26.14
C ALA D 411 12.86 -21.55 25.61
N TYR D 412 14.11 -21.09 25.53
CA TYR D 412 14.41 -19.70 25.21
C TYR D 412 15.48 -19.59 24.15
N LEU D 413 15.37 -18.56 23.29
CA LEU D 413 16.37 -18.28 22.28
C LEU D 413 17.66 -17.81 22.94
N PRO D 414 18.80 -18.07 22.27
CA PRO D 414 20.07 -17.61 22.79
C PRO D 414 20.19 -16.09 22.75
N VAL D 415 21.09 -15.54 23.55
CA VAL D 415 21.54 -14.17 23.38
C VAL D 415 22.97 -14.20 22.89
N ALA D 416 23.39 -13.13 22.23
CA ALA D 416 24.75 -13.01 21.72
C ALA D 416 25.48 -11.91 22.48
N ARG D 417 26.76 -12.15 22.79
CA ARG D 417 27.63 -11.13 23.34
C ARG D 417 28.92 -11.09 22.56
N LEU D 418 29.58 -9.95 22.61
CA LEU D 418 30.85 -9.77 21.95
C LEU D 418 31.95 -10.30 22.86
N GLU D 419 33.17 -10.30 22.37
CA GLU D 419 34.33 -10.70 23.16
C GLU D 419 34.29 -10.11 24.56
N ASP D 420 33.91 -8.84 24.64
CA ASP D 420 34.03 -8.09 25.88
C ASP D 420 32.79 -8.15 26.75
N GLY D 421 31.81 -8.94 26.34
CA GLY D 421 30.59 -9.10 27.12
C GLY D 421 29.41 -8.26 26.64
N THR D 422 29.65 -7.33 25.72
CA THR D 422 28.57 -6.48 25.22
C THR D 422 27.41 -7.29 24.68
N LEU D 423 26.24 -7.13 25.29
CA LEU D 423 25.03 -7.79 24.82
C LEU D 423 24.77 -7.31 23.40
N TRP D 424 24.57 -8.24 22.48
CA TRP D 424 24.54 -7.93 21.06
C TRP D 424 23.22 -8.40 20.45
N ASN D 425 23.14 -8.38 19.12
CA ASN D 425 21.96 -8.87 18.44
C ASN D 425 22.18 -10.34 18.11
N TRP D 426 21.27 -11.19 18.54
CA TRP D 426 21.32 -12.58 18.15
C TRP D 426 20.44 -12.78 16.91
#